data_8BR1
#
_entry.id   8BR1
#
_cell.length_a   76.116
_cell.length_b   132.443
_cell.length_c   96.396
_cell.angle_alpha   90.000
_cell.angle_beta   110.570
_cell.angle_gamma   90.000
#
_symmetry.space_group_name_H-M   'P 1 21 1'
#
loop_
_entity.id
_entity.type
_entity.pdbx_description
1 polymer 'Actin, alpha skeletal muscle, intermediate form'
2 polymer 'Putative Adenylate cyclase'
3 non-polymer 'LATRUNCULIN B'
4 non-polymer "ADENOSINE-5'-TRIPHOSPHATE"
5 non-polymer 'MAGNESIUM ION'
6 non-polymer "3'-DEOXYADENOSINE-5'-TRIPHOSPHATE"
7 non-polymer 'SULFATE ION'
8 non-polymer GLYCEROL
9 non-polymer 'HYDROGEN PEROXIDE'
10 water water
#
loop_
_entity_poly.entity_id
_entity_poly.type
_entity_poly.pdbx_seq_one_letter_code
_entity_poly.pdbx_strand_id
1 'polypeptide(L)'
;DEDETTALVCDNGSGLVKAGFAGDDAPRAVFPSIVGRPRHQGVMVGMGQKDSYVGDEAQSKRGILTLKYPIEHGIITNWD
DMEKIWHHTFYNELRVAPEEHPTLLTEAPLNPKANREKMTQIMFETFNVPAMYVAIQAVLSLYASGRTTGIVLDSGDGVT
HNVPIYEGYALPHAIMRLDLAGRDLTDYLMKILTERGYSFVTTAEREIVRDIKEKLCYVALDFENEMATAASSSSLEKSY
ELPDGQVITIGNERFRCPETLFQPSFIGMESAGIHETTYNSIMKCDIDIRKDLYANNVMSGGTTMYPGIADRMQKEITAL
APSTMKIKIIAPPERKYSVWIGGSILASLSTFQQMWITKQEYDEAGPSIVHRKCF
;
A,C
2 'polypeptide(L)'
;GPGSQEATPNQDGSHKTYQSRDLVLEPIQHPKSIELGMPEVDQSVLAEVAERENVIIGVRPVDEKSKSLIASKMYSSKGL
FVKAKSSDWGPMSGFIPVDQSFAKASARRDLEKFNEYAEQSILSGNAVSANLYLNQVRIEELVSKYESLTPLELDVDSGM
YKTTATNGDQTIPFFLNKVTVDDKELWQVHYLREGELAPFKVIGDPVSKQPMTADYDLLTVMYTYGDLGPQDKVKQPLTW
EQWKESVTYEDLSPKYKARYDNQALYEKQDGASLGMVSDRLKELKDVINTSLGRTDGLEMVHHGADDANPYAVMADNFPA
TFFVPKHFFDDDGLGEGKGSIQTYFNVNEQGAVVIQNPQEFSNFQQVAINASYRASLNDKWNSGLDSPLFTTKRKLSHDY
LDARDEVAKKLGL
;
B,D
#
# COMPACT_ATOMS: atom_id res chain seq x y z
N GLU A 4 1.43 52.68 28.06
CA GLU A 4 1.89 51.51 27.31
C GLU A 4 0.70 50.56 27.08
N THR A 5 -0.46 51.12 26.68
CA THR A 5 -1.65 50.31 26.54
C THR A 5 -1.86 49.78 25.11
N THR A 6 -2.18 48.50 25.02
CA THR A 6 -2.39 47.82 23.75
C THR A 6 -3.71 48.22 23.09
N ALA A 7 -3.66 48.66 21.84
CA ALA A 7 -4.87 49.00 21.10
C ALA A 7 -5.67 47.73 20.75
N LEU A 8 -6.99 47.87 20.63
CA LEU A 8 -7.86 46.78 20.24
C LEU A 8 -8.18 46.91 18.75
N VAL A 9 -8.45 45.78 18.08
CA VAL A 9 -8.81 45.79 16.66
C VAL A 9 -10.09 45.00 16.52
N CYS A 10 -11.14 45.62 15.97
CA CYS A 10 -12.41 44.92 15.82
C CYS A 10 -12.93 45.06 14.40
N ASP A 11 -13.01 43.95 13.68
CA ASP A 11 -13.54 43.90 12.33
C ASP A 11 -15.00 43.45 12.42
N ASN A 12 -15.92 44.38 12.18
CA ASN A 12 -17.35 44.15 12.30
C ASN A 12 -17.92 43.60 10.99
N GLY A 13 -17.92 42.27 10.81
CA GLY A 13 -18.43 41.68 9.58
C GLY A 13 -19.91 41.38 9.61
N SER A 14 -20.56 41.28 8.43
CA SER A 14 -21.97 40.92 8.33
C SER A 14 -22.23 39.53 8.90
N GLY A 15 -21.26 38.64 8.75
CA GLY A 15 -21.39 37.29 9.27
C GLY A 15 -20.55 37.03 10.50
N LEU A 16 -19.30 37.52 10.52
CA LEU A 16 -18.40 37.26 11.63
C LEU A 16 -17.71 38.48 12.18
N VAL A 17 -17.61 38.54 13.49
CA VAL A 17 -16.85 39.59 14.15
C VAL A 17 -15.47 39.00 14.42
N LYS A 18 -14.41 39.75 14.08
CA LYS A 18 -13.04 39.31 14.33
C LYS A 18 -12.46 40.35 15.27
N ALA A 19 -12.02 39.94 16.47
CA ALA A 19 -11.52 40.90 17.44
C ALA A 19 -10.26 40.43 18.12
N GLY A 20 -9.41 41.38 18.47
CA GLY A 20 -8.16 41.06 19.11
C GLY A 20 -7.36 42.29 19.47
N PHE A 21 -6.07 42.08 19.66
CA PHE A 21 -5.18 43.15 20.08
C PHE A 21 -4.23 43.50 18.96
N ALA A 22 -3.95 44.81 18.78
CA ALA A 22 -2.97 45.29 17.82
C ALA A 22 -1.59 44.75 18.25
N GLY A 23 -0.78 44.33 17.28
CA GLY A 23 0.50 43.72 17.58
C GLY A 23 0.45 42.21 17.43
N ASP A 24 -0.77 41.59 17.50
CA ASP A 24 -0.95 40.14 17.29
C ASP A 24 -1.15 39.82 15.81
N ASP A 25 -0.76 38.60 15.37
CA ASP A 25 -0.89 38.23 13.95
C ASP A 25 -2.25 37.58 13.61
N ALA A 26 -3.15 37.43 14.61
CA ALA A 26 -4.46 36.83 14.42
C ALA A 26 -5.41 37.34 15.48
N PRO A 27 -6.71 37.43 15.14
CA PRO A 27 -7.68 37.83 16.17
C PRO A 27 -7.77 36.76 17.27
N ARG A 28 -8.11 37.18 18.50
CA ARG A 28 -8.32 36.23 19.58
C ARG A 28 -9.75 35.70 19.56
N ALA A 29 -10.72 36.48 19.05
CA ALA A 29 -12.10 36.06 19.05
C ALA A 29 -12.70 36.15 17.68
N VAL A 30 -13.35 35.06 17.22
CA VAL A 30 -14.02 35.02 15.94
C VAL A 30 -15.37 34.43 16.24
N PHE A 31 -16.44 35.19 16.07
CA PHE A 31 -17.78 34.71 16.42
C PHE A 31 -18.85 35.29 15.54
N PRO A 32 -20.02 34.64 15.40
CA PRO A 32 -21.06 35.17 14.50
C PRO A 32 -21.66 36.52 14.93
N SER A 33 -21.93 37.43 13.96
CA SER A 33 -22.50 38.76 14.24
C SER A 33 -24.01 38.63 14.44
N ILE A 34 -24.41 37.93 15.51
CA ILE A 34 -25.79 37.67 15.84
C ILE A 34 -26.11 38.00 17.29
N VAL A 35 -27.34 38.45 17.49
CA VAL A 35 -27.92 38.76 18.78
C VAL A 35 -29.20 37.94 18.83
N GLY A 36 -29.33 37.11 19.85
CA GLY A 36 -30.47 36.24 20.02
C GLY A 36 -31.33 36.64 21.20
N ARG A 37 -32.66 36.70 20.96
CA ARG A 37 -33.62 37.06 21.99
C ARG A 37 -34.58 35.90 22.21
N PRO A 38 -34.97 35.61 23.47
CA PRO A 38 -35.87 34.47 23.72
C PRO A 38 -37.20 34.58 22.99
N ARG A 39 -37.66 33.47 22.42
CA ARG A 39 -38.90 33.43 21.65
C ARG A 39 -40.10 33.11 22.54
N HIS A 40 -40.12 33.69 23.75
CA HIS A 40 -41.16 33.54 24.77
C HIS A 40 -41.26 32.10 25.31
N ASP A 51 -31.17 37.57 29.19
CA ASP A 51 -32.20 38.20 28.37
C ASP A 51 -31.79 38.31 26.89
N SER A 52 -30.48 38.44 26.62
CA SER A 52 -29.98 38.51 25.25
C SER A 52 -28.69 37.71 25.14
N TYR A 53 -28.51 37.04 24.00
CA TYR A 53 -27.27 36.28 23.78
C TYR A 53 -26.54 36.81 22.55
N VAL A 54 -25.22 36.82 22.60
CA VAL A 54 -24.41 37.26 21.47
C VAL A 54 -23.50 36.12 21.02
N GLY A 55 -23.25 36.07 19.72
CA GLY A 55 -22.31 35.15 19.11
C GLY A 55 -22.60 33.69 19.31
N ASP A 56 -21.57 32.95 19.73
CA ASP A 56 -21.60 31.50 19.88
C ASP A 56 -22.78 31.01 20.71
N GLU A 57 -23.06 31.67 21.85
CA GLU A 57 -24.15 31.29 22.74
C GLU A 57 -25.52 31.46 22.08
N ALA A 58 -25.70 32.54 21.28
CA ALA A 58 -26.95 32.75 20.54
C ALA A 58 -27.17 31.62 19.52
N GLN A 59 -26.11 31.19 18.83
CA GLN A 59 -26.20 30.12 17.85
C GLN A 59 -26.45 28.78 18.55
N SER A 60 -25.74 28.54 19.64
CA SER A 60 -25.87 27.32 20.41
C SER A 60 -27.28 27.16 20.97
N LYS A 61 -27.85 28.23 21.52
CA LYS A 61 -29.21 28.22 22.06
C LYS A 61 -30.26 28.63 21.02
N ARG A 62 -29.98 28.39 19.72
CA ARG A 62 -30.82 28.73 18.56
C ARG A 62 -32.28 28.30 18.66
N GLY A 63 -32.53 27.02 18.97
CA GLY A 63 -33.85 26.43 19.09
C GLY A 63 -34.84 27.17 19.99
N ILE A 64 -34.34 28.01 20.90
CA ILE A 64 -35.19 28.80 21.79
C ILE A 64 -34.93 30.31 21.65
N LEU A 65 -34.41 30.77 20.47
CA LEU A 65 -34.10 32.17 20.25
C LEU A 65 -34.45 32.65 18.82
N THR A 66 -34.86 33.92 18.70
CA THR A 66 -35.02 34.55 17.38
C THR A 66 -33.68 35.28 17.19
N LEU A 67 -33.00 34.99 16.09
CA LEU A 67 -31.69 35.59 15.84
C LEU A 67 -31.76 36.77 14.88
N LYS A 68 -31.01 37.84 15.20
CA LYS A 68 -30.95 39.03 14.36
C LYS A 68 -29.51 39.36 13.97
N TYR A 69 -29.33 39.88 12.75
CA TYR A 69 -28.02 40.28 12.24
C TYR A 69 -27.95 41.81 12.26
N PRO A 70 -27.18 42.42 13.15
CA PRO A 70 -27.11 43.88 13.20
C PRO A 70 -26.39 44.53 12.01
N ILE A 71 -25.61 43.76 11.23
CA ILE A 71 -24.89 44.30 10.09
C ILE A 71 -25.41 43.70 8.79
N GLU A 72 -25.91 44.55 7.90
CA GLU A 72 -26.45 44.13 6.61
C GLU A 72 -25.62 44.76 5.51
N HIS A 73 -25.04 43.93 4.63
CA HIS A 73 -24.18 44.35 3.51
C HIS A 73 -22.99 45.17 3.97
N GLY A 74 -22.40 44.79 5.11
CA GLY A 74 -21.25 45.48 5.67
C GLY A 74 -21.57 46.76 6.41
N ILE A 75 -22.85 47.16 6.45
CA ILE A 75 -23.31 48.39 7.09
C ILE A 75 -24.07 48.08 8.39
N ILE A 76 -23.74 48.76 9.50
CA ILE A 76 -24.48 48.58 10.75
C ILE A 76 -25.90 49.18 10.61
N THR A 77 -26.94 48.36 10.80
CA THR A 77 -28.33 48.83 10.67
C THR A 77 -29.10 48.79 12.01
N ASN A 78 -28.71 47.93 12.95
CA ASN A 78 -29.37 47.86 14.24
C ASN A 78 -28.37 48.26 15.33
N TRP A 79 -28.37 49.53 15.73
CA TRP A 79 -27.43 50.08 16.68
C TRP A 79 -27.57 49.54 18.08
N ASP A 80 -28.80 49.22 18.51
CA ASP A 80 -29.00 48.65 19.85
C ASP A 80 -28.39 47.25 19.88
N ASP A 81 -28.57 46.46 18.82
CA ASP A 81 -27.97 45.13 18.76
C ASP A 81 -26.46 45.21 18.53
N MET A 82 -25.96 46.22 17.81
CA MET A 82 -24.53 46.40 17.61
C MET A 82 -23.83 46.73 18.92
N GLU A 83 -24.51 47.50 19.81
CA GLU A 83 -23.96 47.80 21.14
C GLU A 83 -23.77 46.53 21.94
N LYS A 84 -24.72 45.58 21.83
CA LYS A 84 -24.62 44.30 22.56
C LYS A 84 -23.42 43.50 22.08
N ILE A 85 -23.19 43.51 20.75
CA ILE A 85 -22.05 42.84 20.12
C ILE A 85 -20.74 43.44 20.60
N TRP A 86 -20.64 44.78 20.59
CA TRP A 86 -19.44 45.43 21.06
C TRP A 86 -19.22 45.18 22.57
N HIS A 87 -20.30 45.21 23.39
CA HIS A 87 -20.20 44.95 24.83
C HIS A 87 -19.68 43.53 25.06
N HIS A 88 -20.23 42.56 24.34
CA HIS A 88 -19.82 41.16 24.42
C HIS A 88 -18.35 41.01 23.95
N THR A 89 -17.94 41.72 22.90
CA THR A 89 -16.58 41.69 22.40
C THR A 89 -15.58 42.15 23.49
N PHE A 90 -15.82 43.33 24.10
CA PHE A 90 -14.93 43.86 25.13
C PHE A 90 -14.93 43.02 26.40
N TYR A 91 -16.11 42.86 27.02
CA TYR A 91 -16.23 42.26 28.33
C TYR A 91 -16.21 40.74 28.38
N ASN A 92 -16.77 40.06 27.39
CA ASN A 92 -16.81 38.60 27.42
C ASN A 92 -15.71 37.95 26.57
N GLU A 93 -15.47 38.45 25.36
CA GLU A 93 -14.49 37.84 24.48
C GLU A 93 -13.04 38.27 24.75
N LEU A 94 -12.76 39.57 24.73
CA LEU A 94 -11.41 40.07 24.97
C LEU A 94 -11.08 40.21 26.47
N ARG A 95 -12.12 40.32 27.33
CA ARG A 95 -12.02 40.47 28.80
C ARG A 95 -11.18 41.70 29.15
N VAL A 96 -11.48 42.82 28.51
CA VAL A 96 -10.75 44.06 28.74
C VAL A 96 -11.71 45.14 29.21
N ALA A 97 -11.18 46.25 29.75
CA ALA A 97 -11.99 47.39 30.13
C ALA A 97 -11.79 48.37 28.99
N PRO A 98 -12.84 48.65 28.20
CA PRO A 98 -12.67 49.50 27.00
C PRO A 98 -12.18 50.91 27.26
N GLU A 99 -12.40 51.45 28.47
CA GLU A 99 -11.91 52.78 28.81
C GLU A 99 -10.38 52.88 28.87
N GLU A 100 -9.68 51.74 28.91
CA GLU A 100 -8.22 51.72 28.96
C GLU A 100 -7.56 51.41 27.60
N HIS A 101 -8.36 51.12 26.54
CA HIS A 101 -7.76 50.75 25.26
C HIS A 101 -8.20 51.55 24.09
N PRO A 102 -7.25 52.13 23.34
CA PRO A 102 -7.61 52.77 22.06
C PRO A 102 -8.19 51.68 21.13
N THR A 103 -9.27 51.98 20.41
CA THR A 103 -9.94 50.96 19.59
C THR A 103 -10.03 51.27 18.10
N LEU A 104 -9.46 50.38 17.25
CA LEU A 104 -9.60 50.55 15.81
C LEU A 104 -10.80 49.70 15.39
N LEU A 105 -11.74 50.32 14.70
CA LEU A 105 -12.91 49.63 14.16
C LEU A 105 -12.80 49.64 12.64
N THR A 106 -13.44 48.66 11.99
CA THR A 106 -13.40 48.64 10.53
C THR A 106 -14.76 49.05 9.96
N GLU A 107 -14.75 49.53 8.73
CA GLU A 107 -15.96 49.92 8.05
C GLU A 107 -15.91 49.47 6.59
N ALA A 108 -17.08 49.29 6.02
CA ALA A 108 -17.18 48.93 4.62
C ALA A 108 -16.82 50.15 3.79
N PRO A 109 -16.26 49.96 2.59
CA PRO A 109 -16.06 51.12 1.69
C PRO A 109 -17.43 51.78 1.43
N LEU A 110 -17.45 53.12 1.33
CA LEU A 110 -18.71 53.83 1.07
C LEU A 110 -19.65 53.79 2.28
N ASN A 111 -19.13 53.59 3.51
CA ASN A 111 -19.97 53.59 4.72
C ASN A 111 -20.49 55.03 4.89
N PRO A 112 -21.82 55.23 4.99
CA PRO A 112 -22.36 56.61 5.13
C PRO A 112 -21.74 57.38 6.28
N LYS A 113 -21.58 58.69 6.12
CA LYS A 113 -21.01 59.54 7.19
C LYS A 113 -21.79 59.44 8.51
N ALA A 114 -23.12 59.38 8.43
CA ALA A 114 -23.96 59.28 9.62
C ALA A 114 -23.68 57.98 10.40
N ASN A 115 -23.33 56.89 9.68
CA ASN A 115 -23.01 55.61 10.30
C ASN A 115 -21.72 55.70 11.10
N ARG A 116 -20.63 56.25 10.51
CA ARG A 116 -19.37 56.34 11.28
C ARG A 116 -19.46 57.35 12.41
N GLU A 117 -20.36 58.34 12.32
CA GLU A 117 -20.54 59.30 13.41
C GLU A 117 -21.26 58.60 14.54
N LYS A 118 -22.30 57.81 14.23
CA LYS A 118 -23.03 57.05 15.25
C LYS A 118 -22.10 56.03 15.92
N MET A 119 -21.19 55.43 15.15
CA MET A 119 -20.17 54.47 15.60
C MET A 119 -19.20 55.17 16.57
N THR A 120 -18.82 56.40 16.25
CA THR A 120 -17.92 57.24 17.06
C THR A 120 -18.61 57.65 18.35
N GLN A 121 -19.89 58.00 18.28
CA GLN A 121 -20.70 58.39 19.43
C GLN A 121 -20.82 57.24 20.42
N ILE A 122 -21.05 56.01 19.92
CA ILE A 122 -21.18 54.85 20.81
C ILE A 122 -19.86 54.51 21.49
N MET A 123 -18.75 54.52 20.73
CA MET A 123 -17.44 54.19 21.30
C MET A 123 -17.04 55.14 22.45
N PHE A 124 -17.23 56.44 22.24
CA PHE A 124 -16.87 57.43 23.26
C PHE A 124 -17.89 57.58 24.39
N GLU A 125 -19.19 57.67 24.08
CA GLU A 125 -20.21 57.85 25.13
C GLU A 125 -20.60 56.56 25.88
N THR A 126 -20.82 55.47 25.14
CA THR A 126 -21.24 54.21 25.75
C THR A 126 -20.06 53.42 26.32
N PHE A 127 -18.94 53.34 25.58
CA PHE A 127 -17.80 52.54 26.05
C PHE A 127 -16.64 53.36 26.66
N ASN A 128 -16.66 54.68 26.48
CA ASN A 128 -15.66 55.61 27.00
C ASN A 128 -14.22 55.23 26.62
N VAL A 129 -13.99 54.91 25.35
CA VAL A 129 -12.65 54.56 24.87
C VAL A 129 -11.74 55.78 24.95
N PRO A 130 -10.44 55.61 25.24
CA PRO A 130 -9.54 56.78 25.30
C PRO A 130 -9.29 57.39 23.94
N ALA A 131 -9.30 56.54 22.88
CA ALA A 131 -9.05 56.96 21.51
C ALA A 131 -9.64 55.93 20.54
N MET A 132 -9.89 56.37 19.30
CA MET A 132 -10.43 55.49 18.30
C MET A 132 -10.04 55.87 16.90
N TYR A 133 -10.12 54.90 15.98
CA TYR A 133 -9.82 55.10 14.57
C TYR A 133 -10.77 54.19 13.77
N VAL A 134 -11.29 54.67 12.64
CA VAL A 134 -12.15 53.86 11.78
C VAL A 134 -11.40 53.64 10.47
N ALA A 135 -11.15 52.37 10.08
CA ALA A 135 -10.40 52.09 8.86
C ALA A 135 -11.26 51.36 7.83
N ILE A 136 -11.01 51.61 6.53
CA ILE A 136 -11.72 50.93 5.46
C ILE A 136 -11.17 49.50 5.37
N GLN A 137 -12.06 48.50 5.45
CA GLN A 137 -11.70 47.08 5.44
C GLN A 137 -10.74 46.68 4.31
N ALA A 138 -11.05 47.02 3.05
CA ALA A 138 -10.19 46.62 1.92
C ALA A 138 -8.79 47.23 1.97
N VAL A 139 -8.65 48.45 2.49
CA VAL A 139 -7.34 49.10 2.63
C VAL A 139 -6.49 48.29 3.62
N LEU A 140 -7.08 47.83 4.71
CA LEU A 140 -6.38 47.01 5.69
C LEU A 140 -5.90 45.70 5.06
N SER A 141 -6.68 45.09 4.16
CA SER A 141 -6.26 43.84 3.49
C SER A 141 -5.01 44.05 2.67
N LEU A 142 -4.93 45.20 1.99
CA LEU A 142 -3.76 45.51 1.16
C LEU A 142 -2.53 45.64 2.07
N TYR A 143 -2.66 46.32 3.23
CA TYR A 143 -1.56 46.45 4.20
C TYR A 143 -1.12 45.08 4.72
N ALA A 144 -2.07 44.16 4.97
CA ALA A 144 -1.73 42.81 5.42
C ALA A 144 -0.84 42.04 4.43
N SER A 145 -0.87 42.42 3.14
CA SER A 145 0.01 41.79 2.15
C SER A 145 1.34 42.56 1.94
N GLY A 146 1.62 43.56 2.77
CA GLY A 146 2.83 44.37 2.67
C GLY A 146 2.79 45.42 1.56
N ARG A 147 1.59 45.84 1.16
CA ARG A 147 1.45 46.81 0.08
C ARG A 147 0.66 48.02 0.49
N THR A 148 0.94 49.14 -0.18
CA THR A 148 0.19 50.39 -0.06
C THR A 148 -0.43 50.78 -1.41
N THR A 149 -0.14 50.05 -2.48
CA THR A 149 -0.72 50.29 -3.80
C THR A 149 -1.22 48.95 -4.37
N GLY A 150 -2.39 48.98 -4.97
CA GLY A 150 -2.98 47.80 -5.58
C GLY A 150 -4.49 47.86 -5.56
N ILE A 151 -5.15 46.83 -6.09
CA ILE A 151 -6.62 46.80 -6.08
C ILE A 151 -7.12 45.56 -5.30
N VAL A 152 -8.00 45.80 -4.33
CA VAL A 152 -8.52 44.75 -3.51
C VAL A 152 -9.89 44.33 -3.94
N LEU A 153 -10.13 43.01 -4.04
CA LEU A 153 -11.44 42.44 -4.20
C LEU A 153 -11.71 41.86 -2.80
N ASP A 154 -12.64 42.45 -2.04
CA ASP A 154 -12.95 41.99 -0.70
C ASP A 154 -14.35 41.43 -0.75
N SER A 155 -14.50 40.11 -0.56
CA SER A 155 -15.81 39.47 -0.61
C SER A 155 -16.06 38.67 0.68
N GLY A 156 -17.04 39.09 1.47
CA GLY A 156 -17.31 38.44 2.74
C GLY A 156 -18.63 37.71 2.78
N ASP A 157 -19.40 37.91 3.84
CA ASP A 157 -20.68 37.23 3.99
C ASP A 157 -21.84 38.02 3.41
N GLY A 158 -21.77 39.34 3.47
CA GLY A 158 -22.88 40.17 3.07
C GLY A 158 -22.67 41.09 1.90
N VAL A 159 -21.40 41.43 1.57
CA VAL A 159 -21.13 42.36 0.45
C VAL A 159 -19.74 42.11 -0.12
N THR A 160 -19.55 42.51 -1.38
CA THR A 160 -18.31 42.39 -2.12
C THR A 160 -17.93 43.78 -2.64
N HIS A 161 -16.64 44.14 -2.59
CA HIS A 161 -16.15 45.42 -3.09
C HIS A 161 -14.88 45.30 -3.87
N ASN A 162 -14.70 46.22 -4.82
CA ASN A 162 -13.45 46.42 -5.55
C ASN A 162 -12.95 47.78 -5.05
N VAL A 163 -11.76 47.80 -4.47
CA VAL A 163 -11.18 49.02 -3.97
C VAL A 163 -9.78 49.24 -4.51
N PRO A 164 -9.63 50.15 -5.49
CA PRO A 164 -8.28 50.51 -5.97
C PRO A 164 -7.63 51.51 -4.98
N ILE A 165 -6.39 51.25 -4.61
CA ILE A 165 -5.67 52.02 -3.61
C ILE A 165 -4.32 52.47 -4.17
N TYR A 166 -3.95 53.73 -3.90
CA TYR A 166 -2.68 54.27 -4.36
C TYR A 166 -1.98 54.93 -3.20
N GLU A 167 -0.80 54.43 -2.86
CA GLU A 167 0.02 54.93 -1.77
C GLU A 167 -0.73 55.15 -0.46
N GLY A 168 -1.48 54.13 -0.03
CA GLY A 168 -2.22 54.14 1.21
C GLY A 168 -3.63 54.65 1.15
N TYR A 169 -4.00 55.29 0.03
CA TYR A 169 -5.34 55.88 -0.06
C TYR A 169 -6.23 55.24 -1.10
N ALA A 170 -7.47 54.92 -0.68
CA ALA A 170 -8.50 54.37 -1.54
C ALA A 170 -8.91 55.47 -2.52
N LEU A 171 -9.16 55.11 -3.80
CA LEU A 171 -9.58 56.05 -4.83
C LEU A 171 -11.11 55.94 -4.88
N PRO A 172 -11.81 56.83 -4.16
CA PRO A 172 -13.26 56.68 -3.99
C PRO A 172 -14.11 56.60 -5.23
N HIS A 173 -13.75 57.36 -6.27
CA HIS A 173 -14.49 57.38 -7.51
C HIS A 173 -14.50 56.01 -8.20
N ALA A 174 -13.47 55.20 -8.01
CA ALA A 174 -13.38 53.90 -8.69
C ALA A 174 -13.79 52.69 -7.80
N ILE A 175 -14.31 52.95 -6.59
CA ILE A 175 -14.77 51.86 -5.72
C ILE A 175 -16.04 51.23 -6.32
N MET A 176 -16.10 49.91 -6.39
CA MET A 176 -17.26 49.19 -6.91
C MET A 176 -17.87 48.36 -5.78
N ARG A 177 -19.21 48.37 -5.66
CA ARG A 177 -19.93 47.56 -4.69
C ARG A 177 -20.80 46.56 -5.45
N LEU A 178 -20.75 45.30 -5.04
CA LEU A 178 -21.56 44.24 -5.61
C LEU A 178 -22.23 43.61 -4.39
N ASP A 179 -23.57 43.64 -4.32
CA ASP A 179 -24.28 43.13 -3.15
C ASP A 179 -24.18 41.60 -2.98
N LEU A 180 -23.81 40.89 -4.03
CA LEU A 180 -23.61 39.44 -4.00
C LEU A 180 -22.39 39.08 -3.13
N ALA A 181 -22.59 38.17 -2.17
CA ALA A 181 -21.49 37.69 -1.32
C ALA A 181 -21.81 36.25 -0.78
N GLY A 182 -21.07 35.72 0.21
CA GLY A 182 -21.21 34.37 0.75
C GLY A 182 -22.60 33.89 1.06
N ARG A 183 -23.41 34.70 1.76
CA ARG A 183 -24.77 34.32 2.14
C ARG A 183 -25.64 34.10 0.92
N ASP A 184 -25.52 34.96 -0.11
CA ASP A 184 -26.26 34.75 -1.36
C ASP A 184 -25.81 33.48 -2.07
N LEU A 185 -24.51 33.11 -1.98
CA LEU A 185 -24.00 31.89 -2.57
C LEU A 185 -24.54 30.68 -1.84
N THR A 186 -24.68 30.75 -0.49
CA THR A 186 -25.25 29.64 0.28
C THR A 186 -26.75 29.47 -0.08
N ASP A 187 -27.51 30.59 -0.18
CA ASP A 187 -28.93 30.56 -0.58
C ASP A 187 -29.05 29.95 -1.98
N TYR A 188 -28.13 30.28 -2.89
CA TYR A 188 -28.13 29.77 -4.26
C TYR A 188 -27.80 28.29 -4.25
N LEU A 189 -26.86 27.84 -3.38
CA LEU A 189 -26.56 26.43 -3.29
C LEU A 189 -27.79 25.67 -2.74
N MET A 190 -28.51 26.23 -1.75
CA MET A 190 -29.74 25.61 -1.23
C MET A 190 -30.77 25.44 -2.34
N LYS A 191 -30.92 26.48 -3.17
CA LYS A 191 -31.84 26.52 -4.31
C LYS A 191 -31.48 25.48 -5.38
N ILE A 192 -30.22 25.47 -5.88
CA ILE A 192 -29.85 24.50 -6.92
C ILE A 192 -29.73 23.07 -6.41
N LEU A 193 -29.69 22.85 -5.08
CA LEU A 193 -29.70 21.49 -4.55
C LEU A 193 -31.06 20.84 -4.75
N THR A 194 -32.16 21.66 -4.82
CA THR A 194 -33.51 21.15 -5.10
C THR A 194 -33.53 20.44 -6.44
N GLU A 195 -32.65 20.88 -7.41
CA GLU A 195 -32.50 20.29 -8.74
C GLU A 195 -31.96 18.88 -8.76
N ARG A 196 -31.59 18.32 -7.59
CA ARG A 196 -31.28 16.91 -7.51
C ARG A 196 -32.12 16.17 -6.44
N GLY A 197 -33.25 16.76 -6.03
CA GLY A 197 -34.20 16.16 -5.10
C GLY A 197 -34.00 16.44 -3.63
N TYR A 198 -32.98 17.25 -3.28
CA TYR A 198 -32.69 17.59 -1.88
C TYR A 198 -33.46 18.81 -1.44
N SER A 199 -33.85 18.88 -0.15
CA SER A 199 -34.62 20.02 0.33
C SER A 199 -34.05 20.65 1.61
N PHE A 200 -33.27 21.71 1.45
CA PHE A 200 -32.70 22.46 2.58
C PHE A 200 -33.46 23.78 2.59
N VAL A 201 -34.18 24.10 3.69
CA VAL A 201 -35.00 25.32 3.72
C VAL A 201 -34.80 26.17 4.96
N THR A 202 -34.77 25.55 6.15
CA THR A 202 -34.68 26.25 7.42
C THR A 202 -33.29 26.94 7.66
N THR A 203 -33.19 27.71 8.76
CA THR A 203 -31.98 28.39 9.23
C THR A 203 -30.91 27.35 9.60
N ALA A 204 -31.32 26.25 10.24
CA ALA A 204 -30.38 25.19 10.60
C ALA A 204 -29.88 24.48 9.35
N GLU A 205 -30.79 24.24 8.37
CA GLU A 205 -30.40 23.60 7.11
C GLU A 205 -29.53 24.48 6.25
N ARG A 206 -29.70 25.82 6.34
CA ARG A 206 -28.89 26.80 5.66
C ARG A 206 -27.43 26.69 6.14
N GLU A 207 -27.21 26.37 7.44
CA GLU A 207 -25.89 26.17 8.00
C GLU A 207 -25.22 24.91 7.48
N ILE A 208 -25.99 23.84 7.23
CA ILE A 208 -25.43 22.61 6.65
C ILE A 208 -24.97 22.90 5.20
N VAL A 209 -25.76 23.66 4.45
CA VAL A 209 -25.43 24.02 3.08
C VAL A 209 -24.21 24.91 3.03
N ARG A 210 -24.08 25.87 4.00
CA ARG A 210 -22.89 26.72 4.10
C ARG A 210 -21.64 25.84 4.29
N ASP A 211 -21.74 24.78 5.11
CA ASP A 211 -20.63 23.87 5.34
C ASP A 211 -20.28 23.05 4.09
N ILE A 212 -21.29 22.58 3.34
CA ILE A 212 -21.07 21.87 2.07
C ILE A 212 -20.32 22.79 1.08
N LYS A 213 -20.73 24.06 1.04
CA LYS A 213 -20.18 25.07 0.16
C LYS A 213 -18.70 25.30 0.47
N GLU A 214 -18.36 25.53 1.75
CA GLU A 214 -16.98 25.75 2.17
C GLU A 214 -16.10 24.54 1.93
N LYS A 215 -16.64 23.34 2.09
CA LYS A 215 -15.83 22.13 1.93
C LYS A 215 -15.70 21.61 0.53
N LEU A 216 -16.75 21.68 -0.30
CA LEU A 216 -16.72 21.03 -1.59
C LEU A 216 -16.77 21.93 -2.79
N CYS A 217 -17.11 23.22 -2.64
CA CYS A 217 -17.20 24.11 -3.79
C CYS A 217 -15.85 24.53 -4.32
N TYR A 218 -15.78 24.80 -5.62
CA TYR A 218 -14.55 25.30 -6.26
C TYR A 218 -14.91 26.11 -7.49
N VAL A 219 -13.98 26.93 -7.97
CA VAL A 219 -14.19 27.71 -9.17
C VAL A 219 -13.54 27.00 -10.37
N ALA A 220 -14.38 26.65 -11.34
CA ALA A 220 -13.94 26.01 -12.56
C ALA A 220 -13.14 27.01 -13.39
N LEU A 221 -12.02 26.55 -13.97
CA LEU A 221 -11.23 27.42 -14.85
C LEU A 221 -11.99 27.70 -16.14
N ASP A 222 -12.69 26.68 -16.65
CA ASP A 222 -13.52 26.78 -17.84
C ASP A 222 -14.91 26.24 -17.45
N PHE A 223 -15.87 27.13 -17.16
CA PHE A 223 -17.19 26.71 -16.71
C PHE A 223 -17.94 25.77 -17.67
N GLU A 224 -18.03 26.13 -18.95
CA GLU A 224 -18.75 25.32 -19.93
C GLU A 224 -18.12 23.93 -20.06
N ASN A 225 -16.78 23.82 -20.07
CA ASN A 225 -16.11 22.51 -20.16
C ASN A 225 -16.35 21.70 -18.92
N GLU A 226 -16.39 22.35 -17.74
CA GLU A 226 -16.65 21.66 -16.49
C GLU A 226 -18.09 21.15 -16.47
N MET A 227 -19.05 21.93 -16.99
CA MET A 227 -20.45 21.49 -17.06
C MET A 227 -20.54 20.26 -17.98
N ALA A 228 -19.77 20.25 -19.11
CA ALA A 228 -19.77 19.11 -20.04
C ALA A 228 -19.21 17.86 -19.37
N THR A 229 -18.12 18.01 -18.57
CA THR A 229 -17.48 16.90 -17.85
C THR A 229 -18.45 16.32 -16.82
N ALA A 230 -19.08 17.18 -15.98
CA ALA A 230 -20.05 16.73 -14.97
C ALA A 230 -21.30 16.05 -15.60
N ALA A 231 -21.66 16.45 -16.80
CA ALA A 231 -22.81 15.90 -17.53
C ALA A 231 -22.55 14.51 -18.11
N SER A 232 -21.31 14.20 -18.48
CA SER A 232 -21.01 12.93 -19.14
C SER A 232 -20.30 11.92 -18.26
N SER A 233 -19.96 12.26 -17.03
CA SER A 233 -19.29 11.33 -16.12
C SER A 233 -19.57 11.73 -14.66
N SER A 234 -19.14 10.88 -13.73
CA SER A 234 -19.31 11.12 -12.30
C SER A 234 -18.00 11.50 -11.60
N SER A 235 -16.92 11.80 -12.36
CA SER A 235 -15.58 12.13 -11.87
C SER A 235 -15.51 13.37 -10.99
N LEU A 236 -16.46 14.30 -11.16
CA LEU A 236 -16.48 15.51 -10.33
C LEU A 236 -17.42 15.41 -9.13
N GLU A 237 -18.03 14.24 -8.88
CA GLU A 237 -18.95 14.08 -7.77
C GLU A 237 -18.22 13.86 -6.45
N LYS A 238 -18.85 14.29 -5.36
CA LYS A 238 -18.32 14.16 -4.01
C LYS A 238 -19.45 13.79 -3.08
N SER A 239 -19.13 13.04 -2.02
CA SER A 239 -20.13 12.67 -1.03
C SER A 239 -20.01 13.58 0.19
N TYR A 240 -21.12 13.79 0.89
CA TYR A 240 -21.13 14.61 2.09
C TYR A 240 -22.09 14.00 3.08
N GLU A 241 -21.60 13.76 4.29
CA GLU A 241 -22.43 13.18 5.34
C GLU A 241 -23.09 14.28 6.14
N LEU A 242 -24.41 14.28 6.17
CA LEU A 242 -25.20 15.22 6.97
C LEU A 242 -25.02 14.88 8.46
N PRO A 243 -25.37 15.79 9.39
CA PRO A 243 -25.17 15.50 10.82
C PRO A 243 -25.80 14.19 11.28
N ASP A 244 -27.00 13.86 10.74
CA ASP A 244 -27.77 12.66 11.05
C ASP A 244 -27.31 11.36 10.37
N GLY A 245 -26.12 11.36 9.78
CA GLY A 245 -25.60 10.16 9.12
C GLY A 245 -25.97 9.95 7.67
N GLN A 246 -27.03 10.63 7.16
CA GLN A 246 -27.45 10.49 5.75
C GLN A 246 -26.37 11.04 4.80
N VAL A 247 -25.97 10.24 3.80
CA VAL A 247 -24.95 10.68 2.85
C VAL A 247 -25.55 11.15 1.53
N ILE A 248 -25.26 12.42 1.15
CA ILE A 248 -25.75 12.96 -0.11
C ILE A 248 -24.61 13.12 -1.12
N THR A 249 -24.96 13.22 -2.41
CA THR A 249 -23.97 13.39 -3.49
C THR A 249 -24.11 14.76 -4.16
N ILE A 250 -22.99 15.43 -4.37
CA ILE A 250 -22.90 16.78 -4.96
C ILE A 250 -22.12 16.62 -6.26
N GLY A 251 -22.62 17.21 -7.34
CA GLY A 251 -21.95 17.13 -8.63
C GLY A 251 -21.58 18.50 -9.17
N ASN A 252 -22.26 18.97 -10.22
CA ASN A 252 -21.93 20.27 -10.83
C ASN A 252 -22.24 21.48 -9.91
N GLU A 253 -23.04 21.29 -8.83
CA GLU A 253 -23.32 22.34 -7.86
C GLU A 253 -22.03 22.84 -7.19
N ARG A 254 -21.00 21.99 -7.12
CA ARG A 254 -19.70 22.33 -6.56
C ARG A 254 -19.12 23.58 -7.22
N PHE A 255 -19.20 23.68 -8.56
CA PHE A 255 -18.66 24.84 -9.27
C PHE A 255 -19.71 25.83 -9.76
N ARG A 256 -20.96 25.41 -9.86
CA ARG A 256 -22.04 26.30 -10.27
C ARG A 256 -22.29 27.35 -9.21
N CYS A 257 -22.19 26.97 -7.91
CA CYS A 257 -22.40 27.90 -6.81
C CYS A 257 -21.42 29.10 -6.88
N PRO A 258 -20.06 28.95 -6.81
CA PRO A 258 -19.19 30.14 -6.91
C PRO A 258 -19.13 30.75 -8.32
N GLU A 259 -19.63 30.05 -9.36
CA GLU A 259 -19.67 30.62 -10.71
C GLU A 259 -20.50 31.92 -10.73
N THR A 260 -21.51 32.02 -9.87
CA THR A 260 -22.35 33.19 -9.64
C THR A 260 -21.52 34.46 -9.42
N LEU A 261 -20.33 34.37 -8.80
CA LEU A 261 -19.47 35.55 -8.61
C LEU A 261 -19.07 36.16 -9.97
N PHE A 262 -18.79 35.30 -10.96
CA PHE A 262 -18.40 35.66 -12.31
C PHE A 262 -19.62 35.90 -13.24
N GLN A 263 -20.76 35.24 -12.95
CA GLN A 263 -22.00 35.31 -13.69
C GLN A 263 -23.17 35.59 -12.74
N PRO A 264 -23.35 36.84 -12.28
CA PRO A 264 -24.42 37.10 -11.30
C PRO A 264 -25.85 36.87 -11.81
N SER A 265 -26.02 36.72 -13.13
CA SER A 265 -27.33 36.42 -13.72
C SER A 265 -27.88 35.06 -13.24
N PHE A 266 -27.01 34.17 -12.71
CA PHE A 266 -27.38 32.89 -12.09
C PHE A 266 -28.35 33.12 -10.93
N ILE A 267 -28.23 34.27 -10.20
CA ILE A 267 -29.16 34.58 -9.11
C ILE A 267 -30.12 35.75 -9.43
N GLY A 268 -30.27 36.07 -10.71
CA GLY A 268 -31.18 37.12 -11.14
C GLY A 268 -30.62 38.53 -11.09
N MET A 269 -29.31 38.68 -10.89
CA MET A 269 -28.70 40.00 -10.82
C MET A 269 -28.16 40.46 -12.17
N GLU A 270 -28.47 41.70 -12.55
CA GLU A 270 -28.01 42.29 -13.82
C GLU A 270 -26.54 42.77 -13.77
N SER A 271 -25.92 42.75 -12.58
CA SER A 271 -24.57 43.20 -12.35
C SER A 271 -23.52 42.43 -13.14
N ALA A 272 -22.38 43.09 -13.38
CA ALA A 272 -21.22 42.48 -14.00
C ALA A 272 -20.52 41.57 -12.95
N GLY A 273 -19.80 40.57 -13.42
CA GLY A 273 -19.07 39.63 -12.57
C GLY A 273 -17.87 40.27 -11.92
N ILE A 274 -17.29 39.61 -10.90
CA ILE A 274 -16.15 40.13 -10.13
C ILE A 274 -14.90 40.42 -11.00
N HIS A 275 -14.74 39.69 -12.10
CA HIS A 275 -13.66 39.94 -13.04
C HIS A 275 -13.91 41.28 -13.80
N GLU A 276 -15.16 41.52 -14.17
CA GLU A 276 -15.58 42.72 -14.89
C GLU A 276 -15.54 43.95 -14.01
N THR A 277 -16.06 43.86 -12.77
CA THR A 277 -15.98 45.00 -11.85
C THR A 277 -14.52 45.34 -11.52
N THR A 278 -13.64 44.34 -11.48
CA THR A 278 -12.22 44.59 -11.18
C THR A 278 -11.61 45.40 -12.33
N TYR A 279 -11.86 44.97 -13.59
CA TYR A 279 -11.38 45.61 -14.80
C TYR A 279 -11.95 47.03 -14.93
N ASN A 280 -13.27 47.20 -14.77
CA ASN A 280 -13.91 48.50 -14.83
C ASN A 280 -13.39 49.44 -13.75
N SER A 281 -13.04 48.90 -12.57
CA SER A 281 -12.51 49.70 -11.50
C SER A 281 -11.12 50.21 -11.86
N ILE A 282 -10.26 49.34 -12.40
CA ILE A 282 -8.92 49.75 -12.83
C ILE A 282 -9.03 50.80 -13.97
N MET A 283 -9.96 50.61 -14.92
CA MET A 283 -10.16 51.54 -16.03
C MET A 283 -10.63 52.94 -15.57
N LYS A 284 -11.26 53.06 -14.38
CA LYS A 284 -11.65 54.38 -13.87
C LYS A 284 -10.46 55.12 -13.20
N CYS A 285 -9.30 54.47 -13.06
CA CYS A 285 -8.12 55.05 -12.45
C CYS A 285 -7.16 55.62 -13.49
N ASP A 286 -6.23 56.49 -13.04
CA ASP A 286 -5.26 57.10 -13.94
C ASP A 286 -4.43 56.07 -14.66
N ILE A 287 -4.27 56.25 -15.98
CA ILE A 287 -3.50 55.39 -16.89
C ILE A 287 -2.14 55.02 -16.33
N ASP A 288 -1.44 56.01 -15.75
CA ASP A 288 -0.10 55.86 -15.18
C ASP A 288 -0.02 54.97 -13.93
N ILE A 289 -1.17 54.61 -13.37
CA ILE A 289 -1.32 53.81 -12.16
C ILE A 289 -1.94 52.42 -12.44
N ARG A 290 -2.53 52.22 -13.65
CA ARG A 290 -3.17 50.98 -14.02
C ARG A 290 -2.25 49.78 -13.99
N LYS A 291 -0.99 49.93 -14.45
CA LYS A 291 -0.01 48.86 -14.41
C LYS A 291 0.24 48.39 -12.97
N ASP A 292 0.21 49.32 -12.01
CA ASP A 292 0.43 49.02 -10.60
C ASP A 292 -0.78 48.31 -9.98
N LEU A 293 -1.99 48.55 -10.49
CA LEU A 293 -3.19 47.89 -10.00
C LEU A 293 -3.29 46.47 -10.56
N TYR A 294 -3.04 46.31 -11.87
CA TYR A 294 -3.08 45.01 -12.55
C TYR A 294 -2.09 44.03 -11.95
N ALA A 295 -0.91 44.52 -11.54
CA ALA A 295 0.12 43.67 -10.96
C ALA A 295 -0.03 43.42 -9.45
N ASN A 296 -1.02 44.05 -8.81
CA ASN A 296 -1.22 43.95 -7.37
C ASN A 296 -2.71 43.80 -7.04
N ASN A 297 -3.34 42.79 -7.62
CA ASN A 297 -4.74 42.52 -7.37
C ASN A 297 -4.80 41.59 -6.17
N VAL A 298 -5.19 42.10 -5.01
CA VAL A 298 -5.24 41.31 -3.79
C VAL A 298 -6.68 40.86 -3.49
N MET A 299 -6.85 39.56 -3.19
CA MET A 299 -8.14 39.03 -2.80
C MET A 299 -8.22 38.85 -1.30
N SER A 300 -9.37 39.18 -0.71
CA SER A 300 -9.58 39.01 0.73
C SER A 300 -11.05 38.71 1.06
N GLY A 301 -11.29 38.16 2.25
CA GLY A 301 -12.62 37.80 2.68
C GLY A 301 -12.92 36.32 2.44
N GLY A 302 -13.85 35.77 3.24
CA GLY A 302 -14.23 34.37 3.18
C GLY A 302 -14.74 33.90 1.83
N THR A 303 -15.46 34.73 1.06
CA THR A 303 -16.00 34.30 -0.25
C THR A 303 -14.91 34.25 -1.36
N THR A 304 -13.65 34.70 -1.08
CA THR A 304 -12.57 34.49 -2.06
C THR A 304 -11.82 33.17 -1.73
N MET A 305 -12.28 32.35 -0.76
CA MET A 305 -11.58 31.12 -0.38
C MET A 305 -11.75 29.92 -1.30
N TYR A 306 -12.59 30.04 -2.33
CA TYR A 306 -12.78 28.92 -3.26
C TYR A 306 -11.51 28.51 -3.97
N PRO A 307 -11.17 27.22 -3.96
CA PRO A 307 -10.05 26.73 -4.79
C PRO A 307 -10.29 27.07 -6.28
N GLY A 308 -9.27 27.56 -6.98
CA GLY A 308 -9.37 27.92 -8.39
C GLY A 308 -9.80 29.36 -8.65
N ILE A 309 -10.18 30.13 -7.60
CA ILE A 309 -10.65 31.50 -7.85
C ILE A 309 -9.55 32.45 -8.37
N ALA A 310 -8.31 32.31 -7.88
CA ALA A 310 -7.21 33.18 -8.32
C ALA A 310 -6.86 32.90 -9.75
N ASP A 311 -6.80 31.64 -10.15
CA ASP A 311 -6.51 31.27 -11.53
C ASP A 311 -7.61 31.70 -12.49
N ARG A 312 -8.88 31.61 -12.05
CA ARG A 312 -9.97 32.03 -12.89
C ARG A 312 -9.93 33.56 -13.06
N MET A 313 -9.62 34.31 -11.98
CA MET A 313 -9.51 35.75 -12.05
C MET A 313 -8.32 36.14 -12.96
N GLN A 314 -7.20 35.43 -12.85
CA GLN A 314 -6.04 35.65 -13.69
C GLN A 314 -6.43 35.49 -15.18
N LYS A 315 -7.14 34.41 -15.52
CA LYS A 315 -7.58 34.17 -16.89
C LYS A 315 -8.58 35.25 -17.37
N GLU A 316 -9.59 35.58 -16.54
CA GLU A 316 -10.60 36.56 -16.94
C GLU A 316 -10.06 37.99 -17.11
N ILE A 317 -9.21 38.45 -16.17
CA ILE A 317 -8.61 39.78 -16.26
C ILE A 317 -7.71 39.86 -17.49
N THR A 318 -6.92 38.80 -17.76
CA THR A 318 -6.04 38.72 -18.92
C THR A 318 -6.81 38.91 -20.24
N ALA A 319 -7.98 38.29 -20.38
CA ALA A 319 -8.80 38.42 -21.57
C ALA A 319 -9.37 39.85 -21.75
N LEU A 320 -9.49 40.62 -20.67
CA LEU A 320 -10.04 41.99 -20.72
C LEU A 320 -8.96 43.06 -20.85
N ALA A 321 -7.81 42.86 -20.20
CA ALA A 321 -6.69 43.78 -20.18
C ALA A 321 -5.88 43.74 -21.48
N PRO A 322 -5.12 44.83 -21.79
CA PRO A 322 -4.25 44.80 -22.98
C PRO A 322 -3.17 43.73 -22.82
N SER A 323 -2.77 43.09 -23.94
CA SER A 323 -1.77 42.02 -23.94
C SER A 323 -0.41 42.38 -23.31
N THR A 324 -0.05 43.65 -23.33
CA THR A 324 1.23 44.09 -22.75
C THR A 324 1.21 44.17 -21.20
N MET A 325 0.03 43.99 -20.58
CA MET A 325 -0.10 44.14 -19.14
C MET A 325 0.20 42.89 -18.33
N LYS A 326 1.01 43.06 -17.27
CA LYS A 326 1.30 41.97 -16.36
C LYS A 326 0.15 41.91 -15.35
N ILE A 327 -0.53 40.77 -15.25
CA ILE A 327 -1.63 40.60 -14.29
C ILE A 327 -1.19 39.65 -13.22
N LYS A 328 -1.35 40.05 -11.96
CA LYS A 328 -1.00 39.19 -10.84
C LYS A 328 -2.09 39.23 -9.78
N ILE A 329 -2.54 38.03 -9.36
CA ILE A 329 -3.56 37.89 -8.33
C ILE A 329 -2.85 37.37 -7.06
N ILE A 330 -2.95 38.12 -5.95
CA ILE A 330 -2.37 37.75 -4.69
C ILE A 330 -3.49 37.28 -3.80
N ALA A 331 -3.48 35.99 -3.45
CA ALA A 331 -4.50 35.36 -2.64
C ALA A 331 -3.83 34.59 -1.48
N PRO A 332 -3.54 35.31 -0.38
CA PRO A 332 -2.86 34.66 0.75
C PRO A 332 -3.73 33.58 1.40
N PRO A 333 -3.10 32.55 1.97
CA PRO A 333 -3.91 31.49 2.62
C PRO A 333 -4.78 32.01 3.79
N GLU A 334 -4.34 33.07 4.45
CA GLU A 334 -5.06 33.64 5.57
C GLU A 334 -5.98 34.81 5.18
N ARG A 335 -6.33 34.94 3.88
CA ARG A 335 -7.12 36.07 3.37
C ARG A 335 -8.49 36.26 3.98
N LYS A 336 -9.03 35.25 4.65
CA LYS A 336 -10.31 35.43 5.37
C LYS A 336 -10.10 36.42 6.56
N TYR A 337 -8.86 36.57 7.04
CA TYR A 337 -8.49 37.41 8.18
C TYR A 337 -7.61 38.60 7.83
N SER A 338 -7.38 38.86 6.53
CA SER A 338 -6.55 39.97 6.05
C SER A 338 -6.98 41.34 6.55
N VAL A 339 -8.30 41.59 6.63
CA VAL A 339 -8.80 42.88 7.12
C VAL A 339 -8.37 43.05 8.56
N TRP A 340 -8.56 42.00 9.40
CA TRP A 340 -8.15 42.09 10.80
C TRP A 340 -6.63 42.29 10.90
N ILE A 341 -5.86 41.51 10.16
CA ILE A 341 -4.39 41.58 10.17
C ILE A 341 -3.90 42.99 9.82
N GLY A 342 -4.47 43.61 8.79
CA GLY A 342 -4.12 44.96 8.38
C GLY A 342 -4.39 46.00 9.45
N GLY A 343 -5.50 45.82 10.17
CA GLY A 343 -5.88 46.67 11.29
C GLY A 343 -4.89 46.51 12.43
N SER A 344 -4.43 45.26 12.67
CA SER A 344 -3.44 45.02 13.72
C SER A 344 -2.11 45.67 13.35
N ILE A 345 -1.70 45.60 12.07
CA ILE A 345 -0.46 46.23 11.63
C ILE A 345 -0.54 47.75 11.81
N LEU A 346 -1.64 48.34 11.33
CA LEU A 346 -1.84 49.78 11.39
C LEU A 346 -1.84 50.30 12.82
N ALA A 347 -2.68 49.72 13.69
CA ALA A 347 -2.82 50.12 15.08
C ALA A 347 -1.59 49.83 15.94
N SER A 348 -0.66 49.00 15.48
CA SER A 348 0.55 48.71 16.27
C SER A 348 1.75 49.60 15.92
N LEU A 349 1.64 50.44 14.89
CA LEU A 349 2.74 51.33 14.52
C LEU A 349 2.56 52.56 15.41
N SER A 350 3.30 52.63 16.54
CA SER A 350 3.21 53.75 17.51
C SER A 350 3.35 55.11 16.83
N THR A 351 4.10 55.17 15.71
CA THR A 351 4.24 56.37 14.88
C THR A 351 2.91 56.80 14.18
N PHE A 352 1.84 56.03 14.40
CA PHE A 352 0.47 56.23 13.91
C PHE A 352 -0.49 56.71 15.04
N GLN A 353 0.03 56.92 16.29
CA GLN A 353 -0.74 57.47 17.41
C GLN A 353 -1.15 58.96 17.17
N GLN A 354 -1.02 59.43 15.93
CA GLN A 354 -1.37 60.78 15.49
C GLN A 354 -2.80 60.88 14.95
N MET A 355 -3.17 60.04 13.96
CA MET A 355 -4.49 60.06 13.32
C MET A 355 -5.64 59.52 14.21
N TRP A 356 -5.31 59.05 15.42
CA TRP A 356 -6.33 58.54 16.32
C TRP A 356 -7.07 59.70 16.96
N ILE A 357 -8.39 59.61 16.97
CA ILE A 357 -9.25 60.61 17.56
C ILE A 357 -9.24 60.37 19.06
N THR A 358 -8.78 61.34 19.87
CA THR A 358 -8.77 61.16 21.32
C THR A 358 -10.14 61.52 21.92
N LYS A 359 -10.42 61.04 23.15
CA LYS A 359 -11.69 61.35 23.81
C LYS A 359 -11.87 62.86 24.08
N GLN A 360 -10.76 63.56 24.36
CA GLN A 360 -10.78 65.01 24.56
C GLN A 360 -11.26 65.71 23.31
N GLU A 361 -10.77 65.30 22.13
CA GLU A 361 -11.17 65.87 20.84
C GLU A 361 -12.63 65.60 20.51
N TYR A 362 -13.16 64.45 20.93
CA TYR A 362 -14.57 64.13 20.70
C TYR A 362 -15.46 65.01 21.60
N ASP A 363 -15.06 65.20 22.85
CA ASP A 363 -15.83 66.02 23.79
C ASP A 363 -16.01 67.45 23.28
N GLU A 364 -15.00 67.98 22.58
CA GLU A 364 -15.03 69.33 22.03
C GLU A 364 -15.77 69.45 20.70
N ALA A 365 -15.44 68.60 19.71
CA ALA A 365 -16.02 68.70 18.37
C ALA A 365 -17.27 67.85 18.10
N GLY A 366 -17.44 66.77 18.85
CA GLY A 366 -18.56 65.87 18.63
C GLY A 366 -18.24 64.80 17.58
N PRO A 367 -19.26 64.02 17.18
CA PRO A 367 -19.00 62.90 16.26
C PRO A 367 -18.41 63.22 14.89
N SER A 368 -18.56 64.45 14.40
CA SER A 368 -18.02 64.87 13.10
C SER A 368 -16.49 64.82 13.00
N ILE A 369 -15.79 64.73 14.14
CA ILE A 369 -14.33 64.66 14.18
C ILE A 369 -13.76 63.44 13.43
N VAL A 370 -14.58 62.38 13.23
CA VAL A 370 -14.19 61.15 12.55
C VAL A 370 -13.87 61.35 11.07
N HIS A 371 -14.51 62.32 10.42
CA HIS A 371 -14.31 62.56 9.01
C HIS A 371 -12.91 63.06 8.68
N GLU B 4 -16.02 -39.45 -28.74
CA GLU B 4 -16.62 -38.63 -27.69
C GLU B 4 -15.93 -37.25 -27.62
N THR B 5 -16.72 -36.18 -27.35
CA THR B 5 -16.13 -34.84 -27.21
C THR B 5 -15.65 -34.65 -25.76
N THR B 6 -14.46 -34.08 -25.59
CA THR B 6 -13.87 -33.87 -24.28
C THR B 6 -14.55 -32.76 -23.50
N ALA B 7 -14.99 -33.05 -22.27
CA ALA B 7 -15.59 -32.03 -21.42
C ALA B 7 -14.53 -31.02 -20.95
N LEU B 8 -14.95 -29.79 -20.69
CA LEU B 8 -14.07 -28.73 -20.17
C LEU B 8 -14.28 -28.63 -18.66
N VAL B 9 -13.27 -28.20 -17.92
CA VAL B 9 -13.36 -28.02 -16.47
C VAL B 9 -12.86 -26.61 -16.16
N CYS B 10 -13.72 -25.77 -15.56
CA CYS B 10 -13.30 -24.40 -15.25
C CYS B 10 -13.57 -24.08 -13.78
N ASP B 11 -12.51 -23.84 -13.02
CA ASP B 11 -12.59 -23.49 -11.60
C ASP B 11 -12.47 -21.95 -11.52
N ASN B 12 -13.58 -21.29 -11.22
CA ASN B 12 -13.68 -19.83 -11.19
C ASN B 12 -13.27 -19.31 -9.81
N GLY B 13 -12.00 -19.06 -9.58
CA GLY B 13 -11.55 -18.60 -8.27
C GLY B 13 -11.59 -17.09 -8.12
N SER B 14 -11.55 -16.60 -6.88
CA SER B 14 -11.53 -15.16 -6.60
C SER B 14 -10.27 -14.52 -7.14
N GLY B 15 -9.15 -15.24 -7.02
CA GLY B 15 -7.86 -14.77 -7.48
C GLY B 15 -7.42 -15.41 -8.79
N LEU B 16 -7.64 -16.71 -8.97
CA LEU B 16 -7.18 -17.40 -10.18
C LEU B 16 -8.22 -18.27 -10.83
N VAL B 17 -8.25 -18.24 -12.16
CA VAL B 17 -9.10 -19.12 -12.93
C VAL B 17 -8.22 -20.31 -13.32
N LYS B 18 -8.71 -21.53 -13.10
CA LYS B 18 -7.98 -22.74 -13.50
C LYS B 18 -8.87 -23.42 -14.53
N ALA B 19 -8.36 -23.63 -15.76
CA ALA B 19 -9.19 -24.21 -16.81
C ALA B 19 -8.45 -25.26 -17.61
N GLY B 20 -9.18 -26.25 -18.07
CA GLY B 20 -8.59 -27.32 -18.84
C GLY B 20 -9.61 -28.33 -19.31
N PHE B 21 -9.13 -29.52 -19.63
CA PHE B 21 -9.96 -30.57 -20.17
C PHE B 21 -10.12 -31.69 -19.18
N ALA B 22 -11.32 -32.27 -19.08
CA ALA B 22 -11.58 -33.45 -18.23
C ALA B 22 -10.75 -34.61 -18.79
N GLY B 23 -10.18 -35.41 -17.91
CA GLY B 23 -9.29 -36.48 -18.32
C GLY B 23 -7.83 -36.12 -18.13
N ASP B 24 -7.50 -34.80 -18.02
CA ASP B 24 -6.12 -34.34 -17.78
C ASP B 24 -5.86 -34.24 -16.27
N ASP B 25 -4.60 -34.40 -15.84
CA ASP B 25 -4.28 -34.36 -14.41
C ASP B 25 -3.93 -32.93 -13.91
N ALA B 26 -3.96 -31.92 -14.80
CA ALA B 26 -3.68 -30.54 -14.47
C ALA B 26 -4.37 -29.60 -15.43
N PRO B 27 -4.76 -28.40 -14.95
CA PRO B 27 -5.37 -27.42 -15.88
C PRO B 27 -4.34 -26.97 -16.92
N ARG B 28 -4.80 -26.59 -18.11
CA ARG B 28 -3.91 -26.05 -19.14
C ARG B 28 -3.72 -24.56 -18.95
N ALA B 29 -4.71 -23.84 -18.38
CA ALA B 29 -4.60 -22.41 -18.22
C ALA B 29 -4.82 -21.98 -16.78
N VAL B 30 -3.92 -21.19 -16.24
CA VAL B 30 -4.04 -20.66 -14.88
C VAL B 30 -3.74 -19.17 -15.03
N PHE B 31 -4.73 -18.31 -14.76
CA PHE B 31 -4.55 -16.87 -14.95
C PHE B 31 -5.37 -16.06 -13.96
N PRO B 32 -5.00 -14.80 -13.68
CA PRO B 32 -5.74 -14.03 -12.66
C PRO B 32 -7.19 -13.69 -13.06
N SER B 33 -8.13 -13.76 -12.09
CA SER B 33 -9.54 -13.44 -12.32
C SER B 33 -9.74 -11.92 -12.31
N ILE B 34 -9.17 -11.25 -13.31
CA ILE B 34 -9.23 -9.80 -13.45
C ILE B 34 -9.62 -9.38 -14.86
N VAL B 35 -10.33 -8.27 -14.93
CA VAL B 35 -10.73 -7.61 -16.17
C VAL B 35 -10.24 -6.17 -16.03
N GLY B 36 -9.45 -5.72 -16.99
CA GLY B 36 -8.90 -4.39 -16.99
C GLY B 36 -9.48 -3.49 -18.06
N ARG B 37 -9.85 -2.28 -17.68
CA ARG B 37 -10.44 -1.28 -18.58
C ARG B 37 -9.56 -0.05 -18.65
N PRO B 38 -9.39 0.55 -19.85
CA PRO B 38 -8.51 1.72 -19.96
C PRO B 38 -8.89 2.88 -19.05
N ARG B 39 -7.87 3.52 -18.49
CA ARG B 39 -8.10 4.66 -17.57
C ARG B 39 -8.67 5.84 -18.35
N HIS B 40 -8.20 6.08 -19.58
CA HIS B 40 -8.67 7.30 -20.32
C HIS B 40 -9.43 6.92 -21.59
N GLN B 41 -8.86 6.09 -22.46
CA GLN B 41 -9.47 5.66 -23.74
C GLN B 41 -9.47 6.82 -24.75
N GLY B 42 -8.56 6.75 -25.74
CA GLY B 42 -8.51 7.76 -26.78
C GLY B 42 -9.59 7.60 -27.84
N VAL B 43 -9.75 8.61 -28.71
CA VAL B 43 -10.77 8.55 -29.75
C VAL B 43 -10.21 8.32 -31.15
N MET B 44 -8.88 8.28 -31.32
CA MET B 44 -8.24 8.12 -32.62
C MET B 44 -8.08 6.64 -33.02
N VAL B 45 -7.95 6.36 -34.33
CA VAL B 45 -7.74 5.00 -34.81
C VAL B 45 -6.32 4.56 -34.47
N GLN B 49 -6.92 -0.27 -29.40
CA GLN B 49 -8.17 0.35 -28.93
C GLN B 49 -9.09 -0.63 -28.20
N LYS B 50 -8.55 -1.78 -27.72
CA LYS B 50 -9.35 -2.77 -27.00
C LYS B 50 -9.90 -2.18 -25.72
N ASP B 51 -11.22 -2.21 -25.57
CA ASP B 51 -11.88 -1.65 -24.39
C ASP B 51 -11.81 -2.54 -23.14
N SER B 52 -11.40 -3.81 -23.30
CA SER B 52 -11.29 -4.71 -22.16
C SER B 52 -10.11 -5.68 -22.34
N TYR B 53 -9.44 -6.02 -21.23
CA TYR B 53 -8.31 -6.94 -21.22
C TYR B 53 -8.53 -7.96 -20.11
N VAL B 54 -8.30 -9.24 -20.36
CA VAL B 54 -8.54 -10.28 -19.34
C VAL B 54 -7.24 -10.98 -18.93
N GLY B 55 -7.19 -11.42 -17.68
CA GLY B 55 -6.09 -12.22 -17.13
C GLY B 55 -4.73 -11.60 -17.14
N ASP B 56 -3.75 -12.34 -17.71
CA ASP B 56 -2.33 -11.97 -17.82
C ASP B 56 -2.13 -10.60 -18.46
N GLU B 57 -2.83 -10.34 -19.59
CA GLU B 57 -2.72 -9.08 -20.32
C GLU B 57 -3.19 -7.89 -19.48
N ALA B 58 -4.27 -8.04 -18.71
CA ALA B 58 -4.73 -6.97 -17.83
C ALA B 58 -3.69 -6.63 -16.75
N GLN B 59 -3.04 -7.65 -16.19
CA GLN B 59 -1.99 -7.46 -15.18
C GLN B 59 -0.75 -6.82 -15.82
N SER B 60 -0.38 -7.30 -17.00
CA SER B 60 0.78 -6.80 -17.72
C SER B 60 0.57 -5.33 -18.09
N LYS B 61 -0.65 -4.96 -18.48
CA LYS B 61 -0.96 -3.58 -18.85
C LYS B 61 -1.56 -2.76 -17.70
N ARG B 62 -1.33 -3.18 -16.43
CA ARG B 62 -1.84 -2.53 -15.21
C ARG B 62 -1.76 -1.00 -15.24
N GLY B 63 -0.64 -0.46 -15.72
CA GLY B 63 -0.39 0.97 -15.78
C GLY B 63 -1.42 1.84 -16.46
N ILE B 64 -2.00 1.38 -17.57
CA ILE B 64 -3.01 2.14 -18.29
C ILE B 64 -4.44 1.63 -18.04
N LEU B 65 -4.64 0.76 -17.03
CA LEU B 65 -5.94 0.19 -16.76
C LEU B 65 -6.36 0.29 -15.30
N THR B 66 -7.66 0.20 -15.08
CA THR B 66 -8.27 0.04 -13.78
C THR B 66 -8.67 -1.42 -13.77
N LEU B 67 -8.24 -2.17 -12.75
CA LEU B 67 -8.54 -3.61 -12.68
C LEU B 67 -9.71 -3.92 -11.77
N LYS B 68 -10.56 -4.85 -12.20
CA LYS B 68 -11.73 -5.27 -11.43
C LYS B 68 -11.71 -6.79 -11.23
N TYR B 69 -12.18 -7.23 -10.06
CA TYR B 69 -12.26 -8.65 -9.74
C TYR B 69 -13.75 -9.05 -9.82
N PRO B 70 -14.15 -9.82 -10.84
CA PRO B 70 -15.57 -10.19 -10.95
C PRO B 70 -16.07 -11.17 -9.89
N ILE B 71 -15.15 -11.84 -9.18
CA ILE B 71 -15.53 -12.80 -8.15
C ILE B 71 -15.07 -12.31 -6.77
N GLU B 72 -16.03 -12.09 -5.87
CA GLU B 72 -15.75 -11.63 -4.52
C GLU B 72 -16.16 -12.71 -3.54
N HIS B 73 -15.21 -13.19 -2.71
CA HIS B 73 -15.42 -14.22 -1.71
C HIS B 73 -15.96 -15.50 -2.31
N GLY B 74 -15.49 -15.86 -3.50
CA GLY B 74 -15.92 -17.07 -4.18
C GLY B 74 -17.23 -16.95 -4.95
N ILE B 75 -17.91 -15.79 -4.84
CA ILE B 75 -19.20 -15.54 -5.49
C ILE B 75 -19.06 -14.60 -6.67
N ILE B 76 -19.65 -14.94 -7.85
CA ILE B 76 -19.61 -14.04 -9.00
C ILE B 76 -20.50 -12.82 -8.74
N THR B 77 -19.94 -11.61 -8.77
CA THR B 77 -20.71 -10.38 -8.51
C THR B 77 -20.83 -9.47 -9.74
N ASN B 78 -19.89 -9.57 -10.69
CA ASN B 78 -19.95 -8.77 -11.91
C ASN B 78 -20.09 -9.70 -13.11
N TRP B 79 -21.33 -9.93 -13.54
CA TRP B 79 -21.65 -10.86 -14.62
C TRP B 79 -21.14 -10.45 -15.97
N ASP B 80 -21.10 -9.14 -16.26
CA ASP B 80 -20.57 -8.66 -17.53
C ASP B 80 -19.08 -8.92 -17.59
N ASP B 81 -18.36 -8.71 -16.47
CA ASP B 81 -16.95 -9.00 -16.43
C ASP B 81 -16.67 -10.51 -16.39
N MET B 82 -17.56 -11.29 -15.75
CA MET B 82 -17.41 -12.74 -15.73
C MET B 82 -17.56 -13.35 -17.13
N GLU B 83 -18.45 -12.76 -17.96
CA GLU B 83 -18.62 -13.21 -19.35
C GLU B 83 -17.31 -13.02 -20.12
N LYS B 84 -16.61 -11.90 -19.87
CA LYS B 84 -15.33 -11.63 -20.55
C LYS B 84 -14.30 -12.68 -20.19
N ILE B 85 -14.26 -13.07 -18.90
CA ILE B 85 -13.38 -14.10 -18.38
C ILE B 85 -13.67 -15.44 -19.02
N TRP B 86 -14.94 -15.83 -19.07
CA TRP B 86 -15.32 -17.09 -19.71
C TRP B 86 -15.03 -17.07 -21.21
N HIS B 87 -15.29 -15.94 -21.90
CA HIS B 87 -15.00 -15.82 -23.34
C HIS B 87 -13.51 -15.98 -23.59
N HIS B 88 -12.69 -15.31 -22.78
CA HIS B 88 -11.24 -15.41 -22.85
C HIS B 88 -10.76 -16.84 -22.55
N THR B 89 -11.38 -17.51 -21.57
CA THR B 89 -11.04 -18.90 -21.23
C THR B 89 -11.26 -19.83 -22.43
N PHE B 90 -12.46 -19.80 -23.05
CA PHE B 90 -12.77 -20.66 -24.19
C PHE B 90 -11.94 -20.32 -25.43
N TYR B 91 -12.05 -19.09 -25.91
CA TYR B 91 -11.48 -18.69 -27.18
C TYR B 91 -10.00 -18.37 -27.19
N ASN B 92 -9.47 -17.77 -26.11
CA ASN B 92 -8.06 -17.41 -26.08
C ASN B 92 -7.19 -18.42 -25.35
N GLU B 93 -7.62 -18.91 -24.19
CA GLU B 93 -6.82 -19.84 -23.39
C GLU B 93 -6.91 -21.29 -23.85
N LEU B 94 -8.12 -21.87 -23.89
CA LEU B 94 -8.29 -23.25 -24.30
C LEU B 94 -8.35 -23.44 -25.82
N ARG B 95 -8.66 -22.35 -26.58
CA ARG B 95 -8.79 -22.32 -28.05
C ARG B 95 -9.80 -23.36 -28.53
N VAL B 96 -10.95 -23.40 -27.89
CA VAL B 96 -11.99 -24.36 -28.24
C VAL B 96 -13.27 -23.60 -28.64
N ALA B 97 -14.21 -24.31 -29.26
CA ALA B 97 -15.51 -23.74 -29.58
C ALA B 97 -16.42 -24.29 -28.48
N PRO B 98 -16.93 -23.41 -27.59
CA PRO B 98 -17.72 -23.90 -26.45
C PRO B 98 -18.99 -24.66 -26.82
N GLU B 99 -19.55 -24.42 -28.01
CA GLU B 99 -20.74 -25.16 -28.46
C GLU B 99 -20.50 -26.66 -28.68
N GLU B 100 -19.24 -27.08 -28.76
CA GLU B 100 -18.89 -28.47 -28.96
C GLU B 100 -18.46 -29.21 -27.68
N HIS B 101 -18.36 -28.50 -26.54
CA HIS B 101 -17.87 -29.14 -25.31
C HIS B 101 -18.77 -29.02 -24.13
N PRO B 102 -19.13 -30.15 -23.49
CA PRO B 102 -19.84 -30.07 -22.20
C PRO B 102 -18.92 -29.38 -21.18
N THR B 103 -19.46 -28.48 -20.36
CA THR B 103 -18.60 -27.70 -19.45
C THR B 103 -18.95 -27.83 -17.96
N LEU B 104 -17.97 -28.29 -17.16
CA LEU B 104 -18.16 -28.36 -15.72
C LEU B 104 -17.60 -27.06 -15.15
N LEU B 105 -18.43 -26.35 -14.38
CA LEU B 105 -18.01 -25.13 -13.70
C LEU B 105 -18.02 -25.42 -12.21
N THR B 106 -17.20 -24.67 -11.46
CA THR B 106 -17.19 -24.85 -10.01
C THR B 106 -17.91 -23.69 -9.33
N GLU B 107 -18.37 -23.93 -8.12
CA GLU B 107 -19.02 -22.91 -7.33
C GLU B 107 -18.59 -23.01 -5.89
N ALA B 108 -18.68 -21.90 -5.19
CA ALA B 108 -18.37 -21.85 -3.77
C ALA B 108 -19.48 -22.57 -3.03
N PRO B 109 -19.17 -23.18 -1.88
CA PRO B 109 -20.25 -23.70 -1.01
C PRO B 109 -21.20 -22.56 -0.64
N LEU B 110 -22.51 -22.84 -0.57
CA LEU B 110 -23.50 -21.83 -0.23
C LEU B 110 -23.70 -20.80 -1.35
N ASN B 111 -23.35 -21.14 -2.61
CA ASN B 111 -23.55 -20.20 -3.72
C ASN B 111 -25.06 -19.98 -3.89
N PRO B 112 -25.55 -18.73 -3.85
CA PRO B 112 -27.00 -18.50 -3.96
C PRO B 112 -27.61 -19.13 -5.21
N LYS B 113 -28.86 -19.56 -5.12
CA LYS B 113 -29.56 -20.19 -6.24
C LYS B 113 -29.62 -19.27 -7.47
N ALA B 114 -29.86 -17.97 -7.26
CA ALA B 114 -29.92 -17.00 -8.36
C ALA B 114 -28.59 -16.92 -9.11
N ASN B 115 -27.45 -17.11 -8.39
CA ASN B 115 -26.13 -17.07 -9.00
C ASN B 115 -25.91 -18.26 -9.92
N ARG B 116 -26.24 -19.48 -9.45
CA ARG B 116 -26.08 -20.67 -10.30
C ARG B 116 -27.01 -20.66 -11.51
N GLU B 117 -28.19 -20.03 -11.38
CA GLU B 117 -29.15 -19.93 -12.46
C GLU B 117 -28.62 -18.97 -13.50
N LYS B 118 -28.09 -17.82 -13.06
CA LYS B 118 -27.49 -16.83 -13.95
C LYS B 118 -26.29 -17.43 -14.69
N MET B 119 -25.51 -18.27 -14.01
CA MET B 119 -24.34 -18.99 -14.53
C MET B 119 -24.80 -19.98 -15.61
N THR B 120 -25.93 -20.67 -15.37
CA THR B 120 -26.52 -21.63 -16.30
C THR B 120 -27.08 -20.92 -17.54
N GLN B 121 -27.71 -19.76 -17.34
CA GLN B 121 -28.27 -18.94 -18.41
C GLN B 121 -27.17 -18.46 -19.34
N ILE B 122 -26.03 -18.00 -18.78
CA ILE B 122 -24.91 -17.52 -19.60
C ILE B 122 -24.28 -18.66 -20.40
N MET B 123 -24.06 -19.82 -19.78
CA MET B 123 -23.45 -20.96 -20.47
C MET B 123 -24.27 -21.43 -21.68
N PHE B 124 -25.58 -21.56 -21.51
CA PHE B 124 -26.45 -22.02 -22.58
C PHE B 124 -26.82 -20.94 -23.60
N GLU B 125 -27.18 -19.73 -23.17
CA GLU B 125 -27.57 -18.66 -24.11
C GLU B 125 -26.40 -17.91 -24.75
N THR B 126 -25.39 -17.54 -23.95
CA THR B 126 -24.25 -16.79 -24.47
C THR B 126 -23.20 -17.69 -25.12
N PHE B 127 -22.89 -18.85 -24.51
CA PHE B 127 -21.84 -19.71 -25.07
C PHE B 127 -22.37 -20.94 -25.83
N ASN B 128 -23.68 -21.22 -25.74
CA ASN B 128 -24.31 -22.36 -26.44
C ASN B 128 -23.63 -23.70 -26.15
N VAL B 129 -23.33 -24.01 -24.88
CA VAL B 129 -22.68 -25.28 -24.53
C VAL B 129 -23.68 -26.42 -24.74
N PRO B 130 -23.21 -27.61 -25.18
CA PRO B 130 -24.15 -28.73 -25.36
C PRO B 130 -24.69 -29.28 -24.04
N ALA B 131 -23.89 -29.18 -22.97
CA ALA B 131 -24.24 -29.67 -21.65
C ALA B 131 -23.38 -28.97 -20.59
N MET B 132 -23.87 -28.97 -19.34
CA MET B 132 -23.12 -28.35 -18.26
C MET B 132 -23.43 -28.97 -16.91
N TYR B 133 -22.51 -28.80 -15.97
CA TYR B 133 -22.66 -29.28 -14.61
C TYR B 133 -21.98 -28.27 -13.67
N VAL B 134 -22.59 -27.99 -12.52
CA VAL B 134 -22.00 -27.07 -11.55
C VAL B 134 -21.63 -27.90 -10.31
N ALA B 135 -20.35 -27.90 -9.93
CA ALA B 135 -19.92 -28.69 -8.77
C ALA B 135 -19.40 -27.80 -7.64
N ILE B 136 -19.58 -28.23 -6.39
CA ILE B 136 -19.09 -27.50 -5.23
C ILE B 136 -17.58 -27.74 -5.15
N GLN B 137 -16.81 -26.65 -5.10
CA GLN B 137 -15.34 -26.70 -5.10
C GLN B 137 -14.74 -27.66 -4.05
N ALA B 138 -15.17 -27.57 -2.77
CA ALA B 138 -14.61 -28.43 -1.73
C ALA B 138 -14.90 -29.91 -1.92
N VAL B 139 -16.05 -30.26 -2.51
CA VAL B 139 -16.40 -31.63 -2.80
C VAL B 139 -15.42 -32.20 -3.85
N LEU B 140 -15.07 -31.40 -4.86
CA LEU B 140 -14.12 -31.82 -5.88
C LEU B 140 -12.74 -32.09 -5.26
N SER B 141 -12.31 -31.29 -4.26
CA SER B 141 -11.03 -31.52 -3.58
C SER B 141 -10.99 -32.85 -2.88
N LEU B 142 -12.11 -33.25 -2.28
CA LEU B 142 -12.21 -34.53 -1.59
C LEU B 142 -12.06 -35.66 -2.60
N TYR B 143 -12.71 -35.55 -3.78
CA TYR B 143 -12.60 -36.54 -4.86
C TYR B 143 -11.15 -36.64 -5.36
N ALA B 144 -10.44 -35.50 -5.47
CA ALA B 144 -9.04 -35.51 -5.92
C ALA B 144 -8.14 -36.30 -4.96
N SER B 145 -8.55 -36.51 -3.71
CA SER B 145 -7.77 -37.33 -2.78
C SER B 145 -8.24 -38.80 -2.73
N GLY B 146 -9.16 -39.19 -3.61
CA GLY B 146 -9.69 -40.55 -3.67
C GLY B 146 -10.75 -40.84 -2.61
N ARG B 147 -11.41 -39.79 -2.10
CA ARG B 147 -12.41 -39.97 -1.06
C ARG B 147 -13.77 -39.41 -1.43
N THR B 148 -14.81 -39.97 -0.82
CA THR B 148 -16.18 -39.47 -0.92
C THR B 148 -16.72 -39.06 0.47
N THR B 149 -15.97 -39.31 1.55
CA THR B 149 -16.34 -38.93 2.91
C THR B 149 -15.14 -38.24 3.56
N GLY B 150 -15.41 -37.17 4.29
CA GLY B 150 -14.39 -36.40 4.99
C GLY B 150 -14.75 -34.95 5.12
N ILE B 151 -13.88 -34.15 5.75
CA ILE B 151 -14.15 -32.72 5.89
C ILE B 151 -13.04 -31.91 5.20
N VAL B 152 -13.45 -31.01 4.30
CA VAL B 152 -12.50 -30.20 3.57
C VAL B 152 -12.35 -28.82 4.16
N LEU B 153 -11.11 -28.34 4.31
CA LEU B 153 -10.82 -26.96 4.62
C LEU B 153 -10.31 -26.45 3.27
N ASP B 154 -11.08 -25.61 2.59
CA ASP B 154 -10.68 -25.05 1.29
C ASP B 154 -10.41 -23.56 1.52
N SER B 155 -9.15 -23.14 1.40
CA SER B 155 -8.81 -21.73 1.61
C SER B 155 -8.06 -21.20 0.38
N GLY B 156 -8.66 -20.25 -0.30
CA GLY B 156 -8.09 -19.69 -1.50
C GLY B 156 -7.62 -18.26 -1.32
N ASP B 157 -7.96 -17.41 -2.27
CA ASP B 157 -7.57 -16.01 -2.22
C ASP B 157 -8.63 -15.12 -1.60
N GLY B 158 -9.91 -15.46 -1.78
CA GLY B 158 -11.00 -14.61 -1.32
C GLY B 158 -11.87 -15.12 -0.20
N VAL B 159 -11.93 -16.45 -0.01
CA VAL B 159 -12.76 -17.02 1.05
C VAL B 159 -12.20 -18.40 1.49
N THR B 160 -12.52 -18.78 2.71
CA THR B 160 -12.17 -20.05 3.32
C THR B 160 -13.45 -20.78 3.76
N HIS B 161 -13.55 -22.08 3.53
CA HIS B 161 -14.71 -22.85 3.95
C HIS B 161 -14.32 -24.14 4.62
N ASN B 162 -15.20 -24.62 5.50
CA ASN B 162 -15.15 -25.94 6.09
C ASN B 162 -16.37 -26.65 5.52
N VAL B 163 -16.13 -27.75 4.81
CA VAL B 163 -17.21 -28.50 4.20
C VAL B 163 -17.15 -29.96 4.58
N PRO B 164 -18.03 -30.40 5.52
CA PRO B 164 -18.12 -31.83 5.84
C PRO B 164 -18.96 -32.55 4.77
N ILE B 165 -18.43 -33.66 4.26
CA ILE B 165 -19.04 -34.41 3.17
C ILE B 165 -19.22 -35.88 3.57
N TYR B 166 -20.34 -36.46 3.22
CA TYR B 166 -20.63 -37.85 3.52
C TYR B 166 -21.11 -38.54 2.26
N GLU B 167 -20.38 -39.56 1.82
CA GLU B 167 -20.69 -40.34 0.62
C GLU B 167 -21.04 -39.49 -0.61
N GLY B 168 -20.19 -38.51 -0.90
CA GLY B 168 -20.35 -37.67 -2.07
C GLY B 168 -21.17 -36.41 -1.88
N TYR B 169 -21.86 -36.29 -0.75
CA TYR B 169 -22.73 -35.12 -0.51
C TYR B 169 -22.29 -34.24 0.64
N ALA B 170 -22.23 -32.94 0.36
CA ALA B 170 -21.91 -31.91 1.36
C ALA B 170 -23.08 -31.83 2.34
N LEU B 171 -22.78 -31.65 3.63
CA LEU B 171 -23.82 -31.54 4.69
C LEU B 171 -24.04 -30.04 4.90
N PRO B 172 -25.03 -29.46 4.22
CA PRO B 172 -25.16 -27.99 4.17
C PRO B 172 -25.27 -27.26 5.50
N HIS B 173 -25.97 -27.84 6.46
CA HIS B 173 -26.15 -27.24 7.76
C HIS B 173 -24.83 -27.07 8.52
N ALA B 174 -23.83 -27.90 8.25
CA ALA B 174 -22.55 -27.82 8.95
C ALA B 174 -21.42 -27.09 8.18
N ILE B 175 -21.73 -26.53 7.01
CA ILE B 175 -20.75 -25.77 6.22
C ILE B 175 -20.42 -24.48 6.95
N MET B 176 -19.13 -24.17 7.11
CA MET B 176 -18.68 -22.95 7.77
C MET B 176 -17.97 -22.07 6.75
N ARG B 177 -18.24 -20.77 6.77
CA ARG B 177 -17.60 -19.82 5.90
C ARG B 177 -16.82 -18.84 6.76
N LEU B 178 -15.57 -18.58 6.38
CA LEU B 178 -14.71 -17.65 7.06
C LEU B 178 -14.21 -16.74 5.94
N ASP B 179 -14.53 -15.44 6.01
CA ASP B 179 -14.18 -14.52 4.94
C ASP B 179 -12.66 -14.26 4.78
N LEU B 180 -11.89 -14.60 5.80
CA LEU B 180 -10.44 -14.49 5.81
C LEU B 180 -9.81 -15.51 4.83
N ALA B 181 -8.97 -15.01 3.91
CA ALA B 181 -8.27 -15.87 2.97
C ALA B 181 -6.90 -15.20 2.54
N GLY B 182 -6.21 -15.71 1.50
CA GLY B 182 -4.92 -15.24 1.04
C GLY B 182 -4.74 -13.75 0.90
N ARG B 183 -5.70 -13.06 0.26
CA ARG B 183 -5.61 -11.61 0.06
C ARG B 183 -5.57 -10.85 1.37
N ASP B 184 -6.37 -11.26 2.36
CA ASP B 184 -6.34 -10.63 3.68
C ASP B 184 -5.01 -10.90 4.38
N LEU B 185 -4.40 -12.07 4.16
CA LEU B 185 -3.09 -12.38 4.74
C LEU B 185 -2.00 -11.52 4.12
N THR B 186 -2.09 -11.26 2.80
CA THR B 186 -1.12 -10.39 2.12
C THR B 186 -1.27 -8.94 2.65
N ASP B 187 -2.52 -8.44 2.79
CA ASP B 187 -2.77 -7.09 3.34
C ASP B 187 -2.20 -6.97 4.76
N TYR B 188 -2.34 -8.03 5.55
CA TYR B 188 -1.84 -8.06 6.91
C TYR B 188 -0.30 -8.08 6.91
N LEU B 189 0.32 -8.82 5.98
CA LEU B 189 1.76 -8.84 5.88
C LEU B 189 2.27 -7.43 5.46
N MET B 190 1.57 -6.74 4.54
CA MET B 190 1.93 -5.36 4.15
C MET B 190 1.91 -4.43 5.37
N LYS B 191 0.87 -4.57 6.20
CA LYS B 191 0.66 -3.80 7.40
C LYS B 191 1.78 -4.04 8.45
N ILE B 192 2.04 -5.31 8.83
CA ILE B 192 3.07 -5.59 9.83
C ILE B 192 4.48 -5.38 9.32
N LEU B 193 4.69 -5.26 7.99
CA LEU B 193 6.03 -4.95 7.48
C LEU B 193 6.41 -3.47 7.78
N THR B 194 5.41 -2.58 7.97
CA THR B 194 5.63 -1.20 8.40
C THR B 194 6.39 -1.20 9.73
N GLU B 195 6.20 -2.25 10.58
CA GLU B 195 6.86 -2.41 11.88
C GLU B 195 8.39 -2.59 11.78
N ARG B 196 8.96 -2.64 10.54
CA ARG B 196 10.40 -2.70 10.21
C ARG B 196 10.86 -1.50 9.34
N GLY B 197 10.01 -0.49 9.21
CA GLY B 197 10.32 0.68 8.41
C GLY B 197 10.10 0.48 6.93
N TYR B 198 9.52 -0.67 6.51
CA TYR B 198 9.23 -0.93 5.09
C TYR B 198 7.85 -0.38 4.75
N SER B 199 7.68 0.12 3.52
CA SER B 199 6.40 0.68 3.11
C SER B 199 5.90 0.12 1.80
N PHE B 200 5.01 -0.88 1.88
CA PHE B 200 4.38 -1.46 0.70
C PHE B 200 2.93 -0.98 0.75
N VAL B 201 2.47 -0.24 -0.27
CA VAL B 201 1.10 0.31 -0.24
C VAL B 201 0.31 0.07 -1.52
N THR B 202 0.93 0.31 -2.67
CA THR B 202 0.27 0.22 -3.97
C THR B 202 -0.13 -1.25 -4.38
N THR B 203 -0.84 -1.39 -5.51
CA THR B 203 -1.27 -2.63 -6.12
C THR B 203 -0.04 -3.44 -6.55
N ALA B 204 0.98 -2.76 -7.12
CA ALA B 204 2.21 -3.43 -7.54
C ALA B 204 2.98 -3.90 -6.32
N GLU B 205 3.03 -3.08 -5.26
CA GLU B 205 3.73 -3.45 -4.03
C GLU B 205 3.03 -4.58 -3.29
N ARG B 206 1.70 -4.66 -3.40
CA ARG B 206 0.87 -5.71 -2.81
C ARG B 206 1.28 -7.07 -3.43
N GLU B 207 1.63 -7.08 -4.73
CA GLU B 207 2.10 -8.27 -5.43
C GLU B 207 3.46 -8.73 -4.95
N ILE B 208 4.35 -7.80 -4.61
CA ILE B 208 5.68 -8.17 -4.07
C ILE B 208 5.49 -8.83 -2.69
N VAL B 209 4.58 -8.28 -1.87
CA VAL B 209 4.30 -8.81 -0.55
C VAL B 209 3.67 -10.18 -0.64
N ARG B 210 2.76 -10.40 -1.62
CA ARG B 210 2.17 -11.72 -1.88
C ARG B 210 3.28 -12.74 -2.18
N ASP B 211 4.28 -12.35 -2.97
CA ASP B 211 5.39 -13.24 -3.29
C ASP B 211 6.27 -13.57 -2.08
N ILE B 212 6.53 -12.56 -1.20
CA ILE B 212 7.29 -12.76 0.05
C ILE B 212 6.53 -13.78 0.92
N LYS B 213 5.21 -13.61 1.02
CA LYS B 213 4.34 -14.45 1.81
C LYS B 213 4.42 -15.90 1.33
N GLU B 214 4.26 -16.11 0.00
CA GLU B 214 4.29 -17.47 -0.57
C GLU B 214 5.65 -18.15 -0.41
N LYS B 215 6.73 -17.38 -0.40
CA LYS B 215 8.08 -17.94 -0.32
C LYS B 215 8.64 -18.10 1.09
N LEU B 216 8.33 -17.17 2.01
CA LEU B 216 8.95 -17.19 3.33
C LEU B 216 8.04 -17.44 4.51
N CYS B 217 6.72 -17.33 4.35
CA CYS B 217 5.83 -17.55 5.47
C CYS B 217 5.67 -19.03 5.85
N TYR B 218 5.42 -19.29 7.11
CA TYR B 218 5.18 -20.67 7.60
C TYR B 218 4.30 -20.62 8.84
N VAL B 219 3.68 -21.73 9.19
CA VAL B 219 2.86 -21.82 10.38
C VAL B 219 3.67 -22.45 11.53
N ALA B 220 3.82 -21.66 12.61
CA ALA B 220 4.52 -22.10 13.80
C ALA B 220 3.71 -23.18 14.51
N LEU B 221 4.38 -24.22 14.99
CA LEU B 221 3.70 -25.27 15.74
C LEU B 221 3.23 -24.73 17.10
N ASP B 222 4.05 -23.87 17.72
CA ASP B 222 3.73 -23.22 18.97
C ASP B 222 3.99 -21.73 18.75
N PHE B 223 2.94 -20.94 18.52
CA PHE B 223 3.08 -19.51 18.23
C PHE B 223 3.82 -18.70 19.31
N GLU B 224 3.42 -18.84 20.57
CA GLU B 224 4.06 -18.08 21.66
C GLU B 224 5.54 -18.42 21.79
N ASN B 225 5.91 -19.72 21.68
CA ASN B 225 7.33 -20.12 21.73
C ASN B 225 8.09 -19.59 20.55
N GLU B 226 7.46 -19.56 19.37
CA GLU B 226 8.11 -19.02 18.18
C GLU B 226 8.34 -17.53 18.31
N MET B 227 7.38 -16.80 18.92
CA MET B 227 7.55 -15.37 19.14
C MET B 227 8.73 -15.13 20.11
N ALA B 228 8.86 -16.00 21.16
CA ALA B 228 9.96 -15.92 22.13
C ALA B 228 11.31 -16.18 21.47
N THR B 229 11.37 -17.15 20.53
CA THR B 229 12.58 -17.50 19.77
C THR B 229 13.01 -16.32 18.89
N ALA B 230 12.07 -15.75 18.12
CA ALA B 230 12.33 -14.60 17.23
C ALA B 230 12.77 -13.34 18.03
N ALA B 231 12.31 -13.21 19.27
CA ALA B 231 12.64 -12.09 20.13
C ALA B 231 14.05 -12.18 20.74
N SER B 232 14.55 -13.39 20.96
CA SER B 232 15.86 -13.55 21.61
C SER B 232 17.00 -13.94 20.68
N SER B 233 16.71 -14.18 19.40
CA SER B 233 17.75 -14.54 18.43
C SER B 233 17.32 -14.14 17.00
N SER B 234 18.23 -14.27 16.04
CA SER B 234 17.96 -13.97 14.64
C SER B 234 17.86 -15.25 13.78
N SER B 235 17.80 -16.45 14.40
CA SER B 235 17.73 -17.76 13.76
C SER B 235 16.53 -17.96 12.83
N LEU B 236 15.44 -17.22 13.06
CA LEU B 236 14.26 -17.32 12.22
C LEU B 236 14.19 -16.25 11.12
N GLU B 237 15.23 -15.43 10.97
CA GLU B 237 15.24 -14.39 9.95
C GLU B 237 15.62 -14.90 8.58
N LYS B 238 15.07 -14.26 7.54
CA LYS B 238 15.31 -14.60 6.14
C LYS B 238 15.44 -13.33 5.32
N SER B 239 16.23 -13.39 4.26
CA SER B 239 16.42 -12.25 3.38
C SER B 239 15.57 -12.41 2.12
N TYR B 240 15.16 -11.30 1.51
CA TYR B 240 14.38 -11.34 0.28
C TYR B 240 14.79 -10.18 -0.58
N GLU B 241 15.15 -10.46 -1.83
CA GLU B 241 15.56 -9.42 -2.76
C GLU B 241 14.36 -8.91 -3.53
N LEU B 242 14.09 -7.61 -3.42
CA LEU B 242 13.03 -6.95 -4.16
C LEU B 242 13.41 -6.90 -5.66
N PRO B 243 12.45 -6.64 -6.58
CA PRO B 243 12.80 -6.61 -8.01
C PRO B 243 13.96 -5.68 -8.35
N ASP B 244 14.03 -4.51 -7.67
CA ASP B 244 15.05 -3.48 -7.85
C ASP B 244 16.41 -3.74 -7.16
N GLY B 245 16.65 -4.96 -6.72
CA GLY B 245 17.92 -5.31 -6.08
C GLY B 245 18.03 -5.06 -4.59
N GLN B 246 17.14 -4.23 -4.00
CA GLN B 246 17.18 -3.95 -2.55
C GLN B 246 16.86 -5.22 -1.74
N VAL B 247 17.71 -5.56 -0.75
CA VAL B 247 17.48 -6.74 0.07
C VAL B 247 16.86 -6.40 1.42
N ILE B 248 15.69 -6.98 1.72
CA ILE B 248 15.02 -6.76 2.99
C ILE B 248 15.07 -7.99 3.88
N THR B 249 14.87 -7.81 5.20
CA THR B 249 14.91 -8.89 6.17
C THR B 249 13.54 -9.10 6.82
N ILE B 250 13.11 -10.35 6.92
CA ILE B 250 11.84 -10.78 7.49
C ILE B 250 12.15 -11.64 8.72
N GLY B 251 11.45 -11.40 9.82
CA GLY B 251 11.66 -12.16 11.05
C GLY B 251 10.42 -12.86 11.53
N ASN B 252 9.79 -12.34 12.62
CA ASN B 252 8.58 -12.98 13.14
C ASN B 252 7.34 -12.82 12.20
N GLU B 253 7.41 -11.89 11.22
CA GLU B 253 6.34 -11.70 10.24
C GLU B 253 6.09 -12.98 9.45
N ARG B 254 7.12 -13.83 9.28
CA ARG B 254 7.06 -15.10 8.58
C ARG B 254 5.94 -15.96 9.13
N PHE B 255 5.79 -16.06 10.46
CA PHE B 255 4.76 -16.90 11.06
C PHE B 255 3.58 -16.12 11.62
N ARG B 256 3.75 -14.82 11.88
CA ARG B 256 2.65 -13.98 12.37
C ARG B 256 1.60 -13.82 11.29
N CYS B 257 2.00 -13.71 10.02
CA CYS B 257 1.08 -13.58 8.90
C CYS B 257 0.09 -14.79 8.82
N PRO B 258 0.52 -16.07 8.60
CA PRO B 258 -0.47 -17.17 8.57
C PRO B 258 -1.08 -17.52 9.94
N GLU B 259 -0.52 -16.99 11.05
CA GLU B 259 -1.10 -17.22 12.38
C GLU B 259 -2.54 -16.67 12.44
N THR B 260 -2.83 -15.60 11.63
CA THR B 260 -4.13 -14.99 11.46
C THR B 260 -5.20 -16.03 11.12
N LEU B 261 -4.86 -17.12 10.40
CA LEU B 261 -5.84 -18.18 10.09
C LEU B 261 -6.37 -18.83 11.38
N PHE B 262 -5.49 -19.02 12.36
CA PHE B 262 -5.78 -19.62 13.66
C PHE B 262 -6.28 -18.57 14.69
N GLN B 263 -5.86 -17.30 14.53
CA GLN B 263 -6.20 -16.17 15.39
C GLN B 263 -6.68 -14.99 14.55
N PRO B 264 -7.94 -15.02 14.05
CA PRO B 264 -8.41 -13.93 13.18
C PRO B 264 -8.47 -12.54 13.83
N SER B 265 -8.36 -12.48 15.17
CA SER B 265 -8.35 -11.19 15.88
C SER B 265 -7.13 -10.33 15.48
N PHE B 266 -6.07 -10.96 14.92
CA PHE B 266 -4.88 -10.26 14.40
C PHE B 266 -5.31 -9.24 13.32
N ILE B 267 -6.38 -9.52 12.54
CA ILE B 267 -6.87 -8.57 11.54
C ILE B 267 -8.23 -7.91 11.91
N GLY B 268 -8.59 -7.96 13.19
CA GLY B 268 -9.83 -7.34 13.66
C GLY B 268 -11.08 -8.16 13.53
N MET B 269 -10.94 -9.45 13.19
CA MET B 269 -12.11 -10.32 13.04
C MET B 269 -12.47 -11.08 14.32
N GLU B 270 -13.75 -11.08 14.71
CA GLU B 270 -14.19 -11.79 15.91
C GLU B 270 -14.39 -13.32 15.68
N SER B 271 -14.23 -13.77 14.45
CA SER B 271 -14.40 -15.16 14.06
C SER B 271 -13.43 -16.12 14.77
N ALA B 272 -13.85 -17.39 14.88
CA ALA B 272 -13.02 -18.46 15.42
C ALA B 272 -11.97 -18.85 14.33
N GLY B 273 -10.84 -19.38 14.75
CA GLY B 273 -9.78 -19.81 13.85
C GLY B 273 -10.15 -21.05 13.06
N ILE B 274 -9.38 -21.38 12.01
CA ILE B 274 -9.65 -22.53 11.12
C ILE B 274 -9.68 -23.88 11.85
N HIS B 275 -8.95 -24.01 12.95
CA HIS B 275 -8.97 -25.22 13.75
C HIS B 275 -10.34 -25.33 14.49
N GLU B 276 -10.85 -24.19 15.00
CA GLU B 276 -12.11 -24.10 15.71
C GLU B 276 -13.28 -24.29 14.80
N THR B 277 -13.30 -23.64 13.60
CA THR B 277 -14.39 -23.84 12.66
C THR B 277 -14.42 -25.30 12.16
N THR B 278 -13.26 -25.97 12.07
CA THR B 278 -13.22 -27.37 11.63
C THR B 278 -13.91 -28.24 12.68
N TYR B 279 -13.56 -28.03 13.95
CA TYR B 279 -14.11 -28.77 15.09
C TYR B 279 -15.61 -28.49 15.23
N ASN B 280 -16.03 -27.23 15.21
CA ASN B 280 -17.44 -26.87 15.30
C ASN B 280 -18.23 -27.45 14.13
N SER B 281 -17.62 -27.56 12.94
CA SER B 281 -18.28 -28.12 11.78
C SER B 281 -18.52 -29.61 11.99
N ILE B 282 -17.49 -30.35 12.47
CA ILE B 282 -17.63 -31.77 12.74
C ILE B 282 -18.70 -32.00 13.83
N MET B 283 -18.72 -31.15 14.88
CA MET B 283 -19.69 -31.26 15.97
C MET B 283 -21.14 -31.03 15.52
N LYS B 284 -21.38 -30.31 14.40
CA LYS B 284 -22.74 -30.14 13.88
C LYS B 284 -23.22 -31.38 13.06
N CYS B 285 -22.34 -32.35 12.83
CA CYS B 285 -22.68 -33.55 12.07
C CYS B 285 -23.07 -34.70 13.00
N ASP B 286 -23.75 -35.71 12.43
CA ASP B 286 -24.18 -36.92 13.14
C ASP B 286 -22.98 -37.61 13.81
N ILE B 287 -23.09 -37.89 15.12
CA ILE B 287 -22.10 -38.58 15.99
C ILE B 287 -21.48 -39.77 15.29
N ASP B 288 -22.32 -40.58 14.63
CA ASP B 288 -21.90 -41.81 13.93
C ASP B 288 -20.96 -41.59 12.74
N ILE B 289 -20.83 -40.33 12.30
CA ILE B 289 -20.04 -39.91 11.13
C ILE B 289 -18.81 -39.06 11.53
N ARG B 290 -18.76 -38.57 12.78
CA ARG B 290 -17.68 -37.73 13.27
C ARG B 290 -16.32 -38.40 13.18
N LYS B 291 -16.23 -39.70 13.50
CA LYS B 291 -14.98 -40.44 13.40
C LYS B 291 -14.43 -40.42 11.97
N ASP B 292 -15.33 -40.49 10.97
CA ASP B 292 -14.96 -40.49 9.57
C ASP B 292 -14.51 -39.11 9.11
N LEU B 293 -14.99 -38.02 9.73
CA LEU B 293 -14.59 -36.67 9.40
C LEU B 293 -13.21 -36.36 10.01
N TYR B 294 -13.02 -36.71 11.28
CA TYR B 294 -11.78 -36.50 11.99
C TYR B 294 -10.60 -37.19 11.32
N ALA B 295 -10.83 -38.38 10.78
CA ALA B 295 -9.78 -39.16 10.14
C ALA B 295 -9.56 -38.80 8.65
N ASN B 296 -10.36 -37.90 8.09
CA ASN B 296 -10.29 -37.54 6.69
C ASN B 296 -10.44 -36.01 6.52
N ASN B 297 -9.57 -35.26 7.19
CA ASN B 297 -9.58 -33.81 7.10
C ASN B 297 -8.67 -33.46 5.93
N VAL B 298 -9.24 -33.05 4.80
CA VAL B 298 -8.47 -32.72 3.61
C VAL B 298 -8.30 -31.21 3.45
N MET B 299 -7.08 -30.76 3.23
CA MET B 299 -6.80 -29.35 2.99
C MET B 299 -6.60 -29.07 1.51
N SER B 300 -7.17 -27.95 1.05
CA SER B 300 -7.03 -27.57 -0.36
C SER B 300 -7.05 -26.04 -0.52
N GLY B 301 -6.53 -25.58 -1.64
CA GLY B 301 -6.45 -24.15 -1.93
C GLY B 301 -5.07 -23.60 -1.60
N GLY B 302 -4.73 -22.51 -2.28
CA GLY B 302 -3.45 -21.86 -2.12
C GLY B 302 -3.11 -21.43 -0.70
N THR B 303 -4.11 -20.99 0.08
CA THR B 303 -3.85 -20.51 1.44
C THR B 303 -3.62 -21.68 2.46
N THR B 304 -3.69 -22.94 2.03
CA THR B 304 -3.29 -24.06 2.89
C THR B 304 -1.84 -24.50 2.55
N MET B 305 -1.13 -23.77 1.66
CA MET B 305 0.21 -24.14 1.23
C MET B 305 1.32 -23.83 2.21
N TYR B 306 1.03 -23.12 3.32
CA TYR B 306 2.08 -22.80 4.29
C TYR B 306 2.73 -24.04 4.88
N PRO B 307 4.06 -24.09 4.89
CA PRO B 307 4.75 -25.18 5.61
C PRO B 307 4.36 -25.17 7.10
N GLY B 308 4.09 -26.34 7.67
CA GLY B 308 3.70 -26.46 9.07
C GLY B 308 2.20 -26.39 9.35
N ILE B 309 1.37 -26.03 8.33
CA ILE B 309 -0.07 -25.89 8.56
C ILE B 309 -0.76 -27.21 8.92
N ALA B 310 -0.35 -28.35 8.32
CA ALA B 310 -0.97 -29.63 8.59
C ALA B 310 -0.65 -30.09 10.00
N ASP B 311 0.59 -29.91 10.45
CA ASP B 311 1.00 -30.28 11.80
C ASP B 311 0.32 -29.41 12.85
N ARG B 312 0.15 -28.11 12.54
CA ARG B 312 -0.51 -27.21 13.48
C ARG B 312 -1.98 -27.59 13.59
N MET B 313 -2.64 -27.92 12.46
CA MET B 313 -4.04 -28.34 12.46
C MET B 313 -4.18 -29.68 13.21
N GLN B 314 -3.23 -30.60 13.02
CA GLN B 314 -3.22 -31.87 13.72
C GLN B 314 -3.18 -31.63 15.25
N LYS B 315 -2.27 -30.76 15.70
CA LYS B 315 -2.16 -30.43 17.12
C LYS B 315 -3.43 -29.73 17.65
N GLU B 316 -3.95 -28.72 16.94
CA GLU B 316 -5.12 -27.99 17.40
C GLU B 316 -6.40 -28.80 17.44
N ILE B 317 -6.66 -29.64 16.41
CA ILE B 317 -7.85 -30.48 16.39
C ILE B 317 -7.76 -31.51 17.52
N THR B 318 -6.56 -32.09 17.74
CA THR B 318 -6.32 -33.07 18.81
C THR B 318 -6.69 -32.50 20.19
N ALA B 319 -6.32 -31.25 20.45
CA ALA B 319 -6.63 -30.61 21.73
C ALA B 319 -8.12 -30.34 21.93
N LEU B 320 -8.91 -30.28 20.84
CA LEU B 320 -10.35 -30.01 20.90
C LEU B 320 -11.19 -31.29 20.89
N ALA B 321 -10.76 -32.29 20.14
CA ALA B 321 -11.44 -33.57 19.97
C ALA B 321 -11.24 -34.49 21.18
N PRO B 322 -12.15 -35.49 21.36
CA PRO B 322 -11.96 -36.46 22.44
C PRO B 322 -10.68 -37.28 22.22
N SER B 323 -10.00 -37.66 23.31
CA SER B 323 -8.73 -38.41 23.26
C SER B 323 -8.77 -39.72 22.46
N THR B 324 -9.95 -40.36 22.42
CA THR B 324 -10.13 -41.62 21.68
C THR B 324 -10.18 -41.44 20.15
N MET B 325 -10.25 -40.19 19.66
CA MET B 325 -10.40 -39.94 18.24
C MET B 325 -9.11 -39.90 17.44
N LYS B 326 -9.09 -40.60 16.29
CA LYS B 326 -7.95 -40.57 15.40
C LYS B 326 -8.12 -39.33 14.53
N ILE B 327 -7.12 -38.44 14.53
CA ILE B 327 -7.18 -37.22 13.71
C ILE B 327 -6.13 -37.33 12.62
N LYS B 328 -6.55 -37.12 11.37
CA LYS B 328 -5.62 -37.19 10.24
C LYS B 328 -5.85 -36.02 9.30
N ILE B 329 -4.76 -35.30 8.97
CA ILE B 329 -4.81 -34.17 8.04
C ILE B 329 -4.16 -34.61 6.72
N ILE B 330 -4.90 -34.54 5.61
CA ILE B 330 -4.40 -34.91 4.30
C ILE B 330 -4.15 -33.63 3.54
N ALA B 331 -2.88 -33.36 3.26
CA ALA B 331 -2.45 -32.15 2.57
C ALA B 331 -1.53 -32.52 1.39
N PRO B 332 -2.14 -32.80 0.23
CA PRO B 332 -1.35 -33.19 -0.95
C PRO B 332 -0.46 -32.04 -1.45
N PRO B 333 0.69 -32.35 -2.05
CA PRO B 333 1.57 -31.27 -2.57
C PRO B 333 0.90 -30.40 -3.65
N GLU B 334 -0.04 -30.97 -4.40
CA GLU B 334 -0.74 -30.26 -5.46
C GLU B 334 -2.09 -29.66 -5.02
N ARG B 335 -2.30 -29.49 -3.69
CA ARG B 335 -3.59 -29.05 -3.14
C ARG B 335 -4.10 -27.70 -3.61
N LYS B 336 -3.25 -26.87 -4.19
CA LYS B 336 -3.69 -25.61 -4.78
C LYS B 336 -4.60 -25.90 -6.01
N TYR B 337 -4.45 -27.09 -6.63
CA TYR B 337 -5.17 -27.50 -7.82
C TYR B 337 -6.13 -28.66 -7.61
N SER B 338 -6.37 -29.06 -6.34
CA SER B 338 -7.28 -30.17 -5.98
C SER B 338 -8.70 -29.97 -6.49
N VAL B 339 -9.21 -28.73 -6.45
CA VAL B 339 -10.58 -28.45 -6.91
C VAL B 339 -10.65 -28.77 -8.41
N TRP B 340 -9.65 -28.26 -9.18
CA TRP B 340 -9.63 -28.52 -10.60
C TRP B 340 -9.49 -30.02 -10.88
N ILE B 341 -8.56 -30.70 -10.20
CA ILE B 341 -8.33 -32.14 -10.36
C ILE B 341 -9.59 -32.96 -10.12
N GLY B 342 -10.33 -32.64 -9.05
CA GLY B 342 -11.58 -33.32 -8.72
C GLY B 342 -12.63 -33.16 -9.79
N GLY B 343 -12.69 -31.97 -10.40
CA GLY B 343 -13.59 -31.67 -11.50
C GLY B 343 -13.21 -32.47 -12.74
N SER B 344 -11.90 -32.61 -12.98
CA SER B 344 -11.42 -33.39 -14.11
C SER B 344 -11.76 -34.88 -13.90
N ILE B 345 -11.60 -35.40 -12.68
CA ILE B 345 -11.94 -36.80 -12.37
C ILE B 345 -13.45 -37.02 -12.58
N LEU B 346 -14.27 -36.13 -12.02
CA LEU B 346 -15.72 -36.25 -12.10
C LEU B 346 -16.22 -36.21 -13.54
N ALA B 347 -15.81 -35.18 -14.32
CA ALA B 347 -16.24 -34.99 -15.70
C ALA B 347 -15.68 -36.06 -16.67
N SER B 348 -14.66 -36.81 -16.28
CA SER B 348 -14.11 -37.86 -17.15
C SER B 348 -14.68 -39.26 -16.83
N LEU B 349 -15.45 -39.40 -15.76
CA LEU B 349 -16.03 -40.68 -15.38
C LEU B 349 -17.24 -40.88 -16.24
N SER B 350 -17.12 -41.72 -17.29
CA SER B 350 -18.20 -42.01 -18.24
C SER B 350 -19.49 -42.48 -17.56
N THR B 351 -19.35 -43.18 -16.43
CA THR B 351 -20.48 -43.62 -15.61
C THR B 351 -21.27 -42.45 -14.96
N PHE B 352 -20.82 -41.20 -15.17
CA PHE B 352 -21.42 -39.96 -14.68
C PHE B 352 -22.08 -39.15 -15.84
N GLN B 353 -22.06 -39.68 -17.09
CA GLN B 353 -22.64 -39.02 -18.28
C GLN B 353 -24.16 -38.78 -18.22
N GLN B 354 -24.81 -39.19 -17.14
CA GLN B 354 -26.24 -38.98 -16.98
C GLN B 354 -26.57 -37.85 -15.97
N MET B 355 -25.54 -37.21 -15.38
CA MET B 355 -25.76 -36.13 -14.41
C MET B 355 -25.67 -34.71 -15.00
N TRP B 356 -25.23 -34.58 -16.25
CA TRP B 356 -25.11 -33.27 -16.89
C TRP B 356 -26.47 -32.76 -17.35
N ILE B 357 -26.65 -31.43 -17.29
CA ILE B 357 -27.83 -30.73 -17.78
C ILE B 357 -27.59 -30.54 -19.27
N THR B 358 -28.42 -31.12 -20.14
CA THR B 358 -28.26 -30.93 -21.59
C THR B 358 -28.91 -29.63 -22.06
N LYS B 359 -28.52 -29.12 -23.25
CA LYS B 359 -29.12 -27.90 -23.78
C LYS B 359 -30.62 -28.06 -24.06
N GLN B 360 -31.05 -29.26 -24.46
CA GLN B 360 -32.46 -29.57 -24.69
C GLN B 360 -33.26 -29.38 -23.41
N GLU B 361 -32.73 -29.88 -22.27
CA GLU B 361 -33.37 -29.75 -20.96
C GLU B 361 -33.45 -28.30 -20.49
N TYR B 362 -32.47 -27.47 -20.84
CA TYR B 362 -32.49 -26.06 -20.47
C TYR B 362 -33.54 -25.32 -21.29
N ASP B 363 -33.65 -25.63 -22.59
CA ASP B 363 -34.63 -24.99 -23.46
C ASP B 363 -36.06 -25.21 -22.97
N GLU B 364 -36.34 -26.38 -22.36
CA GLU B 364 -37.65 -26.71 -21.84
C GLU B 364 -37.94 -26.14 -20.45
N ALA B 365 -37.03 -26.34 -19.48
CA ALA B 365 -37.25 -25.92 -18.10
C ALA B 365 -36.72 -24.54 -17.70
N GLY B 366 -35.72 -24.06 -18.41
CA GLY B 366 -35.09 -22.79 -18.06
C GLY B 366 -33.98 -22.95 -17.03
N PRO B 367 -33.44 -21.84 -16.52
CA PRO B 367 -32.29 -21.92 -15.59
C PRO B 367 -32.48 -22.71 -14.29
N SER B 368 -33.72 -22.90 -13.83
CA SER B 368 -34.02 -23.64 -12.60
C SER B 368 -33.64 -25.13 -12.64
N ILE B 369 -33.36 -25.67 -13.84
CA ILE B 369 -32.97 -27.07 -14.02
C ILE B 369 -31.66 -27.42 -13.30
N VAL B 370 -30.82 -26.41 -13.00
CA VAL B 370 -29.54 -26.59 -12.32
C VAL B 370 -29.69 -27.10 -10.88
N HIS B 371 -30.83 -26.83 -10.23
CA HIS B 371 -31.08 -27.28 -8.87
C HIS B 371 -31.56 -28.72 -8.83
N LYS C 16 19.42 25.73 0.52
CA LYS C 16 19.33 24.63 1.49
C LYS C 16 19.33 25.10 2.97
N THR C 17 19.30 26.41 3.21
CA THR C 17 19.28 26.93 4.58
C THR C 17 17.96 27.66 4.82
N TYR C 18 17.30 27.39 5.96
CA TYR C 18 16.04 28.08 6.26
C TYR C 18 16.42 29.39 6.86
N GLN C 19 16.05 30.48 6.18
CA GLN C 19 16.36 31.80 6.69
C GLN C 19 15.13 32.65 6.55
N SER C 20 14.66 33.17 7.67
CA SER C 20 13.48 34.02 7.67
C SER C 20 13.61 34.91 8.88
N ARG C 21 13.87 36.22 8.66
CA ARG C 21 14.08 37.17 9.75
C ARG C 21 15.21 36.69 10.71
N ASP C 22 14.99 36.64 12.02
CA ASP C 22 15.97 36.17 13.00
C ASP C 22 16.03 34.63 13.10
N LEU C 23 15.26 33.88 12.27
CA LEU C 23 15.28 32.42 12.33
C LEU C 23 16.18 31.78 11.26
N VAL C 24 17.27 31.14 11.70
CA VAL C 24 18.22 30.48 10.82
C VAL C 24 18.29 29.02 11.18
N LEU C 25 18.02 28.12 10.23
CA LEU C 25 18.10 26.69 10.49
C LEU C 25 19.04 26.05 9.49
N GLU C 26 19.99 25.28 9.98
CA GLU C 26 20.95 24.58 9.12
C GLU C 26 20.44 23.18 8.81
N PRO C 27 20.76 22.61 7.63
CA PRO C 27 20.32 21.24 7.33
C PRO C 27 20.89 20.24 8.33
N ILE C 28 20.12 19.17 8.63
CA ILE C 28 20.57 18.13 9.54
C ILE C 28 21.79 17.43 8.96
N GLN C 29 22.88 17.33 9.73
CA GLN C 29 24.06 16.60 9.29
C GLN C 29 24.09 15.33 10.12
N HIS C 30 24.11 14.16 9.46
CA HIS C 30 24.07 12.85 10.11
C HIS C 30 22.77 12.66 10.88
N PRO C 31 21.68 12.29 10.18
CA PRO C 31 20.40 12.07 10.86
C PRO C 31 20.47 10.85 11.77
N LYS C 32 19.99 10.99 13.01
CA LYS C 32 20.07 9.94 14.02
C LYS C 32 18.79 9.14 14.14
N SER C 33 18.88 7.83 14.43
CA SER C 33 17.69 7.02 14.61
C SER C 33 17.22 7.21 16.04
N ILE C 34 15.96 7.62 16.20
CA ILE C 34 15.39 7.84 17.52
C ILE C 34 14.33 6.78 17.76
N GLU C 35 14.49 6.04 18.86
CA GLU C 35 13.51 5.02 19.20
C GLU C 35 12.23 5.71 19.69
N LEU C 36 11.09 5.18 19.28
CA LEU C 36 9.80 5.70 19.69
C LEU C 36 8.96 4.56 20.22
N GLY C 37 8.08 4.85 21.17
CA GLY C 37 7.21 3.83 21.71
C GLY C 37 5.96 3.63 20.87
N MET C 38 5.59 4.61 20.04
CA MET C 38 4.40 4.50 19.23
C MET C 38 4.68 3.48 18.12
N PRO C 39 3.82 2.47 18.04
CA PRO C 39 3.96 1.48 16.96
C PRO C 39 3.97 2.12 15.57
N GLU C 40 4.83 1.63 14.65
CA GLU C 40 5.02 2.17 13.29
C GLU C 40 3.73 2.30 12.48
N VAL C 41 2.80 1.36 12.65
CA VAL C 41 1.50 1.38 11.97
C VAL C 41 0.69 2.59 12.47
N ASP C 42 0.75 2.87 13.79
CA ASP C 42 0.05 4.02 14.35
C ASP C 42 0.65 5.33 13.85
N GLN C 43 1.98 5.38 13.65
CA GLN C 43 2.64 6.54 13.08
C GLN C 43 2.13 6.77 11.65
N SER C 44 2.01 5.69 10.86
CA SER C 44 1.53 5.79 9.48
C SER C 44 0.10 6.30 9.42
N VAL C 45 -0.76 5.81 10.30
CA VAL C 45 -2.14 6.28 10.37
C VAL C 45 -2.20 7.78 10.67
N LEU C 46 -1.44 8.24 11.67
CA LEU C 46 -1.42 9.66 12.04
C LEU C 46 -0.83 10.52 10.94
N ALA C 47 0.15 10.00 10.18
CA ALA C 47 0.68 10.72 9.01
C ALA C 47 -0.45 10.93 7.97
N GLU C 48 -1.32 9.94 7.80
CA GLU C 48 -2.44 10.03 6.88
C GLU C 48 -3.56 10.92 7.43
N VAL C 49 -3.81 10.90 8.75
CA VAL C 49 -4.79 11.79 9.37
C VAL C 49 -4.37 13.25 9.18
N ALA C 50 -3.09 13.56 9.39
CA ALA C 50 -2.54 14.91 9.21
C ALA C 50 -2.81 15.42 7.79
N GLU C 51 -2.57 14.55 6.78
CA GLU C 51 -2.79 14.89 5.38
C GLU C 51 -4.29 15.02 5.08
N ARG C 52 -5.10 14.05 5.49
CA ARG C 52 -6.53 14.05 5.22
C ARG C 52 -7.22 15.27 5.83
N GLU C 53 -6.93 15.56 7.10
CA GLU C 53 -7.51 16.67 7.86
C GLU C 53 -6.81 18.02 7.67
N ASN C 54 -5.67 18.04 7.00
CA ASN C 54 -4.84 19.25 6.78
C ASN C 54 -4.51 19.99 8.10
N VAL C 55 -4.01 19.21 9.08
CA VAL C 55 -3.58 19.75 10.38
C VAL C 55 -2.21 19.15 10.73
N ILE C 56 -1.50 19.78 11.65
CA ILE C 56 -0.26 19.26 12.20
C ILE C 56 -0.63 18.67 13.56
N ILE C 57 -0.32 17.40 13.79
CA ILE C 57 -0.66 16.74 15.04
C ILE C 57 0.62 16.37 15.79
N GLY C 58 0.77 16.85 17.01
CA GLY C 58 1.92 16.53 17.84
C GLY C 58 1.49 15.64 18.98
N VAL C 59 2.28 14.57 19.25
CA VAL C 59 1.95 13.59 20.28
C VAL C 59 3.13 13.50 21.24
N ARG C 60 2.85 13.61 22.55
CA ARG C 60 3.86 13.50 23.61
C ARG C 60 4.54 12.10 23.61
N PRO C 61 5.70 11.93 24.29
CA PRO C 61 6.38 10.63 24.26
C PRO C 61 5.62 9.45 24.80
N VAL C 62 5.97 8.31 24.25
CA VAL C 62 5.54 7.02 24.72
C VAL C 62 6.83 6.21 24.84
N ASP C 63 7.02 5.59 26.01
CA ASP C 63 8.23 4.84 26.27
C ASP C 63 8.36 3.70 25.29
N GLU C 64 9.57 3.47 24.81
CA GLU C 64 9.84 2.44 23.81
C GLU C 64 9.36 1.07 24.19
N LYS C 65 9.35 0.73 25.48
CA LYS C 65 8.90 -0.58 25.93
C LYS C 65 7.37 -0.72 25.97
N SER C 66 6.62 0.36 25.71
CA SER C 66 5.17 0.25 25.61
C SER C 66 4.74 -0.23 24.21
N LYS C 67 5.66 -0.19 23.21
CA LYS C 67 5.39 -0.50 21.81
C LYS C 67 4.62 -1.81 21.57
N SER C 68 5.14 -2.96 22.02
CA SER C 68 4.44 -4.24 21.77
C SER C 68 3.09 -4.31 22.52
N LEU C 69 2.98 -3.63 23.68
CA LEU C 69 1.73 -3.63 24.44
C LEU C 69 0.66 -2.89 23.65
N ILE C 70 1.01 -1.68 23.16
CA ILE C 70 0.07 -0.90 22.38
C ILE C 70 -0.24 -1.60 21.05
N ALA C 71 0.80 -2.09 20.36
CA ALA C 71 0.61 -2.76 19.08
C ALA C 71 -0.31 -3.99 19.15
N SER C 72 -0.30 -4.73 20.26
CA SER C 72 -1.15 -5.92 20.39
C SER C 72 -2.64 -5.63 20.36
N LYS C 73 -3.05 -4.35 20.59
CA LYS C 73 -4.46 -3.94 20.62
C LYS C 73 -5.29 -4.66 21.68
N MET C 74 -4.64 -5.27 22.67
CA MET C 74 -5.27 -6.02 23.75
C MET C 74 -5.78 -5.17 24.90
N TYR C 75 -5.11 -4.04 25.13
CA TYR C 75 -5.38 -3.24 26.31
C TYR C 75 -6.06 -1.92 26.01
N SER C 76 -6.82 -1.46 26.97
CA SER C 76 -7.37 -0.12 26.91
C SER C 76 -6.27 0.80 27.49
N SER C 77 -6.44 2.11 27.40
CA SER C 77 -5.43 3.04 27.95
C SER C 77 -6.04 4.00 28.96
N LYS C 78 -5.20 4.62 29.79
CA LYS C 78 -5.59 5.55 30.84
C LYS C 78 -6.05 6.94 30.35
N GLY C 79 -7.30 7.30 30.66
CA GLY C 79 -7.78 8.65 30.39
C GLY C 79 -7.61 9.52 31.62
N LEU C 80 -8.26 10.71 31.65
CA LEU C 80 -8.18 11.68 32.76
C LEU C 80 -8.53 11.16 34.14
N PHE C 81 -9.42 10.17 34.23
CA PHE C 81 -9.79 9.64 35.56
C PHE C 81 -8.70 8.78 36.18
N VAL C 82 -7.64 8.43 35.42
CA VAL C 82 -6.52 7.66 35.91
C VAL C 82 -5.30 8.52 35.76
N LYS C 83 -5.04 9.34 36.76
CA LYS C 83 -3.89 10.24 36.76
C LYS C 83 -2.59 9.57 37.26
N ALA C 84 -2.66 8.35 37.83
CA ALA C 84 -1.46 7.61 38.22
C ALA C 84 -0.61 7.34 36.97
N LYS C 85 0.72 7.45 37.08
CA LYS C 85 1.58 7.30 35.92
C LYS C 85 1.91 5.87 35.60
N SER C 86 2.21 5.62 34.33
CA SER C 86 2.68 4.31 33.91
C SER C 86 4.14 4.16 34.40
N SER C 87 4.63 2.94 34.38
CA SER C 87 5.99 2.66 34.74
C SER C 87 6.81 2.58 33.45
N ASP C 88 8.09 2.92 33.54
CA ASP C 88 9.00 2.79 32.39
C ASP C 88 10.20 1.89 32.70
N TRP C 89 10.06 0.99 33.67
CA TRP C 89 11.16 0.11 34.09
C TRP C 89 10.58 -1.16 34.71
N GLY C 90 11.43 -2.17 34.86
CA GLY C 90 11.02 -3.43 35.46
C GLY C 90 10.01 -4.26 34.69
N PRO C 91 9.52 -5.32 35.35
CA PRO C 91 8.52 -6.17 34.72
C PRO C 91 7.19 -5.45 34.50
N MET C 92 6.94 -4.36 35.26
CA MET C 92 5.73 -3.57 35.12
C MET C 92 5.83 -2.49 34.02
N SER C 93 6.92 -2.45 33.23
CA SER C 93 7.08 -1.45 32.16
C SER C 93 5.88 -1.41 31.23
N GLY C 94 5.37 -0.21 31.01
CA GLY C 94 4.22 -0.02 30.13
C GLY C 94 2.88 -0.15 30.83
N PHE C 95 2.86 -0.67 32.06
CA PHE C 95 1.64 -0.79 32.83
C PHE C 95 1.60 0.28 33.94
N ILE C 96 0.48 0.39 34.67
CA ILE C 96 0.31 1.43 35.68
C ILE C 96 0.27 0.84 37.06
N PRO C 97 1.38 0.86 37.80
CA PRO C 97 1.39 0.23 39.13
C PRO C 97 0.52 0.96 40.16
N VAL C 98 -0.18 0.19 40.98
CA VAL C 98 -0.99 0.71 42.07
C VAL C 98 -0.04 1.38 43.09
N ASP C 99 1.09 0.74 43.40
CA ASP C 99 2.10 1.34 44.27
C ASP C 99 2.97 2.17 43.31
N GLN C 100 2.78 3.50 43.28
CA GLN C 100 3.42 4.45 42.40
C GLN C 100 4.92 4.67 42.63
N SER C 101 5.52 4.02 43.64
CA SER C 101 6.98 4.05 43.77
C SER C 101 7.59 3.15 42.65
N PHE C 102 6.78 2.29 42.00
CA PHE C 102 7.20 1.47 40.88
C PHE C 102 6.91 2.12 39.51
N ALA C 103 6.40 3.36 39.50
CA ALA C 103 6.07 4.08 38.27
C ALA C 103 7.30 4.88 37.73
N LYS C 104 7.14 5.66 36.61
CA LYS C 104 8.20 6.49 36.06
C LYS C 104 8.61 7.59 37.10
N ALA C 105 9.76 8.26 36.90
CA ALA C 105 10.34 9.24 37.82
C ALA C 105 9.45 10.40 38.21
N SER C 106 8.62 10.92 37.30
CA SER C 106 7.72 12.02 37.65
C SER C 106 6.76 11.61 38.77
N ALA C 107 6.34 10.33 38.80
CA ALA C 107 5.43 9.86 39.85
C ALA C 107 6.18 9.66 41.16
N ARG C 108 7.37 9.02 41.12
CA ARG C 108 8.16 8.82 42.34
C ARG C 108 8.63 10.15 42.97
N ARG C 109 8.59 11.25 42.21
CA ARG C 109 8.92 12.60 42.64
C ARG C 109 7.90 13.08 43.70
N ASP C 110 6.58 12.88 43.44
CA ASP C 110 5.51 13.28 44.36
C ASP C 110 4.68 12.05 44.69
N LEU C 111 5.34 11.09 45.29
CA LEU C 111 4.81 9.80 45.68
C LEU C 111 3.47 9.82 46.40
N GLU C 112 3.27 10.69 47.39
CA GLU C 112 2.02 10.76 48.11
C GLU C 112 0.84 11.14 47.22
N LYS C 113 1.04 12.09 46.33
CA LYS C 113 0.02 12.55 45.41
C LYS C 113 -0.36 11.46 44.37
N PHE C 114 0.63 10.78 43.80
CA PHE C 114 0.40 9.79 42.78
C PHE C 114 -0.20 8.49 43.36
N ASN C 115 0.22 8.08 44.60
CA ASN C 115 -0.39 6.92 45.28
C ASN C 115 -1.87 7.23 45.56
N GLU C 116 -2.17 8.45 46.00
CA GLU C 116 -3.55 8.86 46.23
C GLU C 116 -4.38 8.82 44.93
N TYR C 117 -3.79 9.23 43.76
CA TYR C 117 -4.47 9.14 42.46
C TYR C 117 -4.80 7.66 42.13
N ALA C 118 -3.80 6.78 42.28
CA ALA C 118 -3.95 5.36 42.00
C ALA C 118 -5.10 4.76 42.84
N GLU C 119 -5.09 5.02 44.17
CA GLU C 119 -6.11 4.51 45.07
C GLU C 119 -7.47 5.07 44.78
N GLN C 120 -7.56 6.38 44.55
CA GLN C 120 -8.87 6.98 44.31
C GLN C 120 -9.47 6.50 43.01
N SER C 121 -8.65 6.26 41.98
CA SER C 121 -9.19 5.82 40.69
C SER C 121 -9.84 4.42 40.86
N ILE C 122 -9.30 3.56 41.75
CA ILE C 122 -9.84 2.25 42.04
C ILE C 122 -11.02 2.32 42.99
N LEU C 123 -10.87 3.08 44.11
CA LEU C 123 -11.94 3.23 45.10
C LEU C 123 -13.18 3.92 44.56
N SER C 124 -13.03 4.75 43.56
CA SER C 124 -14.18 5.42 42.94
C SER C 124 -14.82 4.60 41.79
N GLY C 125 -14.24 3.46 41.45
CA GLY C 125 -14.78 2.62 40.38
C GLY C 125 -14.36 3.03 38.99
N ASN C 126 -13.39 3.94 38.85
CA ASN C 126 -12.85 4.29 37.50
C ASN C 126 -11.76 3.33 37.03
N ALA C 127 -11.42 2.33 37.84
CA ALA C 127 -10.38 1.36 37.59
C ALA C 127 -10.52 0.23 38.65
N VAL C 128 -9.84 -0.91 38.43
CA VAL C 128 -9.81 -1.99 39.40
C VAL C 128 -8.33 -2.30 39.70
N SER C 129 -8.09 -3.05 40.78
CA SER C 129 -6.75 -3.50 41.10
C SER C 129 -6.58 -4.86 40.44
N ALA C 130 -5.68 -4.97 39.47
CA ALA C 130 -5.47 -6.21 38.75
C ALA C 130 -4.08 -6.79 38.99
N ASN C 131 -3.95 -8.10 38.85
CA ASN C 131 -2.65 -8.75 38.93
C ASN C 131 -1.92 -8.53 37.60
N LEU C 132 -0.59 -8.61 37.65
CA LEU C 132 0.24 -8.42 36.48
C LEU C 132 0.76 -9.77 35.97
N TYR C 133 0.35 -10.15 34.78
CA TYR C 133 0.80 -11.38 34.16
C TYR C 133 1.57 -11.02 32.91
N LEU C 134 2.74 -11.61 32.76
CA LEU C 134 3.56 -11.40 31.58
C LEU C 134 3.72 -12.75 30.87
N ASN C 135 3.60 -12.76 29.54
CA ASN C 135 3.83 -14.00 28.78
C ASN C 135 5.34 -14.16 28.50
N GLN C 136 5.77 -15.32 27.96
CA GLN C 136 7.18 -15.58 27.68
C GLN C 136 7.77 -14.59 26.70
N VAL C 137 6.97 -14.15 25.71
CA VAL C 137 7.39 -13.20 24.69
C VAL C 137 7.76 -11.84 25.32
N ARG C 138 6.95 -11.35 26.27
CA ARG C 138 7.23 -10.08 26.95
C ARG C 138 8.47 -10.21 27.83
N ILE C 139 8.64 -11.36 28.51
CA ILE C 139 9.82 -11.64 29.35
C ILE C 139 11.07 -11.61 28.48
N GLU C 140 11.02 -12.29 27.31
CA GLU C 140 12.15 -12.27 26.38
C GLU C 140 12.46 -10.88 25.88
N GLU C 141 11.44 -10.06 25.62
CA GLU C 141 11.61 -8.68 25.17
C GLU C 141 12.32 -7.87 26.27
N LEU C 142 11.89 -8.02 27.53
CA LEU C 142 12.47 -7.27 28.63
C LEU C 142 13.88 -7.69 28.98
N VAL C 143 14.17 -8.98 28.91
CA VAL C 143 15.49 -9.49 29.23
C VAL C 143 16.48 -9.31 28.06
N SER C 144 16.14 -9.81 26.87
CA SER C 144 17.03 -9.78 25.70
C SER C 144 17.03 -8.49 24.89
N LYS C 145 15.87 -7.97 24.48
CA LYS C 145 15.82 -6.78 23.62
C LYS C 145 16.11 -5.46 24.37
N TYR C 146 15.41 -5.20 25.47
CA TYR C 146 15.59 -3.95 26.21
C TYR C 146 16.56 -4.03 27.37
N GLU C 147 16.86 -5.25 27.87
CA GLU C 147 17.73 -5.47 29.01
C GLU C 147 17.27 -4.73 30.28
N SER C 148 15.94 -4.58 30.42
CA SER C 148 15.25 -3.95 31.55
C SER C 148 15.25 -4.87 32.76
N LEU C 149 15.27 -6.19 32.53
CA LEU C 149 15.28 -7.22 33.54
C LEU C 149 16.53 -8.05 33.33
N THR C 150 17.15 -8.47 34.43
CA THR C 150 18.28 -9.38 34.36
C THR C 150 17.74 -10.81 34.15
N PRO C 151 18.57 -11.76 33.64
CA PRO C 151 18.07 -13.13 33.40
C PRO C 151 17.40 -13.77 34.62
N LEU C 152 16.43 -14.64 34.36
CA LEU C 152 15.66 -15.31 35.40
C LEU C 152 16.47 -16.39 36.10
N GLU C 153 16.57 -16.30 37.42
CA GLU C 153 17.28 -17.27 38.25
C GLU C 153 16.30 -18.03 39.12
N LEU C 154 16.22 -19.36 38.96
CA LEU C 154 15.29 -20.18 39.74
C LEU C 154 15.55 -20.17 41.25
N ASP C 155 14.81 -19.33 41.98
CA ASP C 155 14.90 -19.24 43.44
C ASP C 155 14.20 -20.46 44.01
N VAL C 156 14.99 -21.44 44.48
CA VAL C 156 14.51 -22.71 45.02
C VAL C 156 13.73 -22.57 46.34
N ASP C 157 13.92 -21.45 47.06
CA ASP C 157 13.23 -21.25 48.33
C ASP C 157 11.79 -20.72 48.20
N SER C 158 11.23 -20.75 46.98
CA SER C 158 9.85 -20.29 46.71
C SER C 158 9.24 -20.93 45.46
N GLY C 159 10.07 -21.31 44.50
CA GLY C 159 9.60 -21.86 43.23
C GLY C 159 9.55 -20.82 42.13
N MET C 160 9.53 -19.54 42.50
CA MET C 160 9.49 -18.45 41.55
C MET C 160 10.87 -18.17 40.95
N TYR C 161 10.88 -17.48 39.84
CA TYR C 161 12.09 -17.13 39.14
C TYR C 161 12.43 -15.69 39.45
N LYS C 162 13.56 -15.48 40.09
CA LYS C 162 14.03 -14.17 40.49
C LYS C 162 14.61 -13.40 39.30
N THR C 163 14.37 -12.09 39.29
CA THR C 163 14.87 -11.14 38.31
C THR C 163 15.01 -9.77 38.98
N THR C 164 15.85 -8.89 38.42
CA THR C 164 16.06 -7.56 39.02
C THR C 164 15.91 -6.43 37.99
N ALA C 165 15.66 -5.22 38.47
CA ALA C 165 15.52 -4.04 37.64
C ALA C 165 16.01 -2.78 38.35
N THR C 166 16.42 -1.77 37.59
CA THR C 166 16.88 -0.51 38.17
C THR C 166 15.85 0.59 37.89
N ASN C 167 15.59 1.44 38.90
CA ASN C 167 14.71 2.60 38.76
C ASN C 167 15.53 3.89 38.52
N GLY C 168 16.73 3.93 39.10
CA GLY C 168 17.67 5.04 39.07
C GLY C 168 18.41 5.06 40.38
N ASP C 169 19.60 4.43 40.41
CA ASP C 169 20.48 4.34 41.59
C ASP C 169 20.14 3.15 42.51
N GLN C 170 18.96 2.52 42.34
CA GLN C 170 18.57 1.39 43.17
C GLN C 170 18.15 0.17 42.36
N THR C 171 18.48 -1.03 42.86
CA THR C 171 18.16 -2.29 42.20
C THR C 171 17.09 -3.02 43.02
N ILE C 172 15.96 -3.35 42.39
CA ILE C 172 14.85 -3.99 43.08
C ILE C 172 14.52 -5.38 42.52
N PRO C 173 14.39 -6.38 43.41
CA PRO C 173 14.06 -7.73 42.95
C PRO C 173 12.56 -7.96 42.71
N PHE C 174 12.27 -8.81 41.72
CA PHE C 174 10.92 -9.26 41.35
C PHE C 174 10.96 -10.77 41.15
N PHE C 175 9.88 -11.43 41.49
CA PHE C 175 9.79 -12.89 41.44
C PHE C 175 8.64 -13.29 40.55
N LEU C 176 8.93 -14.09 39.54
CA LEU C 176 7.95 -14.48 38.55
C LEU C 176 7.48 -15.91 38.81
N ASN C 177 6.16 -16.10 38.92
CA ASN C 177 5.59 -17.41 39.18
C ASN C 177 4.86 -17.96 37.96
N LYS C 178 5.17 -19.19 37.50
CA LYS C 178 4.42 -19.74 36.37
C LYS C 178 3.03 -20.13 36.80
N VAL C 179 2.02 -19.63 36.07
CA VAL C 179 0.60 -19.84 36.33
C VAL C 179 -0.16 -20.18 35.04
N THR C 180 -1.38 -20.71 35.16
CA THR C 180 -2.21 -20.98 34.01
C THR C 180 -3.53 -20.26 34.25
N VAL C 181 -3.77 -19.19 33.50
CA VAL C 181 -4.97 -18.40 33.68
C VAL C 181 -5.69 -18.28 32.36
N ASP C 182 -6.99 -18.68 32.32
CA ASP C 182 -7.81 -18.68 31.11
C ASP C 182 -7.15 -19.54 30.03
N ASP C 183 -6.59 -20.69 30.44
CA ASP C 183 -5.90 -21.68 29.61
C ASP C 183 -4.64 -21.15 28.92
N LYS C 184 -4.09 -20.01 29.40
CA LYS C 184 -2.86 -19.45 28.87
C LYS C 184 -1.75 -19.65 29.89
N GLU C 185 -0.55 -20.01 29.42
CA GLU C 185 0.59 -20.17 30.33
C GLU C 185 1.27 -18.81 30.49
N LEU C 186 1.17 -18.21 31.68
CA LEU C 186 1.75 -16.89 31.94
C LEU C 186 2.66 -16.87 33.20
N TRP C 187 3.34 -15.74 33.44
CA TRP C 187 4.19 -15.50 34.61
C TRP C 187 3.53 -14.40 35.44
N GLN C 188 3.18 -14.67 36.70
CA GLN C 188 2.62 -13.67 37.57
C GLN C 188 3.75 -12.94 38.25
N VAL C 189 3.68 -11.60 38.28
CA VAL C 189 4.70 -10.80 38.92
C VAL C 189 4.43 -10.67 40.41
N HIS C 190 5.47 -10.92 41.20
CA HIS C 190 5.47 -10.79 42.66
C HIS C 190 6.65 -9.92 43.10
N TYR C 191 6.52 -9.31 44.26
CA TYR C 191 7.56 -8.46 44.82
C TYR C 191 7.60 -8.59 46.34
N LEU C 192 8.63 -8.02 46.98
CA LEU C 192 8.75 -8.04 48.43
C LEU C 192 8.07 -6.83 49.05
N ARG C 193 6.88 -7.05 49.60
CA ARG C 193 6.10 -6.02 50.26
C ARG C 193 6.37 -6.20 51.75
N GLU C 194 7.23 -5.33 52.30
CA GLU C 194 7.66 -5.33 53.71
C GLU C 194 8.22 -6.69 54.13
N GLY C 195 9.24 -7.15 53.41
CA GLY C 195 9.89 -8.42 53.68
C GLY C 195 9.02 -9.65 53.50
N GLU C 196 7.98 -9.56 52.65
CA GLU C 196 7.08 -10.69 52.40
C GLU C 196 6.67 -10.72 50.91
N LEU C 197 6.65 -11.90 50.29
CA LEU C 197 6.29 -12.08 48.88
C LEU C 197 4.81 -11.73 48.68
N ALA C 198 4.51 -10.85 47.71
CA ALA C 198 3.14 -10.39 47.46
C ALA C 198 2.86 -10.22 45.96
N PRO C 199 1.61 -10.41 45.49
CA PRO C 199 1.34 -10.23 44.06
C PRO C 199 1.36 -8.75 43.67
N PHE C 200 2.07 -8.43 42.59
CA PHE C 200 2.21 -7.04 42.13
C PHE C 200 0.89 -6.55 41.52
N LYS C 201 0.41 -5.38 41.95
CA LYS C 201 -0.85 -4.84 41.44
C LYS C 201 -0.68 -3.71 40.44
N VAL C 202 -1.49 -3.74 39.39
CA VAL C 202 -1.52 -2.70 38.37
C VAL C 202 -2.99 -2.26 38.18
N ILE C 203 -3.18 -1.05 37.68
CA ILE C 203 -4.49 -0.49 37.44
C ILE C 203 -5.07 -1.10 36.19
N GLY C 204 -6.28 -1.66 36.33
CA GLY C 204 -7.00 -2.29 35.24
C GLY C 204 -8.26 -1.52 34.90
N ASP C 205 -8.75 -1.76 33.71
CA ASP C 205 -9.94 -1.17 33.12
C ASP C 205 -11.19 -1.47 33.98
N PRO C 206 -12.01 -0.46 34.29
CA PRO C 206 -13.19 -0.70 35.15
C PRO C 206 -14.20 -1.68 34.58
N VAL C 207 -14.24 -1.83 33.24
CA VAL C 207 -15.19 -2.75 32.62
C VAL C 207 -14.52 -4.12 32.33
N SER C 208 -13.39 -4.18 31.61
CA SER C 208 -12.77 -5.48 31.27
C SER C 208 -11.91 -6.08 32.38
N LYS C 209 -11.47 -5.24 33.33
CA LYS C 209 -10.59 -5.61 34.45
C LYS C 209 -9.16 -5.87 34.02
N GLN C 210 -8.80 -5.71 32.73
CA GLN C 210 -7.44 -5.95 32.27
C GLN C 210 -6.55 -4.74 32.52
N PRO C 211 -5.23 -4.98 32.72
CA PRO C 211 -4.30 -3.87 32.90
C PRO C 211 -4.35 -2.86 31.76
N MET C 212 -4.31 -1.58 32.12
CA MET C 212 -4.33 -0.50 31.14
C MET C 212 -2.91 -0.07 30.81
N THR C 213 -2.68 0.35 29.58
CA THR C 213 -1.37 0.90 29.17
C THR C 213 -1.44 2.44 29.22
N ALA C 214 -0.32 3.12 28.92
CA ALA C 214 -0.32 4.55 28.75
C ALA C 214 -1.18 4.93 27.50
N ASP C 215 -1.61 6.16 27.42
CA ASP C 215 -2.40 6.69 26.30
C ASP C 215 -1.49 7.46 25.29
N TYR C 216 -2.09 8.05 24.24
CA TYR C 216 -1.38 8.96 23.35
C TYR C 216 -1.88 10.33 23.81
N ASP C 217 -0.98 11.14 24.35
CA ASP C 217 -1.33 12.47 24.79
C ASP C 217 -1.02 13.43 23.67
N LEU C 218 -2.02 14.12 23.13
CA LEU C 218 -1.77 15.14 22.12
C LEU C 218 -1.02 16.28 22.80
N LEU C 219 0.09 16.68 22.19
CA LEU C 219 0.90 17.78 22.66
C LEU C 219 0.22 19.05 22.14
N THR C 220 -0.10 19.08 20.82
CA THR C 220 -0.77 20.20 20.18
C THR C 220 -1.32 19.79 18.82
N VAL C 221 -2.30 20.53 18.33
CA VAL C 221 -2.87 20.40 16.99
C VAL C 221 -2.79 21.79 16.37
N MET C 222 -2.09 21.91 15.23
CA MET C 222 -1.95 23.19 14.52
C MET C 222 -2.84 23.15 13.29
N TYR C 223 -3.76 24.05 13.19
CA TYR C 223 -4.76 24.10 12.13
C TYR C 223 -4.45 25.27 11.19
N THR C 224 -4.89 25.19 9.92
CA THR C 224 -4.58 26.27 8.98
C THR C 224 -5.28 27.55 9.41
N TYR C 225 -4.66 28.69 9.17
CA TYR C 225 -5.21 30.01 9.49
C TYR C 225 -6.58 30.19 8.76
N GLY C 226 -6.67 29.71 7.52
CA GLY C 226 -7.90 29.76 6.73
C GLY C 226 -9.08 29.06 7.37
N ASP C 227 -8.81 28.06 8.23
CA ASP C 227 -9.87 27.31 8.90
C ASP C 227 -10.14 27.79 10.33
N LEU C 228 -9.43 28.81 10.84
CA LEU C 228 -9.68 29.36 12.17
C LEU C 228 -11.16 29.76 12.32
N GLY C 229 -11.80 29.40 13.44
CA GLY C 229 -13.16 29.82 13.69
C GLY C 229 -13.62 29.54 15.10
N PRO C 230 -14.94 29.60 15.32
CA PRO C 230 -15.51 29.27 16.66
C PRO C 230 -15.12 27.89 17.20
N GLN C 231 -14.83 26.91 16.31
CA GLN C 231 -14.43 25.58 16.75
C GLN C 231 -13.03 25.55 17.42
N ASP C 232 -12.29 26.67 17.36
CA ASP C 232 -10.98 26.78 18.00
C ASP C 232 -11.03 27.36 19.42
N LYS C 233 -12.24 27.75 19.91
CA LYS C 233 -12.40 28.26 21.25
C LYS C 233 -12.26 27.08 22.24
N VAL C 234 -11.30 27.19 23.15
CA VAL C 234 -11.06 26.16 24.14
C VAL C 234 -12.11 26.36 25.23
N LYS C 235 -12.84 25.29 25.56
CA LYS C 235 -13.88 25.37 26.56
C LYS C 235 -13.57 24.54 27.80
N GLN C 236 -14.01 25.04 28.95
CA GLN C 236 -13.89 24.35 30.22
C GLN C 236 -14.97 23.27 30.27
N PRO C 237 -14.73 22.14 30.93
CA PRO C 237 -15.77 21.11 31.01
C PRO C 237 -17.05 21.59 31.67
N LEU C 238 -18.19 21.14 31.17
CA LEU C 238 -19.48 21.49 31.73
C LEU C 238 -20.14 20.24 32.30
N THR C 239 -21.03 20.41 33.30
CA THR C 239 -21.79 19.27 33.82
C THR C 239 -22.84 18.92 32.76
N TRP C 240 -23.39 17.72 32.83
CA TRP C 240 -24.43 17.27 31.90
C TRP C 240 -25.63 18.24 31.87
N GLU C 241 -26.00 18.78 33.03
CA GLU C 241 -27.09 19.74 33.14
C GLU C 241 -26.69 21.04 32.42
N GLN C 242 -25.54 21.64 32.76
CA GLN C 242 -25.08 22.88 32.11
C GLN C 242 -24.93 22.72 30.59
N TRP C 243 -24.43 21.56 30.13
CA TRP C 243 -24.27 21.32 28.70
C TRP C 243 -25.62 21.23 28.01
N LYS C 244 -26.60 20.52 28.63
CA LYS C 244 -27.96 20.37 28.12
C LYS C 244 -28.60 21.73 27.85
N GLU C 245 -28.46 22.65 28.81
CA GLU C 245 -29.02 23.99 28.71
C GLU C 245 -28.37 24.86 27.64
N SER C 246 -27.09 24.61 27.36
CA SER C 246 -26.32 25.39 26.39
C SER C 246 -26.50 24.94 24.93
N VAL C 247 -27.07 23.76 24.70
CA VAL C 247 -27.28 23.27 23.34
C VAL C 247 -28.79 23.10 23.04
N THR C 248 -29.15 23.09 21.75
CA THR C 248 -30.52 22.84 21.36
C THR C 248 -30.51 21.47 20.70
N TYR C 249 -31.24 20.52 21.32
CA TYR C 249 -31.33 19.10 20.96
C TYR C 249 -31.38 18.82 19.46
N GLU C 250 -32.24 19.57 18.73
CA GLU C 250 -32.50 19.45 17.30
C GLU C 250 -31.28 19.64 16.42
N ASP C 251 -30.34 20.49 16.86
CA ASP C 251 -29.12 20.78 16.09
C ASP C 251 -28.00 19.75 16.29
N LEU C 252 -28.10 18.90 17.32
CA LEU C 252 -27.06 17.92 17.61
C LEU C 252 -27.09 16.73 16.66
N SER C 253 -25.91 16.14 16.44
CA SER C 253 -25.70 14.90 15.69
C SER C 253 -26.18 13.71 16.55
N PRO C 254 -26.39 12.49 15.98
CA PRO C 254 -26.82 11.35 16.82
C PRO C 254 -25.88 11.08 18.01
N LYS C 255 -24.58 11.34 17.80
CA LYS C 255 -23.54 11.20 18.81
C LYS C 255 -23.82 12.10 20.02
N TYR C 256 -24.18 13.36 19.77
CA TYR C 256 -24.43 14.31 20.85
C TYR C 256 -25.86 14.18 21.41
N LYS C 257 -26.84 13.74 20.59
CA LYS C 257 -28.19 13.49 21.08
C LYS C 257 -28.17 12.35 22.11
N ALA C 258 -27.35 11.31 21.87
CA ALA C 258 -27.23 10.20 22.80
C ALA C 258 -26.70 10.67 24.17
N ARG C 259 -25.72 11.58 24.18
CA ARG C 259 -25.15 12.14 25.41
C ARG C 259 -26.15 13.04 26.13
N TYR C 260 -27.01 13.75 25.36
CA TYR C 260 -28.07 14.63 25.87
C TYR C 260 -29.14 13.78 26.59
N ASP C 261 -29.42 12.57 26.05
CA ASP C 261 -30.43 11.64 26.60
C ASP C 261 -29.86 10.63 27.60
N ASN C 262 -28.53 10.58 27.79
CA ASN C 262 -27.90 9.63 28.72
C ASN C 262 -26.75 10.29 29.46
N GLN C 263 -26.95 10.64 30.74
CA GLN C 263 -25.95 11.27 31.61
C GLN C 263 -24.66 10.46 31.72
N ALA C 264 -24.77 9.15 31.86
CA ALA C 264 -23.60 8.27 31.96
C ALA C 264 -22.73 8.34 30.71
N LEU C 265 -23.36 8.38 29.52
CA LEU C 265 -22.66 8.46 28.23
C LEU C 265 -21.91 9.80 28.13
N TYR C 266 -22.57 10.89 28.55
CA TYR C 266 -21.97 12.21 28.53
C TYR C 266 -20.73 12.26 29.44
N GLU C 267 -20.85 11.82 30.70
CA GLU C 267 -19.72 11.89 31.63
C GLU C 267 -18.53 11.03 31.22
N LYS C 268 -18.80 9.91 30.51
CA LYS C 268 -17.81 8.96 30.05
C LYS C 268 -17.07 9.44 28.81
N GLN C 269 -17.76 10.12 27.89
CA GLN C 269 -17.15 10.54 26.64
C GLN C 269 -17.01 12.04 26.43
N ASP C 270 -17.42 12.85 27.40
CA ASP C 270 -17.45 14.30 27.25
C ASP C 270 -17.27 14.99 28.63
N GLY C 271 -17.58 16.27 28.73
CA GLY C 271 -17.46 17.02 29.98
C GLY C 271 -16.09 16.93 30.61
N ALA C 272 -16.04 16.52 31.88
CA ALA C 272 -14.80 16.39 32.64
C ALA C 272 -13.77 15.40 32.03
N SER C 273 -14.22 14.32 31.38
CA SER C 273 -13.34 13.30 30.81
C SER C 273 -12.39 13.80 29.69
N LEU C 274 -12.70 14.97 29.07
CA LEU C 274 -11.87 15.56 28.03
C LEU C 274 -10.95 16.66 28.54
N GLY C 275 -11.30 17.31 29.65
CA GLY C 275 -10.52 18.42 30.17
C GLY C 275 -10.80 19.67 29.36
N MET C 276 -9.79 20.55 29.20
CA MET C 276 -9.92 21.79 28.43
C MET C 276 -9.73 21.41 26.97
N VAL C 277 -10.78 21.58 26.15
CA VAL C 277 -10.75 21.16 24.77
C VAL C 277 -11.57 22.11 23.86
N SER C 278 -11.19 22.20 22.60
CA SER C 278 -11.94 22.96 21.62
C SER C 278 -12.84 21.96 20.84
N ASP C 279 -13.83 22.48 20.09
CA ASP C 279 -14.68 21.62 19.26
C ASP C 279 -13.89 20.91 18.19
N ARG C 280 -12.87 21.60 17.62
CA ARG C 280 -12.01 21.03 16.59
C ARG C 280 -11.30 19.77 17.14
N LEU C 281 -10.78 19.88 18.35
CA LEU C 281 -10.05 18.81 18.96
C LEU C 281 -10.98 17.67 19.35
N LYS C 282 -12.21 17.95 19.81
CA LYS C 282 -13.18 16.87 20.14
C LYS C 282 -13.44 16.00 18.92
N GLU C 283 -13.64 16.62 17.76
CA GLU C 283 -13.88 15.93 16.50
C GLU C 283 -12.63 15.20 16.00
N LEU C 284 -11.47 15.87 16.06
CA LEU C 284 -10.22 15.26 15.60
C LEU C 284 -9.83 14.06 16.45
N LYS C 285 -10.15 14.07 17.75
CA LYS C 285 -9.91 12.94 18.66
C LYS C 285 -10.70 11.71 18.15
N ASP C 286 -11.97 11.91 17.74
CA ASP C 286 -12.80 10.83 17.21
C ASP C 286 -12.24 10.33 15.88
N VAL C 287 -11.80 11.25 15.01
CA VAL C 287 -11.19 10.88 13.71
C VAL C 287 -9.93 10.01 13.98
N ILE C 288 -9.07 10.44 14.90
CA ILE C 288 -7.85 9.72 15.24
C ILE C 288 -8.14 8.31 15.78
N ASN C 289 -9.01 8.20 16.78
CA ASN C 289 -9.36 6.91 17.35
C ASN C 289 -10.01 5.98 16.32
N THR C 290 -10.90 6.52 15.46
CA THR C 290 -11.53 5.71 14.41
C THR C 290 -10.46 5.25 13.41
N SER C 291 -9.57 6.15 12.98
CA SER C 291 -8.52 5.79 12.02
C SER C 291 -7.55 4.76 12.57
N LEU C 292 -7.32 4.79 13.88
CA LEU C 292 -6.45 3.80 14.51
C LEU C 292 -7.15 2.44 14.70
N GLY C 293 -8.47 2.38 14.51
CA GLY C 293 -9.24 1.17 14.78
C GLY C 293 -9.36 0.97 16.29
N ARG C 294 -9.34 2.08 17.07
CA ARG C 294 -9.36 2.10 18.53
C ARG C 294 -10.71 2.63 19.08
N THR C 295 -11.79 1.85 18.95
CA THR C 295 -13.09 2.27 19.43
C THR C 295 -13.59 1.26 20.50
N ASP C 296 -14.80 1.54 21.06
CA ASP C 296 -15.46 0.69 22.04
C ASP C 296 -14.59 0.35 23.23
N GLY C 297 -14.02 1.38 23.82
CA GLY C 297 -13.21 1.20 25.01
C GLY C 297 -11.71 1.05 24.81
N LEU C 298 -11.25 0.83 23.57
CA LEU C 298 -9.82 0.68 23.31
C LEU C 298 -9.14 1.98 22.78
N GLU C 299 -9.84 3.12 22.84
CA GLU C 299 -9.31 4.45 22.40
C GLU C 299 -7.95 4.75 23.00
N MET C 300 -7.06 5.37 22.21
CA MET C 300 -5.73 5.82 22.66
C MET C 300 -5.73 7.32 23.01
N VAL C 301 -6.60 8.12 22.39
CA VAL C 301 -6.70 9.54 22.66
C VAL C 301 -7.95 9.77 23.49
N HIS C 302 -7.77 10.30 24.71
CA HIS C 302 -8.91 10.44 25.62
C HIS C 302 -9.31 11.84 25.96
N HIS C 303 -8.43 12.81 25.75
CA HIS C 303 -8.69 14.16 26.23
C HIS C 303 -8.03 15.25 25.38
N GLY C 304 -8.15 16.49 25.81
CA GLY C 304 -7.55 17.64 25.16
C GLY C 304 -6.04 17.60 25.14
N ALA C 305 -5.47 18.49 24.33
CA ALA C 305 -4.05 18.59 24.12
C ALA C 305 -3.35 19.29 25.28
N ASP C 306 -2.04 19.05 25.38
CA ASP C 306 -1.18 19.65 26.38
C ASP C 306 -1.10 21.17 26.28
N ASP C 307 -1.34 21.74 25.08
CA ASP C 307 -1.35 23.20 24.92
C ASP C 307 -2.42 23.91 25.80
N ALA C 308 -3.44 23.15 26.24
CA ALA C 308 -4.49 23.64 27.13
C ALA C 308 -4.43 23.03 28.54
N ASN C 309 -3.34 22.34 28.88
CA ASN C 309 -3.19 21.65 30.16
C ASN C 309 -2.57 22.57 31.19
N PRO C 310 -3.34 22.96 32.24
CA PRO C 310 -2.79 23.84 33.29
C PRO C 310 -1.68 23.21 34.10
N TYR C 311 -1.54 21.92 34.07
CA TYR C 311 -0.51 21.20 34.81
C TYR C 311 0.59 20.68 33.88
N ALA C 312 0.77 21.27 32.69
CA ALA C 312 1.75 20.81 31.72
C ALA C 312 3.14 20.85 32.27
N VAL C 313 3.93 19.82 31.97
CA VAL C 313 5.30 19.73 32.41
C VAL C 313 6.08 19.63 31.13
N MET C 314 6.81 20.68 30.78
CA MET C 314 7.56 20.74 29.54
C MET C 314 8.62 19.67 29.41
N ALA C 315 9.26 19.31 30.51
CA ALA C 315 10.29 18.28 30.53
C ALA C 315 9.77 16.91 30.09
N ASP C 316 8.48 16.60 30.33
CA ASP C 316 7.86 15.32 29.96
C ASP C 316 7.20 15.34 28.56
N ASN C 317 7.45 16.38 27.77
CA ASN C 317 6.84 16.50 26.45
C ASN C 317 7.70 16.02 25.30
N PHE C 318 8.96 15.56 25.57
CA PHE C 318 9.91 15.19 24.51
C PHE C 318 10.60 13.84 24.73
N PRO C 319 11.00 13.10 23.68
CA PRO C 319 10.75 13.37 22.24
C PRO C 319 9.27 13.28 21.87
N ALA C 320 8.83 14.18 21.01
CA ALA C 320 7.44 14.21 20.54
C ALA C 320 7.42 13.85 19.06
N THR C 321 6.32 13.23 18.60
CA THR C 321 6.15 12.90 17.20
C THR C 321 5.13 13.85 16.60
N PHE C 322 5.51 14.48 15.51
CA PHE C 322 4.67 15.41 14.81
C PHE C 322 4.31 14.81 13.45
N PHE C 323 3.07 14.97 13.07
CA PHE C 323 2.54 14.45 11.83
C PHE C 323 2.05 15.67 11.06
N VAL C 324 2.54 15.84 9.83
CA VAL C 324 2.27 17.04 9.05
C VAL C 324 1.62 16.71 7.70
N PRO C 325 0.89 17.68 7.11
CA PRO C 325 0.37 17.45 5.74
C PRO C 325 1.56 17.20 4.77
N LYS C 326 1.34 16.36 3.76
CA LYS C 326 2.39 15.92 2.83
C LYS C 326 3.11 17.03 2.08
N HIS C 327 2.48 18.18 1.78
CA HIS C 327 3.19 19.27 1.08
C HIS C 327 4.47 19.72 1.83
N PHE C 328 4.56 19.49 3.17
CA PHE C 328 5.76 19.81 3.95
C PHE C 328 6.99 19.01 3.54
N PHE C 329 6.79 17.82 2.94
CA PHE C 329 7.89 16.96 2.48
C PHE C 329 8.33 17.24 1.02
N ASP C 330 7.60 18.09 0.29
CA ASP C 330 7.88 18.43 -1.09
C ASP C 330 9.08 19.36 -1.21
N ASP C 331 9.61 19.48 -2.44
CA ASP C 331 10.70 20.40 -2.76
C ASP C 331 10.19 21.80 -2.51
N ASP C 332 10.83 22.51 -1.57
CA ASP C 332 10.38 23.84 -1.15
C ASP C 332 8.96 23.81 -0.62
N GLY C 333 8.66 22.79 0.18
CA GLY C 333 7.35 22.62 0.80
C GLY C 333 7.07 23.68 1.85
N LEU C 334 8.13 24.13 2.53
CA LEU C 334 8.04 25.18 3.55
C LEU C 334 7.84 26.60 2.96
N GLY C 335 7.94 26.73 1.64
CA GLY C 335 7.80 27.99 0.93
C GLY C 335 8.90 28.18 -0.10
N GLU C 336 8.76 29.23 -0.92
CA GLU C 336 9.75 29.53 -1.94
C GLU C 336 11.13 29.80 -1.37
N GLY C 337 12.07 28.93 -1.72
CA GLY C 337 13.45 29.00 -1.27
C GLY C 337 13.69 28.52 0.15
N LYS C 338 12.67 27.91 0.80
CA LYS C 338 12.82 27.47 2.17
C LYS C 338 13.13 25.98 2.35
N GLY C 339 12.92 25.17 1.33
CA GLY C 339 13.22 23.74 1.42
C GLY C 339 12.12 22.89 2.01
N SER C 340 12.46 21.67 2.42
CA SER C 340 11.50 20.73 2.95
C SER C 340 11.65 20.51 4.46
N ILE C 341 10.61 20.00 5.15
CA ILE C 341 10.66 19.82 6.60
C ILE C 341 11.75 18.84 7.02
N GLN C 342 11.93 17.74 6.27
CA GLN C 342 12.93 16.71 6.54
C GLN C 342 14.38 17.18 6.40
N THR C 343 14.60 18.35 5.77
CA THR C 343 15.93 18.94 5.65
C THR C 343 16.41 19.47 7.00
N TYR C 344 15.48 20.01 7.81
CA TYR C 344 15.81 20.70 9.06
C TYR C 344 15.42 19.97 10.33
N PHE C 345 14.51 19.01 10.20
CA PHE C 345 14.06 18.21 11.35
C PHE C 345 14.15 16.76 10.97
N ASN C 346 14.41 15.89 11.95
CA ASN C 346 14.51 14.45 11.73
C ASN C 346 13.15 13.83 11.40
N VAL C 347 13.02 13.21 10.23
CA VAL C 347 11.79 12.58 9.80
C VAL C 347 12.08 11.09 9.58
N ASN C 348 11.30 10.20 10.18
CA ASN C 348 11.52 8.76 10.07
C ASN C 348 10.74 8.16 8.87
N GLU C 349 10.85 6.84 8.65
CA GLU C 349 10.22 6.14 7.54
C GLU C 349 8.71 6.27 7.47
N GLN C 350 8.04 6.50 8.61
CA GLN C 350 6.59 6.63 8.65
C GLN C 350 6.11 8.09 8.42
N GLY C 351 7.04 9.03 8.30
CA GLY C 351 6.69 10.44 8.12
C GLY C 351 6.51 11.21 9.42
N ALA C 352 6.97 10.64 10.54
CA ALA C 352 6.91 11.30 11.83
C ALA C 352 8.13 12.20 11.96
N VAL C 353 7.87 13.48 12.27
CA VAL C 353 8.88 14.49 12.51
C VAL C 353 9.16 14.36 13.99
N VAL C 354 10.38 13.94 14.35
CA VAL C 354 10.74 13.74 15.76
C VAL C 354 11.38 14.98 16.36
N ILE C 355 10.68 15.63 17.30
CA ILE C 355 11.09 16.85 17.97
C ILE C 355 11.65 16.48 19.33
N GLN C 356 12.94 16.75 19.56
CA GLN C 356 13.62 16.27 20.75
C GLN C 356 13.71 17.17 21.94
N ASN C 357 13.45 18.48 21.79
CA ASN C 357 13.60 19.39 22.94
C ASN C 357 12.81 20.68 22.75
N PRO C 358 12.66 21.51 23.82
CA PRO C 358 11.86 22.74 23.70
C PRO C 358 12.33 23.71 22.63
N GLN C 359 13.63 23.84 22.44
CA GLN C 359 14.20 24.75 21.45
C GLN C 359 13.83 24.30 20.06
N GLU C 360 13.98 23.01 19.78
CA GLU C 360 13.64 22.45 18.49
C GLU C 360 12.12 22.54 18.23
N PHE C 361 11.28 22.45 19.30
CA PHE C 361 9.83 22.57 19.19
C PHE C 361 9.46 24.02 18.86
N SER C 362 10.18 24.97 19.48
CA SER C 362 10.00 26.40 19.21
C SER C 362 10.34 26.69 17.74
N ASN C 363 11.44 26.12 17.21
CA ASN C 363 11.80 26.28 15.81
C ASN C 363 10.74 25.68 14.87
N PHE C 364 10.30 24.45 15.15
CA PHE C 364 9.28 23.78 14.36
C PHE C 364 7.97 24.60 14.36
N GLN C 365 7.55 25.09 15.52
CA GLN C 365 6.33 25.88 15.60
C GLN C 365 6.44 27.16 14.75
N GLN C 366 7.60 27.82 14.75
CA GLN C 366 7.78 29.04 13.95
C GLN C 366 7.76 28.72 12.45
N VAL C 367 8.34 27.61 12.05
CA VAL C 367 8.30 27.17 10.67
C VAL C 367 6.84 26.91 10.22
N ALA C 368 6.05 26.21 11.07
CA ALA C 368 4.67 25.88 10.76
C ALA C 368 3.79 27.13 10.78
N ILE C 369 4.04 28.05 11.71
CA ILE C 369 3.29 29.30 11.78
C ILE C 369 3.52 30.13 10.50
N ASN C 370 4.78 30.19 10.04
CA ASN C 370 5.14 30.89 8.79
C ASN C 370 4.48 30.24 7.57
N ALA C 371 4.21 28.92 7.62
CA ALA C 371 3.55 28.18 6.57
C ALA C 371 2.00 28.19 6.71
N SER C 372 1.45 29.04 7.61
CA SER C 372 0.03 29.27 7.84
C SER C 372 -0.66 28.29 8.80
N TYR C 373 0.08 27.63 9.69
CA TYR C 373 -0.51 26.71 10.65
C TYR C 373 -0.43 27.34 12.04
N ARG C 374 -1.57 27.47 12.72
CA ARG C 374 -1.69 28.19 13.96
C ARG C 374 -1.29 27.43 15.22
N ALA C 375 -0.48 28.10 16.04
CA ALA C 375 -0.07 27.55 17.33
C ALA C 375 -1.05 27.95 18.42
N SER C 376 -1.14 27.13 19.45
CA SER C 376 -1.91 27.42 20.65
C SER C 376 -0.82 27.32 21.70
N LEU C 377 -0.52 28.44 22.36
CA LEU C 377 0.58 28.47 23.31
C LEU C 377 0.15 28.31 24.75
N ASN C 378 0.81 27.40 25.44
CA ASN C 378 0.58 27.20 26.85
C ASN C 378 1.71 27.91 27.59
N ASP C 379 1.40 28.86 28.51
CA ASP C 379 2.45 29.55 29.26
C ASP C 379 3.25 28.59 30.16
N LYS C 380 2.63 27.50 30.62
CA LYS C 380 3.34 26.49 31.43
C LYS C 380 4.49 25.83 30.64
N TRP C 381 4.48 25.93 29.29
CA TRP C 381 5.56 25.41 28.46
C TRP C 381 6.85 26.19 28.68
N ASN C 382 6.77 27.45 29.13
CA ASN C 382 7.93 28.31 29.43
C ASN C 382 8.55 28.00 30.81
N SER C 383 7.79 27.33 31.71
CA SER C 383 8.25 26.98 33.04
C SER C 383 9.45 26.06 32.94
N GLY C 384 10.59 26.51 33.44
CA GLY C 384 11.82 25.72 33.41
C GLY C 384 12.76 26.06 32.27
N LEU C 385 12.33 26.90 31.32
CA LEU C 385 13.15 27.30 30.19
C LEU C 385 14.02 28.48 30.53
N ASP C 386 15.19 28.57 29.88
CA ASP C 386 16.11 29.69 30.05
C ASP C 386 15.46 31.00 29.60
N SER C 387 14.66 30.94 28.54
CA SER C 387 13.97 32.08 27.97
C SER C 387 12.55 31.64 27.52
N PRO C 388 11.53 32.48 27.75
CA PRO C 388 10.16 32.08 27.38
C PRO C 388 9.90 32.06 25.87
N LEU C 389 10.18 30.94 25.22
CA LEU C 389 10.02 30.82 23.77
C LEU C 389 8.57 30.80 23.28
N PHE C 390 7.65 30.37 24.15
CA PHE C 390 6.26 30.16 23.81
C PHE C 390 5.39 31.30 24.28
N THR C 391 5.61 32.47 23.68
CA THR C 391 4.82 33.65 23.95
C THR C 391 4.26 34.15 22.63
N THR C 392 3.11 34.81 22.69
CA THR C 392 2.44 35.40 21.54
C THR C 392 3.37 36.26 20.67
N LYS C 393 4.16 37.14 21.31
CA LYS C 393 5.08 38.03 20.59
C LYS C 393 6.24 37.29 19.93
N ARG C 394 6.84 36.35 20.63
CA ARG C 394 7.95 35.57 20.04
C ARG C 394 7.52 34.63 18.94
N LYS C 395 6.22 34.26 18.88
CA LYS C 395 5.75 33.34 17.86
C LYS C 395 4.98 33.99 16.71
N LEU C 396 5.01 35.33 16.60
CA LEU C 396 4.31 36.04 15.53
C LEU C 396 4.79 35.56 14.17
N SER C 397 3.85 35.43 13.23
CA SER C 397 4.15 35.02 11.87
C SER C 397 5.15 35.99 11.24
N HIS C 398 6.08 35.45 10.44
CA HIS C 398 7.05 36.28 9.76
C HIS C 398 6.39 37.06 8.61
N ASP C 399 5.28 36.58 8.05
CA ASP C 399 4.54 37.35 7.05
C ASP C 399 3.90 38.56 7.69
N TYR C 400 3.42 38.44 8.96
CA TYR C 400 2.84 39.56 9.66
C TYR C 400 3.94 40.61 9.94
N LEU C 401 5.08 40.17 10.47
CA LEU C 401 6.17 41.06 10.81
C LEU C 401 6.77 41.74 9.57
N ASP C 402 6.92 41.01 8.45
CA ASP C 402 7.44 41.56 7.18
C ASP C 402 6.45 42.55 6.58
N ALA C 403 5.14 42.21 6.54
CA ALA C 403 4.15 43.16 6.00
C ALA C 403 4.12 44.44 6.86
N ARG C 404 4.28 44.31 8.19
CA ARG C 404 4.31 45.47 9.06
C ARG C 404 5.54 46.31 8.77
N ASP C 405 6.70 45.68 8.52
CA ASP C 405 7.93 46.42 8.20
C ASP C 405 7.75 47.18 6.91
N GLU C 406 7.17 46.53 5.89
CA GLU C 406 6.93 47.12 4.58
C GLU C 406 5.96 48.27 4.63
N VAL C 407 4.83 48.12 5.31
CA VAL C 407 3.86 49.19 5.45
C VAL C 407 4.46 50.40 6.20
N ALA C 408 5.22 50.15 7.29
CA ALA C 408 5.84 51.24 8.05
C ALA C 408 6.80 52.06 7.16
N LYS C 409 7.61 51.37 6.34
CA LYS C 409 8.56 51.99 5.43
C LYS C 409 7.83 52.76 4.31
N LYS C 410 6.79 52.15 3.70
CA LYS C 410 6.05 52.78 2.61
C LYS C 410 5.17 53.97 3.01
N LEU C 411 4.59 53.95 4.22
CA LEU C 411 3.70 55.04 4.66
C LEU C 411 4.38 56.15 5.46
N GLY C 412 5.70 56.08 5.62
CA GLY C 412 6.42 57.05 6.43
C GLY C 412 6.10 56.90 7.91
N LEU C 413 5.79 55.67 8.35
CA LEU C 413 5.50 55.41 9.75
C LEU C 413 6.69 54.62 10.38
N LYS D 16 13.04 -52.28 -2.80
CA LYS D 16 14.05 -51.85 -3.77
C LYS D 16 13.56 -51.83 -5.24
N THR D 17 12.26 -52.10 -5.47
CA THR D 17 11.72 -52.10 -6.83
C THR D 17 10.68 -50.98 -6.96
N TYR D 18 10.76 -50.18 -8.03
CA TYR D 18 9.78 -49.12 -8.22
C TYR D 18 8.57 -49.74 -8.84
N GLN D 19 7.44 -49.71 -8.14
CA GLN D 19 6.22 -50.27 -8.67
C GLN D 19 5.09 -49.30 -8.43
N SER D 20 4.44 -48.85 -9.50
CA SER D 20 3.32 -47.93 -9.40
C SER D 20 2.47 -48.17 -10.61
N ARG D 21 1.25 -48.71 -10.43
CA ARG D 21 0.34 -49.06 -11.53
C ARG D 21 1.09 -49.96 -12.58
N ASP D 22 1.07 -49.62 -13.87
CA ASP D 22 1.76 -50.37 -14.92
C ASP D 22 3.25 -50.05 -15.02
N LEU D 23 3.81 -49.21 -14.12
CA LEU D 23 5.24 -48.86 -14.18
C LEU D 23 6.09 -49.70 -13.20
N VAL D 24 6.97 -50.54 -13.74
CA VAL D 24 7.86 -51.38 -12.95
C VAL D 24 9.30 -51.06 -13.32
N LEU D 25 10.13 -50.67 -12.34
CA LEU D 25 11.53 -50.40 -12.60
C LEU D 25 12.40 -51.24 -11.68
N GLU D 26 13.37 -51.92 -12.26
CA GLU D 26 14.30 -52.76 -11.51
C GLU D 26 15.55 -51.94 -11.17
N PRO D 27 16.20 -52.22 -10.02
CA PRO D 27 17.44 -51.50 -9.71
C PRO D 27 18.54 -51.72 -10.77
N ILE D 28 19.38 -50.72 -10.99
CA ILE D 28 20.46 -50.78 -11.97
C ILE D 28 21.44 -51.86 -11.60
N GLN D 29 21.72 -52.76 -12.54
CA GLN D 29 22.73 -53.81 -12.36
C GLN D 29 23.90 -53.39 -13.24
N HIS D 30 25.08 -53.26 -12.63
CA HIS D 30 26.31 -52.83 -13.30
C HIS D 30 26.18 -51.41 -13.84
N PRO D 31 26.37 -50.39 -12.98
CA PRO D 31 26.29 -49.01 -13.47
C PRO D 31 27.50 -48.68 -14.34
N LYS D 32 27.26 -48.06 -15.50
CA LYS D 32 28.34 -47.74 -16.43
C LYS D 32 28.78 -46.27 -16.39
N SER D 33 30.08 -45.99 -16.62
CA SER D 33 30.54 -44.60 -16.67
C SER D 33 30.32 -44.06 -18.08
N ILE D 34 29.60 -42.95 -18.20
CA ILE D 34 29.29 -42.36 -19.50
C ILE D 34 30.07 -41.08 -19.70
N GLU D 35 30.79 -40.95 -20.82
CA GLU D 35 31.52 -39.72 -21.13
C GLU D 35 30.52 -38.60 -21.48
N LEU D 36 30.78 -37.41 -20.97
CA LEU D 36 29.95 -36.24 -21.24
C LEU D 36 30.86 -35.11 -21.66
N GLY D 37 30.36 -34.23 -22.51
CA GLY D 37 31.11 -33.06 -22.92
C GLY D 37 30.96 -31.90 -21.94
N MET D 38 29.92 -31.92 -21.08
CA MET D 38 29.70 -30.85 -20.12
C MET D 38 30.78 -30.99 -19.02
N PRO D 39 31.54 -29.92 -18.76
CA PRO D 39 32.55 -29.98 -17.71
C PRO D 39 31.91 -30.34 -16.37
N GLU D 40 32.64 -31.10 -15.58
CA GLU D 40 32.18 -31.56 -14.27
C GLU D 40 31.76 -30.43 -13.36
N VAL D 41 32.45 -29.33 -13.46
CA VAL D 41 32.22 -28.12 -12.70
C VAL D 41 30.86 -27.50 -13.11
N ASP D 42 30.47 -27.58 -14.39
CA ASP D 42 29.15 -27.09 -14.87
C ASP D 42 28.04 -28.05 -14.43
N GLN D 43 28.32 -29.36 -14.35
CA GLN D 43 27.37 -30.33 -13.85
C GLN D 43 27.05 -30.03 -12.36
N SER D 44 28.09 -29.72 -11.58
CA SER D 44 27.94 -29.40 -10.15
C SER D 44 27.10 -28.12 -9.96
N VAL D 45 27.33 -27.10 -10.77
CA VAL D 45 26.51 -25.88 -10.73
C VAL D 45 25.04 -26.18 -11.01
N LEU D 46 24.75 -26.96 -12.06
CA LEU D 46 23.38 -27.30 -12.43
C LEU D 46 22.72 -28.17 -11.38
N ALA D 47 23.49 -29.04 -10.70
CA ALA D 47 22.96 -29.83 -9.57
C ALA D 47 22.48 -28.87 -8.46
N GLU D 48 23.24 -27.79 -8.22
CA GLU D 48 22.90 -26.79 -7.22
C GLU D 48 21.74 -25.91 -7.66
N VAL D 49 21.65 -25.56 -8.95
CA VAL D 49 20.52 -24.79 -9.47
C VAL D 49 19.23 -25.57 -9.31
N ALA D 50 19.24 -26.89 -9.64
CA ALA D 50 18.07 -27.75 -9.49
C ALA D 50 17.56 -27.74 -8.04
N GLU D 51 18.47 -27.85 -7.08
CA GLU D 51 18.13 -27.84 -5.65
C GLU D 51 17.64 -26.44 -5.22
N ARG D 52 18.38 -25.38 -5.56
CA ARG D 52 18.03 -24.03 -5.16
C ARG D 52 16.64 -23.62 -5.69
N GLU D 53 16.41 -23.87 -6.98
CA GLU D 53 15.17 -23.52 -7.67
C GLU D 53 14.04 -24.54 -7.55
N ASN D 54 14.34 -25.72 -6.99
CA ASN D 54 13.37 -26.82 -6.84
C ASN D 54 12.70 -27.21 -8.17
N VAL D 55 13.55 -27.42 -9.19
CA VAL D 55 13.13 -27.85 -10.52
C VAL D 55 14.03 -28.99 -11.01
N ILE D 56 13.57 -29.75 -11.99
CA ILE D 56 14.37 -30.78 -12.64
C ILE D 56 14.81 -30.17 -13.97
N ILE D 57 16.10 -30.16 -14.25
CA ILE D 57 16.62 -29.58 -15.47
C ILE D 57 17.29 -30.66 -16.33
N GLY D 58 16.85 -30.80 -17.58
CA GLY D 58 17.48 -31.71 -18.52
C GLY D 58 18.26 -30.96 -19.57
N VAL D 59 19.44 -31.45 -19.96
CA VAL D 59 20.26 -30.79 -20.95
C VAL D 59 20.66 -31.80 -22.02
N ARG D 60 20.47 -31.45 -23.31
CA ARG D 60 20.80 -32.31 -24.44
C ARG D 60 22.33 -32.60 -24.51
N PRO D 61 22.77 -33.59 -25.30
CA PRO D 61 24.22 -33.92 -25.32
C PRO D 61 25.17 -32.83 -25.80
N VAL D 62 26.40 -32.95 -25.35
CA VAL D 62 27.48 -32.09 -25.77
C VAL D 62 28.65 -33.03 -26.05
N ASP D 63 29.29 -32.90 -27.22
CA ASP D 63 30.38 -33.81 -27.60
C ASP D 63 31.52 -33.68 -26.60
N GLU D 64 32.13 -34.79 -26.26
CA GLU D 64 33.20 -34.86 -25.29
C GLU D 64 34.37 -33.94 -25.60
N LYS D 65 34.67 -33.68 -26.87
CA LYS D 65 35.78 -32.77 -27.27
C LYS D 65 35.41 -31.28 -27.17
N SER D 66 34.15 -30.95 -26.81
CA SER D 66 33.79 -29.56 -26.56
C SER D 66 34.16 -29.17 -25.11
N LYS D 67 34.43 -30.17 -24.21
CA LYS D 67 34.68 -29.99 -22.78
C LYS D 67 35.68 -28.88 -22.45
N SER D 68 36.90 -28.94 -22.94
CA SER D 68 37.89 -27.91 -22.64
C SER D 68 37.54 -26.55 -23.26
N LEU D 69 36.84 -26.53 -24.40
CA LEU D 69 36.41 -25.26 -24.99
C LEU D 69 35.43 -24.56 -24.02
N ILE D 70 34.50 -25.34 -23.43
CA ILE D 70 33.55 -24.76 -22.48
C ILE D 70 34.25 -24.41 -21.18
N ALA D 71 35.13 -25.28 -20.71
CA ALA D 71 35.83 -25.07 -19.45
C ALA D 71 36.78 -23.86 -19.47
N SER D 72 37.26 -23.45 -20.65
CA SER D 72 38.18 -22.31 -20.76
C SER D 72 37.50 -20.97 -20.55
N LYS D 73 36.15 -20.90 -20.66
CA LYS D 73 35.35 -19.69 -20.53
C LYS D 73 35.69 -18.61 -21.58
N MET D 74 36.41 -18.98 -22.63
CA MET D 74 36.88 -18.08 -23.69
C MET D 74 35.81 -17.80 -24.76
N TYR D 75 34.79 -18.67 -24.93
CA TYR D 75 33.92 -18.55 -26.09
C TYR D 75 32.50 -18.28 -25.86
N SER D 76 31.91 -17.56 -26.80
CA SER D 76 30.47 -17.42 -26.85
C SER D 76 29.95 -18.66 -27.63
N SER D 77 28.66 -18.88 -27.66
CA SER D 77 28.08 -20.04 -28.31
C SER D 77 26.87 -19.67 -29.18
N LYS D 78 26.45 -20.61 -30.00
CA LYS D 78 25.40 -20.42 -30.97
C LYS D 78 23.98 -20.47 -30.40
N GLY D 79 23.22 -19.43 -30.68
CA GLY D 79 21.81 -19.37 -30.31
C GLY D 79 20.97 -19.80 -31.51
N LEU D 80 19.65 -19.55 -31.45
CA LEU D 80 18.65 -19.92 -32.47
C LEU D 80 18.92 -19.46 -33.86
N PHE D 81 19.54 -18.29 -34.00
CA PHE D 81 19.84 -17.71 -35.31
C PHE D 81 21.00 -18.38 -36.03
N VAL D 82 21.71 -19.30 -35.36
CA VAL D 82 22.78 -20.06 -35.95
C VAL D 82 22.37 -21.52 -35.92
N LYS D 83 21.65 -21.95 -36.96
CA LYS D 83 21.19 -23.32 -37.07
C LYS D 83 22.24 -24.28 -37.67
N ALA D 84 23.35 -23.76 -38.24
CA ALA D 84 24.43 -24.61 -38.74
C ALA D 84 24.99 -25.42 -37.55
N LYS D 85 25.31 -26.68 -37.76
CA LYS D 85 25.81 -27.53 -36.71
C LYS D 85 27.28 -27.35 -36.40
N SER D 86 27.62 -27.64 -35.14
CA SER D 86 29.00 -27.71 -34.76
C SER D 86 29.60 -28.99 -35.38
N SER D 87 30.91 -29.07 -35.38
CA SER D 87 31.62 -30.23 -35.85
C SER D 87 31.99 -31.07 -34.64
N ASP D 88 32.09 -32.38 -34.83
CA ASP D 88 32.53 -33.28 -33.76
C ASP D 88 33.77 -34.09 -34.18
N TRP D 89 34.58 -33.57 -35.10
CA TRP D 89 35.78 -34.26 -35.61
C TRP D 89 36.76 -33.24 -36.15
N GLY D 90 38.00 -33.66 -36.37
CA GLY D 90 39.03 -32.79 -36.94
C GLY D 90 39.49 -31.64 -36.08
N PRO D 91 40.31 -30.78 -36.70
CA PRO D 91 40.78 -29.59 -35.97
C PRO D 91 39.66 -28.61 -35.65
N MET D 92 38.53 -28.72 -36.35
CA MET D 92 37.38 -27.87 -36.10
C MET D 92 36.43 -28.41 -35.05
N SER D 93 36.77 -29.51 -34.35
CA SER D 93 35.92 -30.09 -33.32
C SER D 93 35.47 -29.08 -32.28
N GLY D 94 34.18 -29.02 -32.02
CA GLY D 94 33.64 -28.08 -31.05
C GLY D 94 33.33 -26.72 -31.64
N PHE D 95 33.79 -26.42 -32.86
CA PHE D 95 33.49 -25.16 -33.56
C PHE D 95 32.46 -25.39 -34.67
N ILE D 96 31.99 -24.32 -35.33
CA ILE D 96 30.93 -24.42 -36.32
C ILE D 96 31.44 -24.06 -37.70
N PRO D 97 31.75 -25.06 -38.53
CA PRO D 97 32.30 -24.75 -39.85
C PRO D 97 31.31 -24.09 -40.82
N VAL D 98 31.79 -23.12 -41.57
CA VAL D 98 31.01 -22.44 -42.59
C VAL D 98 30.66 -23.47 -43.70
N ASP D 99 31.64 -24.30 -44.09
CA ASP D 99 31.38 -25.39 -45.05
C ASP D 99 30.92 -26.55 -44.16
N GLN D 100 29.60 -26.80 -44.11
CA GLN D 100 28.96 -27.81 -43.28
C GLN D 100 29.25 -29.28 -43.64
N SER D 101 30.04 -29.53 -44.69
CA SER D 101 30.49 -30.90 -44.94
C SER D 101 31.57 -31.26 -43.86
N PHE D 102 32.12 -30.25 -43.15
CA PHE D 102 33.06 -30.46 -42.06
C PHE D 102 32.38 -30.51 -40.69
N ALA D 103 31.04 -30.49 -40.63
CA ALA D 103 30.26 -30.50 -39.39
C ALA D 103 29.92 -31.96 -38.96
N LYS D 104 29.13 -32.16 -37.90
CA LYS D 104 28.51 -33.37 -37.37
C LYS D 104 27.86 -34.17 -38.51
N ALA D 105 27.59 -35.46 -38.29
CA ALA D 105 26.95 -36.32 -39.31
C ALA D 105 25.58 -35.83 -39.79
N SER D 106 24.70 -35.41 -38.88
CA SER D 106 23.37 -34.96 -39.25
C SER D 106 23.43 -33.75 -40.23
N ALA D 107 24.47 -32.90 -40.11
CA ALA D 107 24.60 -31.78 -41.02
C ALA D 107 25.03 -32.29 -42.39
N ARG D 108 26.00 -33.20 -42.46
CA ARG D 108 26.48 -33.75 -43.72
C ARG D 108 25.39 -34.55 -44.48
N ARG D 109 24.34 -35.05 -43.80
CA ARG D 109 23.27 -35.79 -44.47
C ARG D 109 22.32 -34.85 -45.22
N ASP D 110 22.16 -33.60 -44.76
CA ASP D 110 21.31 -32.64 -45.47
C ASP D 110 22.14 -31.41 -45.73
N LEU D 111 23.25 -31.64 -46.41
CA LEU D 111 24.28 -30.68 -46.72
C LEU D 111 23.80 -29.37 -47.30
N GLU D 112 22.86 -29.41 -48.25
CA GLU D 112 22.35 -28.19 -48.88
C GLU D 112 21.63 -27.30 -47.89
N LYS D 113 20.83 -27.89 -47.01
CA LYS D 113 20.08 -27.16 -46.00
C LYS D 113 21.02 -26.50 -44.95
N PHE D 114 22.02 -27.24 -44.47
CA PHE D 114 22.91 -26.76 -43.43
C PHE D 114 23.92 -25.73 -43.96
N ASN D 115 24.39 -25.87 -45.23
CA ASN D 115 25.25 -24.87 -45.86
C ASN D 115 24.45 -23.56 -46.00
N GLU D 116 23.20 -23.66 -46.43
CA GLU D 116 22.35 -22.48 -46.55
C GLU D 116 22.14 -21.80 -45.17
N TYR D 117 21.99 -22.58 -44.07
CA TYR D 117 21.88 -22.02 -42.71
C TYR D 117 23.16 -21.23 -42.35
N ALA D 118 24.33 -21.84 -42.59
CA ALA D 118 25.62 -21.24 -42.30
C ALA D 118 25.78 -19.91 -43.05
N GLU D 119 25.49 -19.90 -44.36
CA GLU D 119 25.59 -18.70 -45.18
C GLU D 119 24.62 -17.64 -44.76
N GLN D 120 23.35 -18.01 -44.52
CA GLN D 120 22.35 -17.03 -44.14
C GLN D 120 22.63 -16.40 -42.80
N SER D 121 23.20 -17.18 -41.84
CA SER D 121 23.49 -16.62 -40.53
C SER D 121 24.56 -15.52 -40.64
N ILE D 122 25.51 -15.67 -41.57
CA ILE D 122 26.55 -14.68 -41.83
C ILE D 122 26.04 -13.51 -42.68
N LEU D 123 25.33 -13.81 -43.78
CA LEU D 123 24.78 -12.79 -44.69
C LEU D 123 23.72 -11.93 -44.03
N SER D 124 23.02 -12.46 -43.02
CA SER D 124 22.03 -11.66 -42.30
C SER D 124 22.64 -10.86 -41.12
N GLY D 125 23.93 -11.03 -40.84
CA GLY D 125 24.58 -10.33 -39.75
C GLY D 125 24.44 -10.96 -38.38
N ASN D 126 23.90 -12.20 -38.32
CA ASN D 126 23.81 -12.92 -37.02
C ASN D 126 25.10 -13.67 -36.66
N ALA D 127 26.14 -13.56 -37.52
CA ALA D 127 27.40 -14.23 -37.37
C ALA D 127 28.37 -13.64 -38.42
N VAL D 128 29.66 -13.91 -38.29
CA VAL D 128 30.65 -13.50 -39.25
C VAL D 128 31.43 -14.75 -39.67
N SER D 129 32.18 -14.65 -40.77
CA SER D 129 33.04 -15.72 -41.20
C SER D 129 34.40 -15.47 -40.54
N ALA D 130 34.84 -16.37 -39.67
CA ALA D 130 36.10 -16.19 -38.94
C ALA D 130 37.10 -17.27 -39.28
N ASN D 131 38.38 -16.93 -39.13
CA ASN D 131 39.44 -17.92 -39.30
C ASN D 131 39.50 -18.79 -38.03
N LEU D 132 40.03 -20.01 -38.18
CA LEU D 132 40.14 -20.94 -37.05
C LEU D 132 41.58 -21.01 -36.56
N TYR D 133 41.80 -20.59 -35.32
CA TYR D 133 43.11 -20.65 -34.70
C TYR D 133 43.05 -21.60 -33.53
N LEU D 134 44.00 -22.50 -33.44
CA LEU D 134 44.09 -23.45 -32.34
C LEU D 134 45.41 -23.21 -31.61
N ASN D 135 45.40 -23.23 -30.28
CA ASN D 135 46.64 -23.09 -29.51
C ASN D 135 47.28 -24.49 -29.31
N GLN D 136 48.49 -24.56 -28.74
CA GLN D 136 49.20 -25.83 -28.55
C GLN D 136 48.46 -26.76 -27.64
N VAL D 137 47.80 -26.24 -26.62
CA VAL D 137 47.03 -27.06 -25.69
C VAL D 137 45.92 -27.83 -26.40
N ARG D 138 45.19 -27.15 -27.31
CA ARG D 138 44.11 -27.81 -28.04
C ARG D 138 44.66 -28.84 -29.02
N ILE D 139 45.79 -28.52 -29.68
CA ILE D 139 46.45 -29.46 -30.61
C ILE D 139 46.88 -30.71 -29.85
N GLU D 140 47.50 -30.54 -28.67
CA GLU D 140 47.88 -31.69 -27.84
C GLU D 140 46.69 -32.52 -27.43
N GLU D 141 45.57 -31.87 -27.10
CA GLU D 141 44.35 -32.58 -26.71
C GLU D 141 43.82 -33.42 -27.88
N LEU D 142 43.79 -32.82 -29.08
CA LEU D 142 43.26 -33.51 -30.25
C LEU D 142 44.14 -34.65 -30.72
N VAL D 143 45.46 -34.47 -30.66
CA VAL D 143 46.39 -35.49 -31.10
C VAL D 143 46.58 -36.60 -30.04
N SER D 144 46.96 -36.22 -28.82
CA SER D 144 47.25 -37.19 -27.75
C SER D 144 46.05 -37.73 -26.97
N LYS D 145 45.15 -36.87 -26.47
CA LYS D 145 44.04 -37.33 -25.64
C LYS D 145 42.90 -37.98 -26.42
N TYR D 146 42.39 -37.31 -27.45
CA TYR D 146 41.25 -37.82 -28.22
C TYR D 146 41.66 -38.59 -29.47
N GLU D 147 42.90 -38.38 -29.97
CA GLU D 147 43.40 -39.00 -31.20
C GLU D 147 42.51 -38.69 -32.41
N SER D 148 41.90 -37.49 -32.41
CA SER D 148 41.06 -36.95 -33.48
C SER D 148 41.90 -36.49 -34.67
N LEU D 149 43.14 -36.09 -34.41
CA LEU D 149 44.11 -35.66 -35.40
C LEU D 149 45.31 -36.57 -35.28
N THR D 150 45.91 -36.94 -36.39
CA THR D 150 47.14 -37.73 -36.40
C THR D 150 48.31 -36.76 -36.13
N PRO D 151 49.48 -37.27 -35.69
CA PRO D 151 50.61 -36.35 -35.41
C PRO D 151 50.96 -35.41 -36.55
N LEU D 152 51.47 -34.24 -36.21
CA LEU D 152 51.81 -33.18 -37.14
C LEU D 152 53.10 -33.52 -37.89
N GLU D 153 53.02 -33.53 -39.23
CA GLU D 153 54.16 -33.81 -40.10
C GLU D 153 54.54 -32.53 -40.82
N LEU D 154 55.78 -32.10 -40.64
CA LEU D 154 56.26 -30.78 -41.16
C LEU D 154 56.35 -30.60 -42.67
N ASP D 155 56.49 -29.34 -43.10
CA ASP D 155 56.70 -28.97 -44.52
C ASP D 155 56.10 -29.95 -45.50
N VAL D 156 54.78 -30.15 -45.45
CA VAL D 156 54.20 -31.02 -46.52
C VAL D 156 53.68 -30.09 -47.61
N ASP D 157 53.01 -29.01 -47.21
CA ASP D 157 52.58 -28.03 -48.23
C ASP D 157 52.72 -26.60 -47.70
N SER D 158 53.67 -25.84 -48.24
CA SER D 158 53.83 -24.41 -47.96
C SER D 158 54.33 -24.06 -46.55
N GLY D 159 55.22 -24.87 -45.98
CA GLY D 159 55.74 -24.60 -44.64
C GLY D 159 54.73 -24.80 -43.52
N MET D 160 53.65 -25.54 -43.80
CA MET D 160 52.64 -25.83 -42.78
C MET D 160 52.81 -27.26 -42.26
N TYR D 161 52.20 -27.56 -41.10
CA TYR D 161 52.27 -28.88 -40.52
C TYR D 161 51.03 -29.65 -40.88
N LYS D 162 51.21 -30.73 -41.61
CA LYS D 162 50.12 -31.57 -42.05
C LYS D 162 49.62 -32.47 -40.93
N THR D 163 48.31 -32.68 -40.88
CA THR D 163 47.62 -33.61 -39.98
C THR D 163 46.40 -34.14 -40.72
N THR D 164 45.83 -35.26 -40.25
CA THR D 164 44.64 -35.82 -40.87
C THR D 164 43.55 -36.13 -39.85
N ALA D 165 42.30 -36.20 -40.30
CA ALA D 165 41.20 -36.57 -39.43
C ALA D 165 40.20 -37.36 -40.23
N THR D 166 39.47 -38.24 -39.55
CA THR D 166 38.43 -39.01 -40.19
C THR D 166 37.08 -38.54 -39.71
N ASN D 167 36.11 -38.49 -40.62
CA ASN D 167 34.72 -38.19 -40.26
C ASN D 167 33.88 -39.47 -40.13
N GLY D 168 34.52 -40.64 -40.12
CA GLY D 168 33.83 -41.92 -40.06
C GLY D 168 33.83 -42.59 -41.42
N ASP D 169 33.72 -41.80 -42.50
CA ASP D 169 33.69 -42.27 -43.88
C ASP D 169 35.01 -42.00 -44.65
N GLN D 170 35.51 -40.76 -44.63
CA GLN D 170 36.76 -40.44 -45.34
C GLN D 170 37.80 -39.78 -44.44
N THR D 171 39.08 -39.92 -44.79
CA THR D 171 40.17 -39.29 -44.05
C THR D 171 40.58 -38.06 -44.83
N ILE D 172 40.53 -36.89 -44.18
CA ILE D 172 40.77 -35.60 -44.81
C ILE D 172 41.97 -34.85 -44.23
N PRO D 173 42.85 -34.31 -45.10
CA PRO D 173 44.02 -33.58 -44.59
C PRO D 173 43.74 -32.12 -44.22
N PHE D 174 44.47 -31.64 -43.20
CA PHE D 174 44.44 -30.27 -42.70
C PHE D 174 45.87 -29.81 -42.50
N PHE D 175 46.13 -28.53 -42.73
CA PHE D 175 47.47 -27.96 -42.66
C PHE D 175 47.45 -26.83 -41.67
N LEU D 176 48.33 -26.91 -40.67
CA LEU D 176 48.38 -25.96 -39.60
C LEU D 176 49.56 -25.02 -39.78
N ASN D 177 49.29 -23.72 -39.79
CA ASN D 177 50.33 -22.72 -39.98
C ASN D 177 50.60 -21.96 -38.70
N LYS D 178 51.89 -21.86 -38.25
CA LYS D 178 52.17 -21.08 -37.05
C LYS D 178 52.06 -19.59 -37.37
N VAL D 179 51.26 -18.87 -36.58
CA VAL D 179 50.95 -17.45 -36.74
C VAL D 179 51.02 -16.73 -35.40
N THR D 180 51.08 -15.39 -35.43
CA THR D 180 51.07 -14.59 -34.21
C THR D 180 49.91 -13.61 -34.34
N VAL D 181 48.83 -13.86 -33.61
CA VAL D 181 47.61 -13.05 -33.65
C VAL D 181 47.43 -12.45 -32.26
N ASP D 182 47.30 -11.12 -32.17
CA ASP D 182 47.13 -10.40 -30.89
C ASP D 182 48.18 -10.79 -29.86
N ASP D 183 49.43 -10.88 -30.33
CA ASP D 183 50.62 -11.24 -29.53
C ASP D 183 50.56 -12.66 -28.94
N LYS D 184 49.68 -13.53 -29.47
CA LYS D 184 49.56 -14.92 -29.04
C LYS D 184 50.10 -15.81 -30.15
N GLU D 185 50.88 -16.83 -29.78
CA GLU D 185 51.38 -17.77 -30.77
C GLU D 185 50.33 -18.88 -30.98
N LEU D 186 49.70 -18.91 -32.16
CA LEU D 186 48.65 -19.87 -32.47
C LEU D 186 48.91 -20.63 -33.79
N TRP D 187 48.07 -21.63 -34.11
CA TRP D 187 48.12 -22.41 -35.34
C TRP D 187 46.86 -22.11 -36.13
N GLN D 188 46.99 -21.62 -37.35
CA GLN D 188 45.85 -21.35 -38.19
C GLN D 188 45.54 -22.59 -38.98
N VAL D 189 44.25 -22.97 -39.04
CA VAL D 189 43.82 -24.14 -39.78
C VAL D 189 43.58 -23.81 -41.24
N HIS D 190 44.14 -24.63 -42.12
CA HIS D 190 44.01 -24.54 -43.56
C HIS D 190 43.60 -25.91 -44.12
N TYR D 191 42.96 -25.91 -45.28
CA TYR D 191 42.50 -27.13 -45.92
C TYR D 191 42.61 -26.98 -47.46
N LEU D 192 42.49 -28.09 -48.21
CA LEU D 192 42.52 -28.00 -49.66
C LEU D 192 41.12 -27.78 -50.19
N ARG D 193 40.86 -26.57 -50.65
CA ARG D 193 39.60 -26.16 -51.25
C ARG D 193 39.86 -26.22 -52.75
N GLU D 194 39.36 -27.29 -53.41
CA GLU D 194 39.54 -27.54 -54.84
C GLU D 194 41.03 -27.52 -55.25
N GLY D 195 41.84 -28.35 -54.61
CA GLY D 195 43.27 -28.45 -54.88
C GLY D 195 44.11 -27.32 -54.32
N GLU D 196 43.48 -26.22 -53.90
CA GLU D 196 44.18 -25.06 -53.41
C GLU D 196 44.12 -24.91 -51.90
N LEU D 197 45.28 -24.65 -51.25
CA LEU D 197 45.39 -24.39 -49.83
C LEU D 197 44.59 -23.13 -49.50
N ALA D 198 43.66 -23.21 -48.53
CA ALA D 198 42.76 -22.11 -48.19
C ALA D 198 42.53 -22.04 -46.66
N PRO D 199 42.31 -20.83 -46.09
CA PRO D 199 42.08 -20.75 -44.65
C PRO D 199 40.70 -21.31 -44.28
N PHE D 200 40.64 -22.17 -43.27
CA PHE D 200 39.40 -22.81 -42.85
C PHE D 200 38.50 -21.79 -42.15
N LYS D 201 37.23 -21.71 -42.56
CA LYS D 201 36.29 -20.75 -41.97
C LYS D 201 35.30 -21.38 -41.00
N VAL D 202 35.11 -20.70 -39.86
CA VAL D 202 34.13 -21.11 -38.86
C VAL D 202 33.24 -19.89 -38.58
N ILE D 203 32.05 -20.15 -38.06
CA ILE D 203 31.09 -19.13 -37.72
C ILE D 203 31.53 -18.47 -36.41
N GLY D 204 31.70 -17.16 -36.51
CA GLY D 204 32.11 -16.29 -35.43
C GLY D 204 30.97 -15.44 -34.93
N ASP D 205 31.07 -15.03 -33.67
CA ASP D 205 30.14 -14.20 -32.96
C ASP D 205 29.95 -12.86 -33.72
N PRO D 206 28.70 -12.41 -33.95
CA PRO D 206 28.48 -11.17 -34.70
C PRO D 206 29.08 -9.93 -34.02
N VAL D 207 29.24 -9.94 -32.69
CA VAL D 207 29.81 -8.79 -31.98
C VAL D 207 31.35 -8.95 -31.80
N SER D 208 31.84 -10.04 -31.17
CA SER D 208 33.30 -10.18 -30.93
C SER D 208 34.10 -10.71 -32.12
N LYS D 209 33.42 -11.31 -33.11
CA LYS D 209 34.00 -11.95 -34.28
C LYS D 209 34.76 -13.25 -33.98
N GLN D 210 34.78 -13.71 -32.71
CA GLN D 210 35.49 -14.94 -32.34
C GLN D 210 34.65 -16.17 -32.62
N PRO D 211 35.30 -17.30 -32.94
CA PRO D 211 34.54 -18.54 -33.18
C PRO D 211 33.60 -18.92 -32.03
N MET D 212 32.40 -19.32 -32.36
CA MET D 212 31.43 -19.76 -31.36
C MET D 212 31.52 -21.29 -31.20
N THR D 213 31.20 -21.78 -30.00
CA THR D 213 31.13 -23.22 -29.75
C THR D 213 29.63 -23.63 -29.74
N ALA D 214 29.32 -24.90 -29.51
CA ALA D 214 27.97 -25.36 -29.32
C ALA D 214 27.48 -24.80 -27.97
N ASP D 215 26.18 -24.67 -27.86
CA ASP D 215 25.50 -24.18 -26.70
C ASP D 215 25.06 -25.36 -25.77
N TYR D 216 24.43 -25.07 -24.60
CA TYR D 216 23.79 -26.09 -23.79
C TYR D 216 22.31 -25.95 -24.20
N ASP D 217 21.73 -26.99 -24.78
CA ASP D 217 20.34 -26.95 -25.17
C ASP D 217 19.54 -27.61 -24.08
N LEU D 218 18.63 -26.87 -23.44
CA LEU D 218 17.74 -27.47 -22.46
C LEU D 218 16.82 -28.46 -23.18
N LEU D 219 16.73 -29.68 -22.64
CA LEU D 219 15.84 -30.68 -23.17
C LEU D 219 14.46 -30.36 -22.62
N THR D 220 14.37 -30.14 -21.27
CA THR D 220 13.13 -29.83 -20.57
C THR D 220 13.42 -29.38 -19.17
N VAL D 221 12.48 -28.61 -18.58
CA VAL D 221 12.49 -28.18 -17.19
C VAL D 221 11.18 -28.64 -16.57
N MET D 222 11.25 -29.39 -15.46
CA MET D 222 10.06 -29.89 -14.77
C MET D 222 9.94 -29.15 -13.46
N TYR D 223 8.82 -28.46 -13.29
CA TYR D 223 8.58 -27.62 -12.11
C TYR D 223 7.55 -28.31 -11.19
N THR D 224 7.53 -27.95 -9.95
CA THR D 224 6.65 -28.54 -8.94
C THR D 224 5.16 -28.17 -9.26
N TYR D 225 4.22 -29.11 -9.13
CA TYR D 225 2.78 -28.86 -9.36
C TYR D 225 2.31 -27.67 -8.48
N GLY D 226 2.79 -27.59 -7.24
CA GLY D 226 2.46 -26.49 -6.33
C GLY D 226 2.90 -25.11 -6.81
N ASP D 227 3.89 -25.05 -7.73
CA ASP D 227 4.34 -23.78 -8.29
C ASP D 227 3.74 -23.49 -9.68
N LEU D 228 2.92 -24.40 -10.25
CA LEU D 228 2.27 -24.14 -11.55
C LEU D 228 1.52 -22.76 -11.52
N GLY D 229 1.68 -21.96 -12.56
CA GLY D 229 0.99 -20.68 -12.64
C GLY D 229 1.09 -20.05 -13.99
N PRO D 230 0.69 -18.77 -14.08
CA PRO D 230 0.82 -18.01 -15.34
C PRO D 230 2.23 -18.01 -15.98
N GLN D 231 3.28 -18.16 -15.15
CA GLN D 231 4.66 -18.22 -15.66
C GLN D 231 4.95 -19.50 -16.48
N ASP D 232 4.03 -20.47 -16.48
CA ASP D 232 4.19 -21.70 -17.25
C ASP D 232 3.52 -21.65 -18.63
N LYS D 233 2.89 -20.50 -18.99
CA LYS D 233 2.30 -20.34 -20.31
C LYS D 233 3.42 -20.15 -21.33
N VAL D 234 3.48 -21.01 -22.33
CA VAL D 234 4.49 -20.90 -23.39
C VAL D 234 4.05 -19.81 -24.36
N LYS D 235 4.90 -18.82 -24.60
CA LYS D 235 4.56 -17.71 -25.47
C LYS D 235 5.39 -17.65 -26.75
N GLN D 236 4.79 -17.06 -27.79
CA GLN D 236 5.45 -16.79 -29.07
C GLN D 236 6.24 -15.50 -28.92
N PRO D 237 7.40 -15.40 -29.58
CA PRO D 237 8.22 -14.19 -29.45
C PRO D 237 7.52 -12.92 -29.93
N LEU D 238 7.83 -11.80 -29.27
CA LEU D 238 7.29 -10.52 -29.65
C LEU D 238 8.41 -9.58 -30.11
N THR D 239 8.09 -8.63 -31.01
CA THR D 239 9.06 -7.63 -31.41
C THR D 239 9.25 -6.65 -30.23
N TRP D 240 10.33 -5.87 -30.22
CA TRP D 240 10.60 -4.88 -29.18
C TRP D 240 9.43 -3.90 -29.00
N GLU D 241 8.82 -3.51 -30.12
CA GLU D 241 7.67 -2.62 -30.10
C GLU D 241 6.49 -3.32 -29.44
N GLN D 242 6.08 -4.51 -29.93
CA GLN D 242 4.96 -5.25 -29.36
C GLN D 242 5.16 -5.56 -27.87
N TRP D 243 6.39 -5.90 -27.47
CA TRP D 243 6.67 -6.21 -26.07
C TRP D 243 6.52 -4.96 -25.22
N LYS D 244 7.06 -3.80 -25.65
CA LYS D 244 6.95 -2.56 -24.90
C LYS D 244 5.49 -2.18 -24.65
N GLU D 245 4.62 -2.31 -25.67
CA GLU D 245 3.19 -2.01 -25.54
C GLU D 245 2.48 -2.94 -24.56
N SER D 246 2.94 -4.19 -24.44
CA SER D 246 2.30 -5.20 -23.59
C SER D 246 2.69 -5.15 -22.12
N VAL D 247 3.70 -4.34 -21.75
CA VAL D 247 4.15 -4.26 -20.36
C VAL D 247 3.98 -2.86 -19.72
N THR D 248 4.05 -2.80 -18.37
CA THR D 248 3.99 -1.57 -17.59
C THR D 248 5.39 -1.31 -17.05
N TYR D 249 6.08 -0.31 -17.60
CA TYR D 249 7.45 0.06 -17.27
C TYR D 249 7.76 0.12 -15.77
N GLU D 250 6.91 0.82 -14.99
CA GLU D 250 7.06 1.00 -13.55
C GLU D 250 7.11 -0.33 -12.79
N ASP D 251 6.44 -1.36 -13.28
CA ASP D 251 6.43 -2.69 -12.66
C ASP D 251 7.62 -3.57 -13.11
N LEU D 252 8.46 -3.11 -14.05
CA LEU D 252 9.57 -3.94 -14.56
C LEU D 252 10.80 -3.96 -13.68
N SER D 253 11.51 -5.08 -13.67
CA SER D 253 12.78 -5.20 -12.96
C SER D 253 13.88 -4.42 -13.72
N PRO D 254 15.03 -4.09 -13.09
CA PRO D 254 16.09 -3.36 -13.85
C PRO D 254 16.49 -4.06 -15.14
N LYS D 255 16.47 -5.40 -15.12
CA LYS D 255 16.80 -6.25 -16.25
C LYS D 255 15.87 -5.98 -17.44
N TYR D 256 14.55 -5.88 -17.17
CA TYR D 256 13.57 -5.65 -18.22
C TYR D 256 13.45 -4.16 -18.58
N LYS D 257 13.71 -3.24 -17.63
CA LYS D 257 13.71 -1.80 -17.93
C LYS D 257 14.85 -1.50 -18.93
N ALA D 258 16.01 -2.14 -18.78
CA ALA D 258 17.12 -1.93 -19.70
C ALA D 258 16.76 -2.36 -21.13
N ARG D 259 16.06 -3.49 -21.28
CA ARG D 259 15.60 -3.99 -22.59
C ARG D 259 14.51 -3.09 -23.19
N TYR D 260 13.68 -2.51 -22.32
CA TYR D 260 12.61 -1.60 -22.71
C TYR D 260 13.24 -0.31 -23.29
N ASP D 261 14.37 0.17 -22.69
CA ASP D 261 15.09 1.38 -23.09
C ASP D 261 16.18 1.16 -24.15
N ASN D 262 16.47 -0.12 -24.50
CA ASN D 262 17.50 -0.43 -25.50
C ASN D 262 17.06 -1.59 -26.39
N GLN D 263 16.66 -1.29 -27.64
CA GLN D 263 16.22 -2.27 -28.64
C GLN D 263 17.25 -3.37 -28.89
N ALA D 264 18.53 -3.01 -28.99
CA ALA D 264 19.61 -3.95 -29.24
C ALA D 264 19.72 -4.98 -28.10
N LEU D 265 19.56 -4.53 -26.85
CA LEU D 265 19.63 -5.40 -25.66
C LEU D 265 18.45 -6.38 -25.69
N TYR D 266 17.25 -5.88 -26.04
CA TYR D 266 16.06 -6.73 -26.10
C TYR D 266 16.23 -7.81 -27.17
N GLU D 267 16.64 -7.46 -28.39
CA GLU D 267 16.77 -8.44 -29.46
C GLU D 267 17.84 -9.49 -29.21
N LYS D 268 18.88 -9.12 -28.46
CA LYS D 268 20.00 -9.98 -28.10
C LYS D 268 19.67 -10.96 -26.98
N GLN D 269 18.89 -10.53 -25.98
CA GLN D 269 18.60 -11.36 -24.82
C GLN D 269 17.15 -11.80 -24.68
N ASP D 270 16.27 -11.41 -25.59
CA ASP D 270 14.85 -11.65 -25.50
C ASP D 270 14.27 -11.72 -26.94
N GLY D 271 12.94 -11.66 -27.07
CA GLY D 271 12.29 -11.68 -28.35
C GLY D 271 12.52 -12.96 -29.12
N ALA D 272 12.64 -12.84 -30.43
CA ALA D 272 12.85 -13.93 -31.36
C ALA D 272 14.01 -14.85 -30.98
N SER D 273 15.09 -14.32 -30.37
CA SER D 273 16.25 -15.12 -29.96
C SER D 273 15.90 -16.19 -28.93
N LEU D 274 14.79 -16.02 -28.17
CA LEU D 274 14.37 -17.02 -27.18
C LEU D 274 13.54 -18.16 -27.77
N GLY D 275 12.87 -17.93 -28.88
CA GLY D 275 11.97 -18.90 -29.50
C GLY D 275 10.70 -19.03 -28.69
N MET D 276 10.12 -20.25 -28.65
CA MET D 276 8.93 -20.55 -27.86
C MET D 276 9.39 -20.77 -26.44
N VAL D 277 8.95 -19.92 -25.49
CA VAL D 277 9.42 -20.00 -24.13
C VAL D 277 8.36 -19.53 -23.13
N SER D 278 8.41 -20.04 -21.91
CA SER D 278 7.54 -19.58 -20.83
C SER D 278 8.34 -18.56 -20.00
N ASP D 279 7.65 -17.79 -19.15
CA ASP D 279 8.30 -16.84 -18.27
C ASP D 279 9.22 -17.55 -17.28
N ARG D 280 8.80 -18.75 -16.80
CA ARG D 280 9.60 -19.52 -15.88
C ARG D 280 10.95 -19.88 -16.51
N LEU D 281 10.92 -20.32 -17.77
CA LEU D 281 12.11 -20.70 -18.46
C LEU D 281 13.00 -19.52 -18.77
N LYS D 282 12.41 -18.33 -19.10
CA LYS D 282 13.21 -17.12 -19.33
C LYS D 282 14.03 -16.79 -18.11
N GLU D 283 13.42 -16.85 -16.91
CA GLU D 283 14.08 -16.58 -15.64
C GLU D 283 15.10 -17.64 -15.29
N LEU D 284 14.74 -18.91 -15.47
CA LEU D 284 15.65 -20.01 -15.15
C LEU D 284 16.90 -20.01 -16.05
N LYS D 285 16.75 -19.58 -17.32
CA LYS D 285 17.87 -19.44 -18.25
C LYS D 285 18.86 -18.40 -17.69
N ASP D 286 18.35 -17.27 -17.16
CA ASP D 286 19.20 -16.25 -16.55
C ASP D 286 19.86 -16.76 -15.29
N VAL D 287 19.13 -17.50 -14.46
CA VAL D 287 19.71 -18.10 -13.23
C VAL D 287 20.84 -19.07 -13.63
N ILE D 288 20.62 -19.92 -14.64
CA ILE D 288 21.64 -20.87 -15.11
C ILE D 288 22.89 -20.17 -15.61
N ASN D 289 22.73 -19.21 -16.52
CA ASN D 289 23.87 -18.46 -17.07
C ASN D 289 24.60 -17.67 -15.99
N THR D 290 23.89 -17.05 -15.06
CA THR D 290 24.52 -16.33 -13.95
C THR D 290 25.28 -17.32 -13.05
N SER D 291 24.68 -18.46 -12.71
CA SER D 291 25.34 -19.46 -11.85
C SER D 291 26.59 -20.06 -12.50
N LEU D 292 26.59 -20.15 -13.84
CA LEU D 292 27.75 -20.63 -14.55
C LEU D 292 28.83 -19.54 -14.71
N GLY D 293 28.55 -18.30 -14.32
CA GLY D 293 29.46 -17.17 -14.52
C GLY D 293 29.56 -16.81 -15.99
N ARG D 294 28.49 -17.01 -16.75
CA ARG D 294 28.50 -16.74 -18.18
C ARG D 294 27.50 -15.72 -18.59
N THR D 295 27.91 -14.48 -18.47
CA THR D 295 27.11 -13.33 -18.82
C THR D 295 27.87 -12.48 -19.86
N ASP D 296 27.27 -11.36 -20.30
CA ASP D 296 27.86 -10.40 -21.21
C ASP D 296 28.35 -11.02 -22.50
N GLY D 297 27.48 -11.82 -23.13
CA GLY D 297 27.82 -12.44 -24.39
C GLY D 297 28.42 -13.83 -24.34
N LEU D 298 28.81 -14.32 -23.15
CA LEU D 298 29.37 -15.67 -23.03
C LEU D 298 28.34 -16.75 -22.59
N GLU D 299 27.06 -16.39 -22.52
CA GLU D 299 25.98 -17.32 -22.14
C GLU D 299 26.04 -18.66 -22.90
N MET D 300 25.77 -19.77 -22.20
CA MET D 300 25.67 -21.11 -22.80
C MET D 300 24.20 -21.48 -23.11
N VAL D 301 23.24 -20.96 -22.33
CA VAL D 301 21.82 -21.22 -22.58
C VAL D 301 21.23 -19.99 -23.30
N HIS D 302 20.68 -20.19 -24.49
CA HIS D 302 20.21 -19.06 -25.30
C HIS D 302 18.72 -19.01 -25.54
N HIS D 303 18.04 -20.13 -25.43
CA HIS D 303 16.65 -20.20 -25.84
C HIS D 303 15.82 -21.20 -25.04
N GLY D 304 14.56 -21.36 -25.44
CA GLY D 304 13.59 -22.28 -24.89
C GLY D 304 14.03 -23.72 -25.07
N ALA D 305 13.51 -24.57 -24.23
CA ALA D 305 13.79 -25.98 -24.15
C ALA D 305 13.25 -26.72 -25.36
N ASP D 306 13.82 -27.91 -25.61
CA ASP D 306 13.44 -28.77 -26.69
C ASP D 306 11.96 -29.21 -26.57
N ASP D 307 11.37 -29.22 -25.36
CA ASP D 307 9.95 -29.57 -25.20
C ASP D 307 9.01 -28.64 -25.97
N ALA D 308 9.47 -27.43 -26.33
CA ALA D 308 8.70 -26.44 -27.07
C ALA D 308 9.27 -26.20 -28.48
N ASN D 309 10.16 -27.06 -28.95
CA ASN D 309 10.83 -26.91 -30.21
C ASN D 309 10.06 -27.65 -31.30
N PRO D 310 9.43 -26.93 -32.23
CA PRO D 310 8.69 -27.63 -33.33
C PRO D 310 9.58 -28.42 -34.30
N TYR D 311 10.91 -28.20 -34.24
CA TYR D 311 11.90 -28.89 -35.08
C TYR D 311 12.73 -29.93 -34.33
N ALA D 312 12.26 -30.36 -33.14
CA ALA D 312 12.95 -31.32 -32.29
C ALA D 312 13.27 -32.60 -33.01
N VAL D 313 14.46 -33.15 -32.80
CA VAL D 313 14.92 -34.41 -33.37
C VAL D 313 15.24 -35.29 -32.17
N MET D 314 14.44 -36.33 -31.92
CA MET D 314 14.61 -37.18 -30.76
C MET D 314 15.91 -37.92 -30.72
N ALA D 315 16.41 -38.33 -31.88
CA ALA D 315 17.66 -39.07 -32.00
C ALA D 315 18.87 -38.24 -31.50
N ASP D 316 18.80 -36.89 -31.60
CA ASP D 316 19.89 -36.02 -31.17
C ASP D 316 19.74 -35.54 -29.70
N ASN D 317 18.81 -36.12 -28.92
CA ASN D 317 18.55 -35.69 -27.57
C ASN D 317 19.26 -36.51 -26.49
N PHE D 318 19.99 -37.57 -26.87
CA PHE D 318 20.60 -38.48 -25.89
C PHE D 318 22.08 -38.77 -26.16
N PRO D 319 22.91 -39.04 -25.13
CA PRO D 319 22.60 -39.00 -23.68
C PRO D 319 22.32 -37.58 -23.20
N ALA D 320 21.37 -37.45 -22.30
CA ALA D 320 20.99 -36.18 -21.73
C ALA D 320 21.36 -36.20 -20.22
N THR D 321 21.76 -35.03 -19.67
CA THR D 321 22.06 -34.95 -18.25
C THR D 321 20.90 -34.25 -17.54
N PHE D 322 20.32 -34.92 -16.55
CA PHE D 322 19.24 -34.37 -15.73
C PHE D 322 19.75 -34.01 -14.34
N PHE D 323 19.33 -32.85 -13.83
CA PHE D 323 19.73 -32.33 -12.54
C PHE D 323 18.46 -32.22 -11.72
N VAL D 324 18.45 -32.83 -10.53
CA VAL D 324 17.22 -32.93 -9.74
C VAL D 324 17.40 -32.36 -8.34
N PRO D 325 16.30 -31.94 -7.68
CA PRO D 325 16.43 -31.49 -6.28
C PRO D 325 16.98 -32.65 -5.42
N LYS D 326 17.77 -32.32 -4.39
CA LYS D 326 18.48 -33.30 -3.57
C LYS D 326 17.60 -34.33 -2.86
N HIS D 327 16.34 -34.03 -2.53
CA HIS D 327 15.48 -35.03 -1.88
C HIS D 327 15.31 -36.32 -2.74
N PHE D 328 15.53 -36.23 -4.07
CA PHE D 328 15.47 -37.40 -4.97
C PHE D 328 16.56 -38.43 -4.66
N PHE D 329 17.67 -38.02 -4.06
CA PHE D 329 18.77 -38.91 -3.69
C PHE D 329 18.62 -39.54 -2.28
N ASP D 330 17.65 -39.08 -1.48
CA ASP D 330 17.41 -39.56 -0.14
C ASP D 330 16.79 -40.95 -0.14
N ASP D 331 16.81 -41.62 1.04
CA ASP D 331 16.20 -42.93 1.23
C ASP D 331 14.69 -42.74 1.03
N ASP D 332 14.13 -43.43 0.04
CA ASP D 332 12.73 -43.27 -0.32
C ASP D 332 12.41 -41.84 -0.73
N GLY D 333 13.33 -41.22 -1.49
CA GLY D 333 13.16 -39.87 -1.98
C GLY D 333 12.06 -39.76 -3.00
N LEU D 334 11.85 -40.83 -3.79
CA LEU D 334 10.79 -40.91 -4.80
C LEU D 334 9.37 -41.10 -4.20
N GLY D 335 9.30 -41.34 -2.89
CA GLY D 335 8.06 -41.57 -2.18
C GLY D 335 8.14 -42.77 -1.26
N GLU D 336 7.11 -42.96 -0.42
CA GLU D 336 7.04 -44.07 0.52
C GLU D 336 7.11 -45.40 -0.18
N GLY D 337 8.17 -46.15 0.08
CA GLY D 337 8.41 -47.46 -0.50
C GLY D 337 8.92 -47.46 -1.93
N LYS D 338 9.27 -46.28 -2.48
CA LYS D 338 9.70 -46.19 -3.86
C LYS D 338 11.20 -46.13 -4.07
N GLY D 339 11.97 -45.83 -3.03
CA GLY D 339 13.43 -45.78 -3.15
C GLY D 339 14.00 -44.44 -3.63
N SER D 340 15.24 -44.46 -4.08
CA SER D 340 15.93 -43.25 -4.51
C SER D 340 16.13 -43.22 -6.03
N ILE D 341 16.38 -42.03 -6.62
CA ILE D 341 16.57 -41.90 -8.07
C ILE D 341 17.80 -42.68 -8.57
N GLN D 342 18.90 -42.70 -7.78
CA GLN D 342 20.17 -43.41 -8.08
C GLN D 342 19.96 -44.89 -8.26
N THR D 343 18.94 -45.46 -7.58
CA THR D 343 18.66 -46.88 -7.61
C THR D 343 18.23 -47.33 -9.01
N TYR D 344 17.47 -46.49 -9.72
CA TYR D 344 16.87 -46.85 -11.00
C TYR D 344 17.49 -46.20 -12.20
N PHE D 345 18.22 -45.09 -12.00
CA PHE D 345 18.86 -44.38 -13.09
C PHE D 345 20.32 -44.14 -12.74
N ASN D 346 21.19 -44.08 -13.76
CA ASN D 346 22.63 -43.85 -13.58
C ASN D 346 22.92 -42.43 -13.12
N VAL D 347 23.52 -42.27 -11.94
CA VAL D 347 23.84 -40.96 -11.39
C VAL D 347 25.37 -40.90 -11.21
N ASN D 348 26.02 -39.86 -11.75
CA ASN D 348 27.47 -39.73 -11.68
C ASN D 348 27.92 -38.95 -10.42
N GLU D 349 29.23 -38.75 -10.24
CA GLU D 349 29.80 -38.06 -9.08
C GLU D 349 29.31 -36.63 -8.87
N GLN D 350 28.88 -35.96 -9.94
CA GLN D 350 28.39 -34.59 -9.84
C GLN D 350 26.88 -34.49 -9.51
N GLY D 351 26.18 -35.63 -9.47
CA GLY D 351 24.75 -35.68 -9.22
C GLY D 351 23.90 -35.57 -10.48
N ALA D 352 24.53 -35.77 -11.66
CA ALA D 352 23.84 -35.74 -12.92
C ALA D 352 23.24 -37.12 -13.15
N VAL D 353 21.95 -37.16 -13.45
CA VAL D 353 21.22 -38.36 -13.78
C VAL D 353 21.37 -38.47 -15.29
N VAL D 354 22.08 -39.48 -15.78
CA VAL D 354 22.34 -39.63 -17.21
C VAL D 354 21.28 -40.50 -17.86
N ILE D 355 20.44 -39.89 -18.74
CA ILE D 355 19.36 -40.56 -19.45
C ILE D 355 19.84 -40.89 -20.86
N GLN D 356 19.89 -42.18 -21.19
CA GLN D 356 20.51 -42.60 -22.46
C GLN D 356 19.61 -42.84 -23.63
N ASN D 357 18.28 -42.95 -23.44
CA ASN D 357 17.41 -43.22 -24.58
C ASN D 357 15.96 -42.80 -24.31
N PRO D 358 15.10 -42.78 -25.36
CA PRO D 358 13.72 -42.33 -25.16
C PRO D 358 12.91 -43.11 -24.14
N GLN D 359 13.12 -44.42 -24.06
CA GLN D 359 12.40 -45.27 -23.10
C GLN D 359 12.78 -44.90 -21.69
N GLU D 360 14.06 -44.75 -21.45
CA GLU D 360 14.55 -44.37 -20.13
C GLU D 360 14.09 -42.94 -19.75
N PHE D 361 13.97 -42.05 -20.75
CA PHE D 361 13.48 -40.69 -20.56
C PHE D 361 11.99 -40.74 -20.16
N SER D 362 11.21 -41.59 -20.83
CA SER D 362 9.80 -41.78 -20.54
C SER D 362 9.62 -42.30 -19.09
N ASN D 363 10.45 -43.27 -18.67
CA ASN D 363 10.39 -43.78 -17.30
C ASN D 363 10.73 -42.68 -16.28
N PHE D 364 11.82 -41.92 -16.53
CA PHE D 364 12.23 -40.84 -15.63
C PHE D 364 11.12 -39.79 -15.51
N GLN D 365 10.50 -39.40 -16.64
CA GLN D 365 9.44 -38.40 -16.59
C GLN D 365 8.25 -38.89 -15.77
N GLN D 366 7.89 -40.19 -15.88
CA GLN D 366 6.76 -40.73 -15.11
C GLN D 366 7.07 -40.76 -13.61
N VAL D 367 8.31 -41.08 -13.26
CA VAL D 367 8.74 -41.07 -11.88
C VAL D 367 8.66 -39.64 -11.29
N ALA D 368 9.13 -38.65 -12.06
CA ALA D 368 9.14 -37.24 -11.62
C ALA D 368 7.72 -36.69 -11.56
N ILE D 369 6.85 -37.06 -12.53
CA ILE D 369 5.46 -36.63 -12.52
C ILE D 369 4.75 -37.18 -11.26
N ASN D 370 4.98 -38.45 -10.94
CA ASN D 370 4.41 -39.08 -9.74
C ASN D 370 4.89 -38.42 -8.46
N ALA D 371 6.13 -37.85 -8.47
CA ALA D 371 6.71 -37.12 -7.34
C ALA D 371 6.33 -35.63 -7.34
N SER D 372 5.35 -35.23 -8.17
CA SER D 372 4.77 -33.90 -8.25
C SER D 372 5.55 -32.89 -9.13
N TYR D 373 6.34 -33.35 -10.10
CA TYR D 373 7.09 -32.45 -11.01
C TYR D 373 6.46 -32.57 -12.40
N ARG D 374 6.04 -31.45 -12.96
CA ARG D 374 5.27 -31.38 -14.20
C ARG D 374 6.09 -31.45 -15.49
N ALA D 375 5.63 -32.30 -16.40
CA ALA D 375 6.25 -32.44 -17.72
C ALA D 375 5.61 -31.49 -18.72
N SER D 376 6.35 -31.16 -19.79
CA SER D 376 5.90 -30.40 -20.93
C SER D 376 6.24 -31.33 -22.08
N LEU D 377 5.24 -31.85 -22.78
CA LEU D 377 5.47 -32.86 -23.82
C LEU D 377 5.57 -32.31 -25.21
N ASN D 378 6.40 -32.94 -26.02
CA ASN D 378 6.53 -32.55 -27.42
C ASN D 378 6.14 -33.77 -28.24
N ASP D 379 5.19 -33.61 -29.18
CA ASP D 379 4.81 -34.74 -30.04
C ASP D 379 5.98 -35.21 -30.92
N LYS D 380 6.90 -34.28 -31.28
CA LYS D 380 8.11 -34.62 -32.03
C LYS D 380 8.97 -35.66 -31.28
N TRP D 381 8.82 -35.79 -29.94
CA TRP D 381 9.55 -36.78 -29.14
C TRP D 381 9.08 -38.23 -29.43
N ASN D 382 7.94 -38.41 -30.11
CA ASN D 382 7.46 -39.75 -30.43
C ASN D 382 7.99 -40.28 -31.76
N SER D 383 8.81 -39.51 -32.50
CA SER D 383 9.35 -39.96 -33.77
C SER D 383 10.25 -41.16 -33.57
N GLY D 384 10.04 -42.21 -34.36
CA GLY D 384 10.86 -43.41 -34.35
C GLY D 384 10.59 -44.40 -33.24
N LEU D 385 9.61 -44.11 -32.38
CA LEU D 385 9.29 -45.01 -31.27
C LEU D 385 8.27 -46.05 -31.66
N ASP D 386 8.38 -47.24 -31.04
CA ASP D 386 7.43 -48.32 -31.28
C ASP D 386 6.03 -47.92 -30.79
N SER D 387 5.96 -47.16 -29.70
CA SER D 387 4.72 -46.68 -29.13
C SER D 387 4.89 -45.22 -28.69
N PRO D 388 3.88 -44.36 -28.90
CA PRO D 388 4.05 -42.95 -28.50
C PRO D 388 4.00 -42.72 -26.99
N LEU D 389 5.18 -42.80 -26.35
CA LEU D 389 5.31 -42.65 -24.90
C LEU D 389 5.05 -41.24 -24.39
N PHE D 390 5.30 -40.24 -25.22
CA PHE D 390 5.19 -38.83 -24.82
C PHE D 390 3.89 -38.21 -25.25
N THR D 391 2.81 -38.65 -24.61
CA THR D 391 1.47 -38.11 -24.84
C THR D 391 0.87 -37.80 -23.49
N THR D 392 -0.03 -36.83 -23.47
CA THR D 392 -0.77 -36.40 -22.28
C THR D 392 -1.38 -37.58 -21.48
N LYS D 393 -2.05 -38.50 -22.18
CA LYS D 393 -2.71 -39.64 -21.56
C LYS D 393 -1.72 -40.65 -20.96
N ARG D 394 -0.67 -40.95 -21.70
CA ARG D 394 0.36 -41.87 -21.26
C ARG D 394 1.17 -41.34 -20.05
N LYS D 395 1.24 -40.02 -19.88
CA LYS D 395 2.02 -39.42 -18.82
C LYS D 395 1.23 -38.90 -17.63
N LEU D 396 -0.06 -39.26 -17.53
CA LEU D 396 -0.89 -38.84 -16.41
C LEU D 396 -0.32 -39.31 -15.08
N SER D 397 -0.39 -38.44 -14.06
CA SER D 397 0.09 -38.77 -12.73
C SER D 397 -0.63 -40.03 -12.19
N HIS D 398 0.12 -40.88 -11.48
CA HIS D 398 -0.46 -42.07 -10.90
C HIS D 398 -1.38 -41.73 -9.72
N ASP D 399 -1.18 -40.58 -9.05
CA ASP D 399 -2.10 -40.14 -8.00
C ASP D 399 -3.43 -39.74 -8.60
N TYR D 400 -3.42 -39.14 -9.81
CA TYR D 400 -4.64 -38.76 -10.49
C TYR D 400 -5.41 -40.03 -10.91
N LEU D 401 -4.71 -40.98 -11.53
CA LEU D 401 -5.33 -42.22 -11.99
C LEU D 401 -5.88 -43.05 -10.82
N ASP D 402 -5.15 -43.16 -9.69
CA ASP D 402 -5.56 -43.90 -8.50
C ASP D 402 -6.77 -43.23 -7.83
N ALA D 403 -6.74 -41.88 -7.65
CA ALA D 403 -7.88 -41.20 -7.06
C ALA D 403 -9.13 -41.36 -7.96
N ARG D 404 -8.95 -41.36 -9.28
CA ARG D 404 -10.07 -41.54 -10.19
C ARG D 404 -10.61 -42.96 -10.05
N ASP D 405 -9.73 -43.98 -9.90
CA ASP D 405 -10.18 -45.36 -9.70
C ASP D 405 -10.99 -45.48 -8.43
N GLU D 406 -10.51 -44.86 -7.34
CA GLU D 406 -11.19 -44.88 -6.05
C GLU D 406 -12.54 -44.19 -6.08
N VAL D 407 -12.61 -43.00 -6.65
CA VAL D 407 -13.88 -42.28 -6.76
C VAL D 407 -14.90 -43.06 -7.63
N ALA D 408 -14.46 -43.66 -8.75
CA ALA D 408 -15.35 -44.44 -9.61
C ALA D 408 -15.96 -45.61 -8.84
N LYS D 409 -15.14 -46.30 -8.05
CA LYS D 409 -15.55 -47.45 -7.24
C LYS D 409 -16.51 -47.01 -6.12
N LYS D 410 -16.18 -45.92 -5.41
CA LYS D 410 -17.01 -45.43 -4.30
C LYS D 410 -18.35 -44.80 -4.71
N LEU D 411 -18.42 -44.14 -5.87
CA LEU D 411 -19.64 -43.48 -6.33
C LEU D 411 -20.53 -44.32 -7.26
N GLY D 412 -20.16 -45.58 -7.50
CA GLY D 412 -20.95 -46.43 -8.39
C GLY D 412 -20.35 -47.79 -8.65
#